data_2J1E
# 
_entry.id   2J1E 
# 
_audit_conform.dict_name       mmcif_pdbx.dic 
_audit_conform.dict_version    5.391 
_audit_conform.dict_location   http://mmcif.pdb.org/dictionaries/ascii/mmcif_pdbx.dic 
# 
loop_
_database_2.database_id 
_database_2.database_code 
_database_2.pdbx_database_accession 
_database_2.pdbx_DOI 
PDB   2J1E         pdb_00002j1e 10.2210/pdb2j1e/pdb 
PDBE  EBI-29654    ?            ?                   
WWPDB D_1290029654 ?            ?                   
# 
loop_
_pdbx_audit_revision_history.ordinal 
_pdbx_audit_revision_history.data_content_type 
_pdbx_audit_revision_history.major_revision 
_pdbx_audit_revision_history.minor_revision 
_pdbx_audit_revision_history.revision_date 
1 'Structure model' 1 0 2006-09-20 
2 'Structure model' 1 1 2011-05-08 
3 'Structure model' 1 2 2011-07-13 
4 'Structure model' 2 0 2020-07-29 
5 'Structure model' 2 1 2024-05-08 
# 
loop_
_pdbx_audit_revision_details.ordinal 
_pdbx_audit_revision_details.revision_ordinal 
_pdbx_audit_revision_details.data_content_type 
_pdbx_audit_revision_details.provider 
_pdbx_audit_revision_details.type 
_pdbx_audit_revision_details.description 
_pdbx_audit_revision_details.details 
1 1 'Structure model' repository 'Initial release' ?                          ? 
2 4 'Structure model' repository Remediation       'Carbohydrate remediation' ? 
# 
loop_
_pdbx_audit_revision_group.ordinal 
_pdbx_audit_revision_group.revision_ordinal 
_pdbx_audit_revision_group.data_content_type 
_pdbx_audit_revision_group.group 
1  2 'Structure model' 'Version format compliance' 
2  3 'Structure model' 'Version format compliance' 
3  4 'Structure model' 'Atomic model'              
4  4 'Structure model' 'Data collection'           
5  4 'Structure model' 'Derived calculations'      
6  4 'Structure model' Other                       
7  4 'Structure model' 'Structure summary'         
8  5 'Structure model' 'Data collection'           
9  5 'Structure model' 'Database references'       
10 5 'Structure model' 'Structure summary'         
# 
loop_
_pdbx_audit_revision_category.ordinal 
_pdbx_audit_revision_category.revision_ordinal 
_pdbx_audit_revision_category.data_content_type 
_pdbx_audit_revision_category.category 
1  4 'Structure model' atom_site                     
2  4 'Structure model' chem_comp                     
3  4 'Structure model' entity                        
4  4 'Structure model' entity_name_com               
5  4 'Structure model' pdbx_branch_scheme            
6  4 'Structure model' pdbx_chem_comp_identifier     
7  4 'Structure model' pdbx_database_status          
8  4 'Structure model' pdbx_entity_branch            
9  4 'Structure model' pdbx_entity_branch_descriptor 
10 4 'Structure model' pdbx_entity_branch_link       
11 4 'Structure model' pdbx_entity_branch_list       
12 4 'Structure model' pdbx_entity_nonpoly           
13 4 'Structure model' pdbx_molecule_features        
14 4 'Structure model' pdbx_nonpoly_scheme           
15 4 'Structure model' pdbx_struct_assembly_gen      
16 4 'Structure model' pdbx_struct_conn_angle        
17 4 'Structure model' pdbx_struct_special_symmetry  
18 4 'Structure model' struct_asym                   
19 4 'Structure model' struct_conn                   
20 4 'Structure model' struct_site                   
21 4 'Structure model' struct_site_gen               
22 5 'Structure model' chem_comp                     
23 5 'Structure model' chem_comp_atom                
24 5 'Structure model' chem_comp_bond                
25 5 'Structure model' database_2                    
# 
loop_
_pdbx_audit_revision_item.ordinal 
_pdbx_audit_revision_item.revision_ordinal 
_pdbx_audit_revision_item.data_content_type 
_pdbx_audit_revision_item.item 
1  4 'Structure model' '_atom_site.auth_asym_id'                     
2  4 'Structure model' '_atom_site.auth_atom_id'                     
3  4 'Structure model' '_atom_site.auth_seq_id'                      
4  4 'Structure model' '_atom_site.label_asym_id'                    
5  4 'Structure model' '_atom_site.label_atom_id'                    
6  4 'Structure model' '_atom_site.label_entity_id'                  
7  4 'Structure model' '_chem_comp.name'                             
8  4 'Structure model' '_chem_comp.type'                             
9  4 'Structure model' '_pdbx_database_status.status_code_sf'        
10 4 'Structure model' '_pdbx_struct_assembly_gen.asym_id_list'      
11 4 'Structure model' '_pdbx_struct_conn_angle.ptnr1_auth_comp_id'  
12 4 'Structure model' '_pdbx_struct_conn_angle.ptnr1_auth_seq_id'   
13 4 'Structure model' '_pdbx_struct_conn_angle.ptnr1_label_atom_id' 
14 4 'Structure model' '_pdbx_struct_conn_angle.ptnr1_label_comp_id' 
15 4 'Structure model' '_pdbx_struct_conn_angle.ptnr1_label_seq_id'  
16 4 'Structure model' '_pdbx_struct_conn_angle.ptnr2_label_asym_id' 
17 4 'Structure model' '_pdbx_struct_conn_angle.ptnr3_auth_comp_id'  
18 4 'Structure model' '_pdbx_struct_conn_angle.ptnr3_auth_seq_id'   
19 4 'Structure model' '_pdbx_struct_conn_angle.ptnr3_label_atom_id' 
20 4 'Structure model' '_pdbx_struct_conn_angle.ptnr3_label_comp_id' 
21 4 'Structure model' '_pdbx_struct_conn_angle.ptnr3_label_seq_id'  
22 4 'Structure model' '_pdbx_struct_conn_angle.value'               
23 4 'Structure model' '_struct_conn.pdbx_dist_value'                
24 4 'Structure model' '_struct_conn.pdbx_leaving_atom_flag'         
25 4 'Structure model' '_struct_conn.ptnr1_auth_asym_id'             
26 4 'Structure model' '_struct_conn.ptnr1_auth_comp_id'             
27 4 'Structure model' '_struct_conn.ptnr1_auth_seq_id'              
28 4 'Structure model' '_struct_conn.ptnr1_label_asym_id'            
29 4 'Structure model' '_struct_conn.ptnr1_label_atom_id'            
30 4 'Structure model' '_struct_conn.ptnr1_label_comp_id'            
31 4 'Structure model' '_struct_conn.ptnr1_label_seq_id'             
32 4 'Structure model' '_struct_conn.ptnr2_auth_asym_id'             
33 4 'Structure model' '_struct_conn.ptnr2_auth_comp_id'             
34 4 'Structure model' '_struct_conn.ptnr2_auth_seq_id'              
35 4 'Structure model' '_struct_conn.ptnr2_label_asym_id'            
36 4 'Structure model' '_struct_conn.ptnr2_label_atom_id'            
37 4 'Structure model' '_struct_conn.ptnr2_label_comp_id'            
38 4 'Structure model' '_struct_conn.ptnr2_label_seq_id'             
39 5 'Structure model' '_chem_comp.pdbx_synonyms'                    
40 5 'Structure model' '_database_2.pdbx_DOI'                        
41 5 'Structure model' '_database_2.pdbx_database_accession'         
# 
_pdbx_database_status.status_code                     REL 
_pdbx_database_status.entry_id                        2J1E 
_pdbx_database_status.deposit_site                    PDBE 
_pdbx_database_status.process_site                    PDBE 
_pdbx_database_status.SG_entry                        . 
_pdbx_database_status.recvd_initial_deposition_date   2006-08-10 
_pdbx_database_status.pdb_format_compatible           Y 
_pdbx_database_status.status_code_sf                  REL 
_pdbx_database_status.status_code_mr                  ? 
_pdbx_database_status.status_code_cs                  ? 
_pdbx_database_status.methods_development_category    ? 
_pdbx_database_status.status_code_nmr_data            ? 
# 
loop_
_pdbx_database_related.db_name 
_pdbx_database_related.db_id 
_pdbx_database_related.content_type 
_pdbx_database_related.details 
PDB 2CBI unspecified 
'STRUCTURE OF THE CLOSTRIDIUM PERFRINGENS NAGJ FAMILY 84 GLYCOSIDE HYDROLASE, A HOMOLOGUE OF HUMAN O-GLCNACASE' 
PDB 2CBJ unspecified 
;STRUCTURE OF THE CLOSTRIDIUM PERFRINGENS NAGJ FAMILY 84 GLYCOSIDE HYDROLASE, A HOMOLOGUE OF HUMAN O-GLCNACASE IN COMPLEX WITH PUGNAC
;
PDB 2J1A unspecified 'STRUCTURE OF CBM32 FROM CLOSTRIDIUM PERFRINGENS BETA-N-ACETYLHEXOSAMINIDASE GH84C IN COMPLEX WITH GALACTOSE' 
PDB 2J1F unspecified 
'HIGH RESOLUTION CRYSTAL STRUCTURE OF CBM32 FROM A N-ACETYL-BETA-HEXOSAMINIDASE IN COMPLEX WITH THE H-TRISACCHARIDE' 
# 
loop_
_audit_author.name 
_audit_author.pdbx_ordinal 
'Ficko-Blean, E.' 1 
'Boraston, A.B.'  2 
# 
_citation.id                        primary 
_citation.title                     
;The Interaction of a Carbohydrate-Binding Module from a Clostridium Perfringens N-Acetyl-Beta-Hexosaminidase with its Carbohydrate Receptor
;
_citation.journal_abbrev            J.Biol.Chem. 
_citation.journal_volume            281 
_citation.page_first                37748 
_citation.page_last                 ? 
_citation.year                      2006 
_citation.journal_id_ASTM           JBCHA3 
_citation.country                   US 
_citation.journal_id_ISSN           0021-9258 
_citation.journal_id_CSD            0071 
_citation.book_publisher            ? 
_citation.pdbx_database_id_PubMed   16990278 
_citation.pdbx_database_id_DOI      10.1074/JBC.M606126200 
# 
loop_
_citation_author.citation_id 
_citation_author.name 
_citation_author.ordinal 
_citation_author.identifier_ORCID 
primary 'Ficko-Blean, E.' 1 ? 
primary 'Boraston, A.B.'  2 ? 
# 
loop_
_entity.id 
_entity.type 
_entity.src_method 
_entity.pdbx_description 
_entity.formula_weight 
_entity.pdbx_number_of_molecules 
_entity.pdbx_ec 
_entity.pdbx_mutation 
_entity.pdbx_fragment 
_entity.details 
1 polymer     man HYALURONIDASE                                                            16414.889 1   ? ? 
'CARBOHYDRATE BINDING MODULE, RESIDUES 625-767' ? 
2 branched    man 'beta-D-galactopyranose-(1-4)-2-acetamido-2-deoxy-alpha-D-glucopyranose' 383.349   1   ? ? ? ? 
3 non-polymer syn 'CALCIUM ION'                                                            40.078    1   ? ? ? ? 
4 water       nat water                                                                    18.015    176 ? ? ? ? 
# 
loop_
_entity_name_com.entity_id 
_entity_name_com.name 
1 CBM32                      
2 N-acetyl-alpha-lactosamine 
# 
_entity_poly.entity_id                      1 
_entity_poly.type                           'polypeptide(L)' 
_entity_poly.nstd_linkage                   no 
_entity_poly.nstd_monomer                   no 
_entity_poly.pdbx_seq_one_letter_code       
;KGIDPFTNPRTVKITASSEETSGENAPASFASDGDMNTFWHSKWSSPAHEGPHHLTLELDNVYEINKVKYAPRQDSKNGR
ITGYKVSVSLDGENFTEVKTGTLEDNAAIKFIEFDSVDAKYVRLDVTDSVSDQANGRGKFATAAEVNVHG
;
_entity_poly.pdbx_seq_one_letter_code_can   
;KGIDPFTNPRTVKITASSEETSGENAPASFASDGDMNTFWHSKWSSPAHEGPHHLTLELDNVYEINKVKYAPRQDSKNGR
ITGYKVSVSLDGENFTEVKTGTLEDNAAIKFIEFDSVDAKYVRLDVTDSVSDQANGRGKFATAAEVNVHG
;
_entity_poly.pdbx_strand_id                 A 
_entity_poly.pdbx_target_identifier         ? 
# 
loop_
_pdbx_entity_nonpoly.entity_id 
_pdbx_entity_nonpoly.name 
_pdbx_entity_nonpoly.comp_id 
3 'CALCIUM ION' CA  
4 water         HOH 
# 
loop_
_entity_poly_seq.entity_id 
_entity_poly_seq.num 
_entity_poly_seq.mon_id 
_entity_poly_seq.hetero 
1 1   LYS n 
1 2   GLY n 
1 3   ILE n 
1 4   ASP n 
1 5   PRO n 
1 6   PHE n 
1 7   THR n 
1 8   ASN n 
1 9   PRO n 
1 10  ARG n 
1 11  THR n 
1 12  VAL n 
1 13  LYS n 
1 14  ILE n 
1 15  THR n 
1 16  ALA n 
1 17  SER n 
1 18  SER n 
1 19  GLU n 
1 20  GLU n 
1 21  THR n 
1 22  SER n 
1 23  GLY n 
1 24  GLU n 
1 25  ASN n 
1 26  ALA n 
1 27  PRO n 
1 28  ALA n 
1 29  SER n 
1 30  PHE n 
1 31  ALA n 
1 32  SER n 
1 33  ASP n 
1 34  GLY n 
1 35  ASP n 
1 36  MET n 
1 37  ASN n 
1 38  THR n 
1 39  PHE n 
1 40  TRP n 
1 41  HIS n 
1 42  SER n 
1 43  LYS n 
1 44  TRP n 
1 45  SER n 
1 46  SER n 
1 47  PRO n 
1 48  ALA n 
1 49  HIS n 
1 50  GLU n 
1 51  GLY n 
1 52  PRO n 
1 53  HIS n 
1 54  HIS n 
1 55  LEU n 
1 56  THR n 
1 57  LEU n 
1 58  GLU n 
1 59  LEU n 
1 60  ASP n 
1 61  ASN n 
1 62  VAL n 
1 63  TYR n 
1 64  GLU n 
1 65  ILE n 
1 66  ASN n 
1 67  LYS n 
1 68  VAL n 
1 69  LYS n 
1 70  TYR n 
1 71  ALA n 
1 72  PRO n 
1 73  ARG n 
1 74  GLN n 
1 75  ASP n 
1 76  SER n 
1 77  LYS n 
1 78  ASN n 
1 79  GLY n 
1 80  ARG n 
1 81  ILE n 
1 82  THR n 
1 83  GLY n 
1 84  TYR n 
1 85  LYS n 
1 86  VAL n 
1 87  SER n 
1 88  VAL n 
1 89  SER n 
1 90  LEU n 
1 91  ASP n 
1 92  GLY n 
1 93  GLU n 
1 94  ASN n 
1 95  PHE n 
1 96  THR n 
1 97  GLU n 
1 98  VAL n 
1 99  LYS n 
1 100 THR n 
1 101 GLY n 
1 102 THR n 
1 103 LEU n 
1 104 GLU n 
1 105 ASP n 
1 106 ASN n 
1 107 ALA n 
1 108 ALA n 
1 109 ILE n 
1 110 LYS n 
1 111 PHE n 
1 112 ILE n 
1 113 GLU n 
1 114 PHE n 
1 115 ASP n 
1 116 SER n 
1 117 VAL n 
1 118 ASP n 
1 119 ALA n 
1 120 LYS n 
1 121 TYR n 
1 122 VAL n 
1 123 ARG n 
1 124 LEU n 
1 125 ASP n 
1 126 VAL n 
1 127 THR n 
1 128 ASP n 
1 129 SER n 
1 130 VAL n 
1 131 SER n 
1 132 ASP n 
1 133 GLN n 
1 134 ALA n 
1 135 ASN n 
1 136 GLY n 
1 137 ARG n 
1 138 GLY n 
1 139 LYS n 
1 140 PHE n 
1 141 ALA n 
1 142 THR n 
1 143 ALA n 
1 144 ALA n 
1 145 GLU n 
1 146 VAL n 
1 147 ASN n 
1 148 VAL n 
1 149 HIS n 
1 150 GLY n 
# 
_entity_src_gen.entity_id                          1 
_entity_src_gen.pdbx_src_id                        1 
_entity_src_gen.pdbx_alt_source_flag               sample 
_entity_src_gen.pdbx_seq_type                      ? 
_entity_src_gen.pdbx_beg_seq_num                   ? 
_entity_src_gen.pdbx_end_seq_num                   ? 
_entity_src_gen.gene_src_common_name               ? 
_entity_src_gen.gene_src_genus                     ? 
_entity_src_gen.pdbx_gene_src_gene                 ? 
_entity_src_gen.gene_src_species                   ? 
_entity_src_gen.gene_src_strain                    ? 
_entity_src_gen.gene_src_tissue                    ? 
_entity_src_gen.gene_src_tissue_fraction           ? 
_entity_src_gen.gene_src_details                   ? 
_entity_src_gen.pdbx_gene_src_fragment             ? 
_entity_src_gen.pdbx_gene_src_scientific_name      'CLOSTRIDIUM PERFRINGENS' 
_entity_src_gen.pdbx_gene_src_ncbi_taxonomy_id     195103 
_entity_src_gen.pdbx_gene_src_variant              ? 
_entity_src_gen.pdbx_gene_src_cell_line            ? 
_entity_src_gen.pdbx_gene_src_atcc                 13124 
_entity_src_gen.pdbx_gene_src_organ                ? 
_entity_src_gen.pdbx_gene_src_organelle            ? 
_entity_src_gen.pdbx_gene_src_cell                 ? 
_entity_src_gen.pdbx_gene_src_cellular_location    ? 
_entity_src_gen.host_org_common_name               ? 
_entity_src_gen.pdbx_host_org_scientific_name      'ESCHERICHIA COLI' 
_entity_src_gen.pdbx_host_org_ncbi_taxonomy_id     562 
_entity_src_gen.host_org_genus                     ? 
_entity_src_gen.pdbx_host_org_gene                 ? 
_entity_src_gen.pdbx_host_org_organ                ? 
_entity_src_gen.host_org_species                   ? 
_entity_src_gen.pdbx_host_org_tissue               ? 
_entity_src_gen.pdbx_host_org_tissue_fraction      ? 
_entity_src_gen.pdbx_host_org_strain               ? 
_entity_src_gen.pdbx_host_org_variant              ? 
_entity_src_gen.pdbx_host_org_cell_line            ? 
_entity_src_gen.pdbx_host_org_atcc                 ? 
_entity_src_gen.pdbx_host_org_culture_collection   ? 
_entity_src_gen.pdbx_host_org_cell                 ? 
_entity_src_gen.pdbx_host_org_organelle            ? 
_entity_src_gen.pdbx_host_org_cellular_location    ? 
_entity_src_gen.pdbx_host_org_vector_type          ? 
_entity_src_gen.pdbx_host_org_vector               ? 
_entity_src_gen.host_org_details                   ? 
_entity_src_gen.expression_system_id               ? 
_entity_src_gen.plasmid_name                       ? 
_entity_src_gen.plasmid_details                    ? 
_entity_src_gen.pdbx_description                   ? 
# 
_pdbx_entity_branch.entity_id   2 
_pdbx_entity_branch.type        oligosaccharide 
# 
loop_
_pdbx_entity_branch_descriptor.ordinal 
_pdbx_entity_branch_descriptor.entity_id 
_pdbx_entity_branch_descriptor.descriptor 
_pdbx_entity_branch_descriptor.type 
_pdbx_entity_branch_descriptor.program 
_pdbx_entity_branch_descriptor.program_version 
1 2 DGalpb1-4DGlcpNAca1-ROH                                              'Glycam Condensed Sequence' GMML       1.0   
2 2 'WURCS=2.0/2,2,1/[a2122h-1a_1-5_2*NCC/3=O][a2112h-1b_1-5]/1-2/a4-b1' WURCS                       PDB2Glycan 1.1.0 
3 2 '[][a-D-GlcpNAc]{[(4+1)][b-D-Galp]{}}'                               LINUCS                      PDB-CARE   ?     
# 
_pdbx_entity_branch_link.link_id                    1 
_pdbx_entity_branch_link.entity_id                  2 
_pdbx_entity_branch_link.entity_branch_list_num_1   2 
_pdbx_entity_branch_link.comp_id_1                  GAL 
_pdbx_entity_branch_link.atom_id_1                  C1 
_pdbx_entity_branch_link.leaving_atom_id_1          O1 
_pdbx_entity_branch_link.entity_branch_list_num_2   1 
_pdbx_entity_branch_link.comp_id_2                  NDG 
_pdbx_entity_branch_link.atom_id_2                  O4 
_pdbx_entity_branch_link.leaving_atom_id_2          HO4 
_pdbx_entity_branch_link.value_order                sing 
_pdbx_entity_branch_link.details                    ? 
# 
loop_
_chem_comp.id 
_chem_comp.type 
_chem_comp.mon_nstd_flag 
_chem_comp.name 
_chem_comp.pdbx_synonyms 
_chem_comp.formula 
_chem_comp.formula_weight 
ALA 'L-peptide linking'           y ALANINE                                   ? 'C3 H7 N O2'     89.093  
ARG 'L-peptide linking'           y ARGININE                                  ? 'C6 H15 N4 O2 1' 175.209 
ASN 'L-peptide linking'           y ASPARAGINE                                ? 'C4 H8 N2 O3'    132.118 
ASP 'L-peptide linking'           y 'ASPARTIC ACID'                           ? 'C4 H7 N O4'     133.103 
CA  non-polymer                   . 'CALCIUM ION'                             ? 'Ca 2'           40.078  
GAL 'D-saccharide, beta linking'  . beta-D-galactopyranose                    'beta-D-galactose; D-galactose; galactose' 
'C6 H12 O6'      180.156 
GLN 'L-peptide linking'           y GLUTAMINE                                 ? 'C5 H10 N2 O3'   146.144 
GLU 'L-peptide linking'           y 'GLUTAMIC ACID'                           ? 'C5 H9 N O4'     147.129 
GLY 'peptide linking'             y GLYCINE                                   ? 'C2 H5 N O2'     75.067  
HIS 'L-peptide linking'           y HISTIDINE                                 ? 'C6 H10 N3 O2 1' 156.162 
HOH non-polymer                   . WATER                                     ? 'H2 O'           18.015  
ILE 'L-peptide linking'           y ISOLEUCINE                                ? 'C6 H13 N O2'    131.173 
LEU 'L-peptide linking'           y LEUCINE                                   ? 'C6 H13 N O2'    131.173 
LYS 'L-peptide linking'           y LYSINE                                    ? 'C6 H15 N2 O2 1' 147.195 
MET 'L-peptide linking'           y METHIONINE                                ? 'C5 H11 N O2 S'  149.211 
NDG 'D-saccharide, alpha linking' . 2-acetamido-2-deoxy-alpha-D-glucopyranose 
;N-acetyl-alpha-D-glucosamine; 2-acetamido-2-deoxy-alpha-D-glucose; 2-acetamido-2-deoxy-D-glucose; 2-acetamido-2-deoxy-glucose; 2-(ACETYLAMINO)-2-DEOXY-A-D-GLUCOPYRANOSE
;
'C8 H15 N O6'    221.208 
PHE 'L-peptide linking'           y PHENYLALANINE                             ? 'C9 H11 N O2'    165.189 
PRO 'L-peptide linking'           y PROLINE                                   ? 'C5 H9 N O2'     115.130 
SER 'L-peptide linking'           y SERINE                                    ? 'C3 H7 N O3'     105.093 
THR 'L-peptide linking'           y THREONINE                                 ? 'C4 H9 N O3'     119.119 
TRP 'L-peptide linking'           y TRYPTOPHAN                                ? 'C11 H12 N2 O2'  204.225 
TYR 'L-peptide linking'           y TYROSINE                                  ? 'C9 H11 N O3'    181.189 
VAL 'L-peptide linking'           y VALINE                                    ? 'C5 H11 N O2'    117.146 
# 
loop_
_pdbx_chem_comp_identifier.comp_id 
_pdbx_chem_comp_identifier.type 
_pdbx_chem_comp_identifier.program 
_pdbx_chem_comp_identifier.program_version 
_pdbx_chem_comp_identifier.identifier 
GAL 'CONDENSED IUPAC CARBOHYDRATE SYMBOL' GMML     1.0 DGalpb                         
GAL 'COMMON NAME'                         GMML     1.0 b-D-galactopyranose            
GAL 'IUPAC CARBOHYDRATE SYMBOL'           PDB-CARE 1.0 b-D-Galp                       
GAL 'SNFG CARBOHYDRATE SYMBOL'            GMML     1.0 Gal                            
NDG 'CONDENSED IUPAC CARBOHYDRATE SYMBOL' GMML     1.0 DGlcpNAca                      
NDG 'COMMON NAME'                         GMML     1.0 N-acetyl-a-D-glucopyranosamine 
NDG 'IUPAC CARBOHYDRATE SYMBOL'           PDB-CARE 1.0 a-D-GlcpNAc                    
NDG 'SNFG CARBOHYDRATE SYMBOL'            GMML     1.0 GlcNAc                         
# 
loop_
_pdbx_poly_seq_scheme.asym_id 
_pdbx_poly_seq_scheme.entity_id 
_pdbx_poly_seq_scheme.seq_id 
_pdbx_poly_seq_scheme.mon_id 
_pdbx_poly_seq_scheme.ndb_seq_num 
_pdbx_poly_seq_scheme.pdb_seq_num 
_pdbx_poly_seq_scheme.auth_seq_num 
_pdbx_poly_seq_scheme.pdb_mon_id 
_pdbx_poly_seq_scheme.auth_mon_id 
_pdbx_poly_seq_scheme.pdb_strand_id 
_pdbx_poly_seq_scheme.pdb_ins_code 
_pdbx_poly_seq_scheme.hetero 
A 1 1   LYS 1   618 ?   ?   ?   A . n 
A 1 2   GLY 2   619 ?   ?   ?   A . n 
A 1 3   ILE 3   620 ?   ?   ?   A . n 
A 1 4   ASP 4   621 ?   ?   ?   A . n 
A 1 5   PRO 5   622 ?   ?   ?   A . n 
A 1 6   PHE 6   623 ?   ?   ?   A . n 
A 1 7   THR 7   624 ?   ?   ?   A . n 
A 1 8   ASN 8   625 ?   ?   ?   A . n 
A 1 9   PRO 9   626 626 PRO PRO A . n 
A 1 10  ARG 10  627 627 ARG ARG A . n 
A 1 11  THR 11  628 628 THR THR A . n 
A 1 12  VAL 12  629 629 VAL VAL A . n 
A 1 13  LYS 13  630 630 LYS LYS A . n 
A 1 14  ILE 14  631 631 ILE ILE A . n 
A 1 15  THR 15  632 632 THR THR A . n 
A 1 16  ALA 16  633 633 ALA ALA A . n 
A 1 17  SER 17  634 634 SER SER A . n 
A 1 18  SER 18  635 635 SER SER A . n 
A 1 19  GLU 19  636 636 GLU GLU A . n 
A 1 20  GLU 20  637 637 GLU GLU A . n 
A 1 21  THR 21  638 638 THR THR A . n 
A 1 22  SER 22  639 639 SER SER A . n 
A 1 23  GLY 23  640 640 GLY GLY A . n 
A 1 24  GLU 24  641 641 GLU GLU A . n 
A 1 25  ASN 25  642 642 ASN ASN A . n 
A 1 26  ALA 26  643 643 ALA ALA A . n 
A 1 27  PRO 27  644 644 PRO PRO A . n 
A 1 28  ALA 28  645 645 ALA ALA A . n 
A 1 29  SER 29  646 646 SER SER A . n 
A 1 30  PHE 30  647 647 PHE PHE A . n 
A 1 31  ALA 31  648 648 ALA ALA A . n 
A 1 32  SER 32  649 649 SER SER A . n 
A 1 33  ASP 33  650 650 ASP ASP A . n 
A 1 34  GLY 34  651 651 GLY GLY A . n 
A 1 35  ASP 35  652 652 ASP ASP A . n 
A 1 36  MET 36  653 653 MET MET A . n 
A 1 37  ASN 37  654 654 ASN ASN A . n 
A 1 38  THR 38  655 655 THR THR A . n 
A 1 39  PHE 39  656 656 PHE PHE A . n 
A 1 40  TRP 40  657 657 TRP TRP A . n 
A 1 41  HIS 41  658 658 HIS HIS A . n 
A 1 42  SER 42  659 659 SER SER A . n 
A 1 43  LYS 43  660 660 LYS LYS A . n 
A 1 44  TRP 44  661 661 TRP TRP A . n 
A 1 45  SER 45  662 662 SER SER A . n 
A 1 46  SER 46  663 663 SER SER A . n 
A 1 47  PRO 47  664 664 PRO PRO A . n 
A 1 48  ALA 48  665 665 ALA ALA A . n 
A 1 49  HIS 49  666 666 HIS HIS A . n 
A 1 50  GLU 50  667 667 GLU GLU A . n 
A 1 51  GLY 51  668 668 GLY GLY A . n 
A 1 52  PRO 52  669 669 PRO PRO A . n 
A 1 53  HIS 53  670 670 HIS HIS A . n 
A 1 54  HIS 54  671 671 HIS HIS A . n 
A 1 55  LEU 55  672 672 LEU LEU A . n 
A 1 56  THR 56  673 673 THR THR A . n 
A 1 57  LEU 57  674 674 LEU LEU A . n 
A 1 58  GLU 58  675 675 GLU GLU A . n 
A 1 59  LEU 59  676 676 LEU LEU A . n 
A 1 60  ASP 60  677 677 ASP ASP A . n 
A 1 61  ASN 61  678 678 ASN ASN A . n 
A 1 62  VAL 62  679 679 VAL VAL A . n 
A 1 63  TYR 63  680 680 TYR TYR A . n 
A 1 64  GLU 64  681 681 GLU GLU A . n 
A 1 65  ILE 65  682 682 ILE ILE A . n 
A 1 66  ASN 66  683 683 ASN ASN A . n 
A 1 67  LYS 67  684 684 LYS LYS A . n 
A 1 68  VAL 68  685 685 VAL VAL A . n 
A 1 69  LYS 69  686 686 LYS LYS A . n 
A 1 70  TYR 70  687 687 TYR TYR A . n 
A 1 71  ALA 71  688 688 ALA ALA A . n 
A 1 72  PRO 72  689 689 PRO PRO A . n 
A 1 73  ARG 73  690 690 ARG ARG A . n 
A 1 74  GLN 74  691 691 GLN GLN A . n 
A 1 75  ASP 75  692 692 ASP ASP A . n 
A 1 76  SER 76  693 693 SER SER A . n 
A 1 77  LYS 77  694 694 LYS LYS A . n 
A 1 78  ASN 78  695 695 ASN ASN A . n 
A 1 79  GLY 79  696 696 GLY GLY A . n 
A 1 80  ARG 80  697 697 ARG ARG A . n 
A 1 81  ILE 81  698 698 ILE ILE A . n 
A 1 82  THR 82  699 699 THR THR A . n 
A 1 83  GLY 83  700 700 GLY GLY A . n 
A 1 84  TYR 84  701 701 TYR TYR A . n 
A 1 85  LYS 85  702 702 LYS LYS A . n 
A 1 86  VAL 86  703 703 VAL VAL A . n 
A 1 87  SER 87  704 704 SER SER A . n 
A 1 88  VAL 88  705 705 VAL VAL A . n 
A 1 89  SER 89  706 706 SER SER A . n 
A 1 90  LEU 90  707 707 LEU LEU A . n 
A 1 91  ASP 91  708 708 ASP ASP A . n 
A 1 92  GLY 92  709 709 GLY GLY A . n 
A 1 93  GLU 93  710 710 GLU GLU A . n 
A 1 94  ASN 94  711 711 ASN ASN A . n 
A 1 95  PHE 95  712 712 PHE PHE A . n 
A 1 96  THR 96  713 713 THR THR A . n 
A 1 97  GLU 97  714 714 GLU GLU A . n 
A 1 98  VAL 98  715 715 VAL VAL A . n 
A 1 99  LYS 99  716 716 LYS LYS A . n 
A 1 100 THR 100 717 717 THR THR A . n 
A 1 101 GLY 101 718 718 GLY GLY A . n 
A 1 102 THR 102 719 719 THR THR A . n 
A 1 103 LEU 103 720 720 LEU LEU A . n 
A 1 104 GLU 104 721 721 GLU GLU A . n 
A 1 105 ASP 105 722 722 ASP ASP A . n 
A 1 106 ASN 106 723 723 ASN ASN A . n 
A 1 107 ALA 107 724 724 ALA ALA A . n 
A 1 108 ALA 108 725 725 ALA ALA A . n 
A 1 109 ILE 109 726 726 ILE ILE A . n 
A 1 110 LYS 110 727 727 LYS LYS A . n 
A 1 111 PHE 111 728 728 PHE PHE A . n 
A 1 112 ILE 112 729 729 ILE ILE A . n 
A 1 113 GLU 113 730 730 GLU GLU A . n 
A 1 114 PHE 114 731 731 PHE PHE A . n 
A 1 115 ASP 115 732 732 ASP ASP A . n 
A 1 116 SER 116 733 733 SER SER A . n 
A 1 117 VAL 117 734 734 VAL VAL A . n 
A 1 118 ASP 118 735 735 ASP ASP A . n 
A 1 119 ALA 119 736 736 ALA ALA A . n 
A 1 120 LYS 120 737 737 LYS LYS A . n 
A 1 121 TYR 121 738 738 TYR TYR A . n 
A 1 122 VAL 122 739 739 VAL VAL A . n 
A 1 123 ARG 123 740 740 ARG ARG A . n 
A 1 124 LEU 124 741 741 LEU LEU A . n 
A 1 125 ASP 125 742 742 ASP ASP A . n 
A 1 126 VAL 126 743 743 VAL VAL A . n 
A 1 127 THR 127 744 744 THR THR A . n 
A 1 128 ASP 128 745 745 ASP ASP A . n 
A 1 129 SER 129 746 746 SER SER A . n 
A 1 130 VAL 130 747 747 VAL VAL A . n 
A 1 131 SER 131 748 748 SER SER A . n 
A 1 132 ASP 132 749 749 ASP ASP A . n 
A 1 133 GLN 133 750 750 GLN GLN A . n 
A 1 134 ALA 134 751 751 ALA ALA A . n 
A 1 135 ASN 135 752 752 ASN ASN A . n 
A 1 136 GLY 136 753 753 GLY GLY A . n 
A 1 137 ARG 137 754 754 ARG ARG A . n 
A 1 138 GLY 138 755 755 GLY GLY A . n 
A 1 139 LYS 139 756 756 LYS LYS A . n 
A 1 140 PHE 140 757 757 PHE PHE A . n 
A 1 141 ALA 141 758 758 ALA ALA A . n 
A 1 142 THR 142 759 759 THR THR A . n 
A 1 143 ALA 143 760 760 ALA ALA A . n 
A 1 144 ALA 144 761 761 ALA ALA A . n 
A 1 145 GLU 145 762 762 GLU GLU A . n 
A 1 146 VAL 146 763 763 VAL VAL A . n 
A 1 147 ASN 147 764 764 ASN ASN A . n 
A 1 148 VAL 148 765 765 VAL VAL A . n 
A 1 149 HIS 149 766 766 HIS HIS A . n 
A 1 150 GLY 150 767 767 GLY GLY A . n 
# 
loop_
_pdbx_branch_scheme.asym_id 
_pdbx_branch_scheme.entity_id 
_pdbx_branch_scheme.mon_id 
_pdbx_branch_scheme.num 
_pdbx_branch_scheme.pdb_asym_id 
_pdbx_branch_scheme.pdb_mon_id 
_pdbx_branch_scheme.pdb_seq_num 
_pdbx_branch_scheme.auth_asym_id 
_pdbx_branch_scheme.auth_mon_id 
_pdbx_branch_scheme.auth_seq_num 
_pdbx_branch_scheme.hetero 
B 2 NDG 1 B NDG 1 A NDG 1768 n 
B 2 GAL 2 B GAL 2 A GAL 1769 n 
# 
loop_
_pdbx_nonpoly_scheme.asym_id 
_pdbx_nonpoly_scheme.entity_id 
_pdbx_nonpoly_scheme.mon_id 
_pdbx_nonpoly_scheme.ndb_seq_num 
_pdbx_nonpoly_scheme.pdb_seq_num 
_pdbx_nonpoly_scheme.auth_seq_num 
_pdbx_nonpoly_scheme.pdb_mon_id 
_pdbx_nonpoly_scheme.auth_mon_id 
_pdbx_nonpoly_scheme.pdb_strand_id 
_pdbx_nonpoly_scheme.pdb_ins_code 
C 3 CA  1   1770 1770 CA  CA  A . 
D 4 HOH 1   2001 2001 HOH HOH A . 
D 4 HOH 2   2002 2002 HOH HOH A . 
D 4 HOH 3   2003 2003 HOH HOH A . 
D 4 HOH 4   2004 2004 HOH HOH A . 
D 4 HOH 5   2005 2005 HOH HOH A . 
D 4 HOH 6   2006 2006 HOH HOH A . 
D 4 HOH 7   2007 2007 HOH HOH A . 
D 4 HOH 8   2008 2008 HOH HOH A . 
D 4 HOH 9   2009 2009 HOH HOH A . 
D 4 HOH 10  2010 2010 HOH HOH A . 
D 4 HOH 11  2011 2011 HOH HOH A . 
D 4 HOH 12  2012 2012 HOH HOH A . 
D 4 HOH 13  2013 2013 HOH HOH A . 
D 4 HOH 14  2014 2014 HOH HOH A . 
D 4 HOH 15  2015 2015 HOH HOH A . 
D 4 HOH 16  2016 2016 HOH HOH A . 
D 4 HOH 17  2017 2017 HOH HOH A . 
D 4 HOH 18  2018 2018 HOH HOH A . 
D 4 HOH 19  2019 2019 HOH HOH A . 
D 4 HOH 20  2020 2020 HOH HOH A . 
D 4 HOH 21  2021 2021 HOH HOH A . 
D 4 HOH 22  2022 2022 HOH HOH A . 
D 4 HOH 23  2023 2023 HOH HOH A . 
D 4 HOH 24  2024 2024 HOH HOH A . 
D 4 HOH 25  2025 2025 HOH HOH A . 
D 4 HOH 26  2026 2026 HOH HOH A . 
D 4 HOH 27  2027 2027 HOH HOH A . 
D 4 HOH 28  2028 2028 HOH HOH A . 
D 4 HOH 29  2029 2029 HOH HOH A . 
D 4 HOH 30  2030 2030 HOH HOH A . 
D 4 HOH 31  2031 2031 HOH HOH A . 
D 4 HOH 32  2032 2032 HOH HOH A . 
D 4 HOH 33  2033 2033 HOH HOH A . 
D 4 HOH 34  2034 2034 HOH HOH A . 
D 4 HOH 35  2035 2035 HOH HOH A . 
D 4 HOH 36  2036 2036 HOH HOH A . 
D 4 HOH 37  2037 2037 HOH HOH A . 
D 4 HOH 38  2038 2038 HOH HOH A . 
D 4 HOH 39  2039 2039 HOH HOH A . 
D 4 HOH 40  2040 2040 HOH HOH A . 
D 4 HOH 41  2041 2041 HOH HOH A . 
D 4 HOH 42  2042 2042 HOH HOH A . 
D 4 HOH 43  2043 2043 HOH HOH A . 
D 4 HOH 44  2044 2044 HOH HOH A . 
D 4 HOH 45  2045 2045 HOH HOH A . 
D 4 HOH 46  2046 2046 HOH HOH A . 
D 4 HOH 47  2047 2047 HOH HOH A . 
D 4 HOH 48  2048 2048 HOH HOH A . 
D 4 HOH 49  2049 2049 HOH HOH A . 
D 4 HOH 50  2050 2050 HOH HOH A . 
D 4 HOH 51  2051 2051 HOH HOH A . 
D 4 HOH 52  2052 2052 HOH HOH A . 
D 4 HOH 53  2053 2053 HOH HOH A . 
D 4 HOH 54  2054 2054 HOH HOH A . 
D 4 HOH 55  2055 2055 HOH HOH A . 
D 4 HOH 56  2056 2056 HOH HOH A . 
D 4 HOH 57  2057 2057 HOH HOH A . 
D 4 HOH 58  2058 2058 HOH HOH A . 
D 4 HOH 59  2059 2059 HOH HOH A . 
D 4 HOH 60  2060 2060 HOH HOH A . 
D 4 HOH 61  2061 2061 HOH HOH A . 
D 4 HOH 62  2062 2062 HOH HOH A . 
D 4 HOH 63  2063 2063 HOH HOH A . 
D 4 HOH 64  2064 2064 HOH HOH A . 
D 4 HOH 65  2065 2065 HOH HOH A . 
D 4 HOH 66  2066 2066 HOH HOH A . 
D 4 HOH 67  2067 2067 HOH HOH A . 
D 4 HOH 68  2068 2068 HOH HOH A . 
D 4 HOH 69  2069 2069 HOH HOH A . 
D 4 HOH 70  2070 2070 HOH HOH A . 
D 4 HOH 71  2071 2071 HOH HOH A . 
D 4 HOH 72  2072 2072 HOH HOH A . 
D 4 HOH 73  2073 2073 HOH HOH A . 
D 4 HOH 74  2074 2074 HOH HOH A . 
D 4 HOH 75  2075 2075 HOH HOH A . 
D 4 HOH 76  2076 2076 HOH HOH A . 
D 4 HOH 77  2077 2077 HOH HOH A . 
D 4 HOH 78  2078 2078 HOH HOH A . 
D 4 HOH 79  2079 2079 HOH HOH A . 
D 4 HOH 80  2080 2080 HOH HOH A . 
D 4 HOH 81  2081 2081 HOH HOH A . 
D 4 HOH 82  2082 2082 HOH HOH A . 
D 4 HOH 83  2083 2083 HOH HOH A . 
D 4 HOH 84  2084 2084 HOH HOH A . 
D 4 HOH 85  2085 2085 HOH HOH A . 
D 4 HOH 86  2086 2086 HOH HOH A . 
D 4 HOH 87  2087 2087 HOH HOH A . 
D 4 HOH 88  2088 2088 HOH HOH A . 
D 4 HOH 89  2089 2089 HOH HOH A . 
D 4 HOH 90  2090 2090 HOH HOH A . 
D 4 HOH 91  2091 2091 HOH HOH A . 
D 4 HOH 92  2092 2092 HOH HOH A . 
D 4 HOH 93  2093 2093 HOH HOH A . 
D 4 HOH 94  2094 2094 HOH HOH A . 
D 4 HOH 95  2095 2095 HOH HOH A . 
D 4 HOH 96  2096 2096 HOH HOH A . 
D 4 HOH 97  2097 2097 HOH HOH A . 
D 4 HOH 98  2098 2098 HOH HOH A . 
D 4 HOH 99  2099 2099 HOH HOH A . 
D 4 HOH 100 2100 2100 HOH HOH A . 
D 4 HOH 101 2101 2101 HOH HOH A . 
D 4 HOH 102 2102 2102 HOH HOH A . 
D 4 HOH 103 2103 2103 HOH HOH A . 
D 4 HOH 104 2104 2104 HOH HOH A . 
D 4 HOH 105 2105 2105 HOH HOH A . 
D 4 HOH 106 2106 2106 HOH HOH A . 
D 4 HOH 107 2107 2107 HOH HOH A . 
D 4 HOH 108 2108 2108 HOH HOH A . 
D 4 HOH 109 2109 2109 HOH HOH A . 
D 4 HOH 110 2110 2110 HOH HOH A . 
D 4 HOH 111 2111 2111 HOH HOH A . 
D 4 HOH 112 2112 2112 HOH HOH A . 
D 4 HOH 113 2113 2113 HOH HOH A . 
D 4 HOH 114 2114 2114 HOH HOH A . 
D 4 HOH 115 2115 2115 HOH HOH A . 
D 4 HOH 116 2116 2116 HOH HOH A . 
D 4 HOH 117 2117 2117 HOH HOH A . 
D 4 HOH 118 2118 2118 HOH HOH A . 
D 4 HOH 119 2119 2119 HOH HOH A . 
D 4 HOH 120 2120 2120 HOH HOH A . 
D 4 HOH 121 2121 2121 HOH HOH A . 
D 4 HOH 122 2122 2122 HOH HOH A . 
D 4 HOH 123 2123 2123 HOH HOH A . 
D 4 HOH 124 2124 2124 HOH HOH A . 
D 4 HOH 125 2125 2125 HOH HOH A . 
D 4 HOH 126 2126 2126 HOH HOH A . 
D 4 HOH 127 2127 2127 HOH HOH A . 
D 4 HOH 128 2128 2128 HOH HOH A . 
D 4 HOH 129 2129 2129 HOH HOH A . 
D 4 HOH 130 2130 2130 HOH HOH A . 
D 4 HOH 131 2131 2131 HOH HOH A . 
D 4 HOH 132 2132 2132 HOH HOH A . 
D 4 HOH 133 2133 2133 HOH HOH A . 
D 4 HOH 134 2134 2134 HOH HOH A . 
D 4 HOH 135 2135 2135 HOH HOH A . 
D 4 HOH 136 2136 2136 HOH HOH A . 
D 4 HOH 137 2137 2137 HOH HOH A . 
D 4 HOH 138 2138 2138 HOH HOH A . 
D 4 HOH 139 2139 2139 HOH HOH A . 
D 4 HOH 140 2140 2140 HOH HOH A . 
D 4 HOH 141 2141 2141 HOH HOH A . 
D 4 HOH 142 2142 2142 HOH HOH A . 
D 4 HOH 143 2143 2143 HOH HOH A . 
D 4 HOH 144 2144 2144 HOH HOH A . 
D 4 HOH 145 2145 2145 HOH HOH A . 
D 4 HOH 146 2146 2146 HOH HOH A . 
D 4 HOH 147 2147 2147 HOH HOH A . 
D 4 HOH 148 2148 2148 HOH HOH A . 
D 4 HOH 149 2149 2149 HOH HOH A . 
D 4 HOH 150 2150 2150 HOH HOH A . 
D 4 HOH 151 2151 2151 HOH HOH A . 
D 4 HOH 152 2152 2152 HOH HOH A . 
D 4 HOH 153 2153 2153 HOH HOH A . 
D 4 HOH 154 2154 2154 HOH HOH A . 
D 4 HOH 155 2155 2155 HOH HOH A . 
D 4 HOH 156 2156 2156 HOH HOH A . 
D 4 HOH 157 2157 2157 HOH HOH A . 
D 4 HOH 158 2158 2158 HOH HOH A . 
D 4 HOH 159 2159 2159 HOH HOH A . 
D 4 HOH 160 2160 2160 HOH HOH A . 
D 4 HOH 161 2161 2161 HOH HOH A . 
D 4 HOH 162 2162 2162 HOH HOH A . 
D 4 HOH 163 2163 2163 HOH HOH A . 
D 4 HOH 164 2164 2164 HOH HOH A . 
D 4 HOH 165 2165 2165 HOH HOH A . 
D 4 HOH 166 2166 2166 HOH HOH A . 
D 4 HOH 167 2167 2167 HOH HOH A . 
D 4 HOH 168 2168 2168 HOH HOH A . 
D 4 HOH 169 2169 2169 HOH HOH A . 
D 4 HOH 170 2170 2170 HOH HOH A . 
D 4 HOH 171 2171 2171 HOH HOH A . 
D 4 HOH 172 2172 2172 HOH HOH A . 
D 4 HOH 173 2173 2173 HOH HOH A . 
D 4 HOH 174 2174 2174 HOH HOH A . 
D 4 HOH 175 2175 2175 HOH HOH A . 
D 4 HOH 176 2176 2176 HOH HOH A . 
# 
loop_
_pdbx_unobs_or_zero_occ_atoms.id 
_pdbx_unobs_or_zero_occ_atoms.PDB_model_num 
_pdbx_unobs_or_zero_occ_atoms.polymer_flag 
_pdbx_unobs_or_zero_occ_atoms.occupancy_flag 
_pdbx_unobs_or_zero_occ_atoms.auth_asym_id 
_pdbx_unobs_or_zero_occ_atoms.auth_comp_id 
_pdbx_unobs_or_zero_occ_atoms.auth_seq_id 
_pdbx_unobs_or_zero_occ_atoms.PDB_ins_code 
_pdbx_unobs_or_zero_occ_atoms.auth_atom_id 
_pdbx_unobs_or_zero_occ_atoms.label_alt_id 
_pdbx_unobs_or_zero_occ_atoms.label_asym_id 
_pdbx_unobs_or_zero_occ_atoms.label_comp_id 
_pdbx_unobs_or_zero_occ_atoms.label_seq_id 
_pdbx_unobs_or_zero_occ_atoms.label_atom_id 
1 1 Y 1 A ASN 654 ? ND2 ? A ASN 37  ND2 
2 1 Y 1 A GLU 721 ? OE1 ? A GLU 104 OE1 
# 
_software.name             REFMAC 
_software.classification   refinement 
_software.version          5.1.24 
_software.citation_id      ? 
_software.pdbx_ordinal     1 
# 
_cell.entry_id           2J1E 
_cell.length_a           77.377 
_cell.length_b           77.377 
_cell.length_c           73.421 
_cell.angle_alpha        90.00 
_cell.angle_beta         90.00 
_cell.angle_gamma        90.00 
_cell.Z_PDB              8 
_cell.pdbx_unique_axis   ? 
# 
_symmetry.entry_id                         2J1E 
_symmetry.space_group_name_H-M             'P 43 21 2' 
_symmetry.pdbx_full_space_group_name_H-M   ? 
_symmetry.cell_setting                     ? 
_symmetry.Int_Tables_number                96 
# 
_exptl.entry_id          2J1E 
_exptl.method            'X-RAY DIFFRACTION' 
_exptl.crystals_number   ? 
# 
_exptl_crystal.id                    1 
_exptl_crystal.density_meas          ? 
_exptl_crystal.density_Matthews      3.03 
_exptl_crystal.density_percent_sol   59.07 
_exptl_crystal.description           ? 
# 
_diffrn.id                     1 
_diffrn.ambient_temp           113.0 
_diffrn.ambient_temp_details   ? 
_diffrn.crystal_id             1 
# 
_diffrn_radiation.diffrn_id                        1 
_diffrn_radiation.wavelength_id                    1 
_diffrn_radiation.pdbx_monochromatic_or_laue_m_l   M 
_diffrn_radiation.monochromator                    ? 
_diffrn_radiation.pdbx_diffrn_protocol             'SINGLE WAVELENGTH' 
_diffrn_radiation.pdbx_scattering_type             x-ray 
# 
_diffrn_radiation_wavelength.id           1 
_diffrn_radiation_wavelength.wavelength   1.5418 
_diffrn_radiation_wavelength.wt           1.0 
# 
_diffrn_source.diffrn_id                   1 
_diffrn_source.source                      'ROTATING ANODE' 
_diffrn_source.type                        ? 
_diffrn_source.pdbx_synchrotron_site       ? 
_diffrn_source.pdbx_synchrotron_beamline   ? 
_diffrn_source.pdbx_wavelength             1.5418 
_diffrn_source.pdbx_wavelength_list        ? 
# 
_reflns.pdbx_diffrn_id               1 
_reflns.pdbx_ordinal                 1 
_reflns.entry_id                     2J1E 
_reflns.observed_criterion_sigma_I   2.000 
_reflns.observed_criterion_sigma_F   ? 
_reflns.d_resolution_low             20.000 
_reflns.d_resolution_high            2.400 
_reflns.number_obs                   9130 
_reflns.number_all                   ? 
_reflns.percent_possible_obs         99.6 
_reflns.pdbx_Rmerge_I_obs            0.10000 
_reflns.pdbx_Rsym_value              ? 
_reflns.pdbx_netI_over_sigmaI        8.6000 
_reflns.B_iso_Wilson_estimate        ? 
_reflns.pdbx_redundancy              4.360 
# 
_refine.pdbx_refine_id                           'X-RAY DIFFRACTION' 
_refine.entry_id                                 2J1E 
_refine.pdbx_diffrn_id                           1 
_refine.pdbx_TLS_residual_ADP_flag               ? 
_refine.ls_number_reflns_obs                     8683 
_refine.ls_number_reflns_all                     ? 
_refine.pdbx_ls_sigma_I                          ? 
_refine.pdbx_ls_sigma_F                          ? 
_refine.pdbx_data_cutoff_high_absF               ? 
_refine.pdbx_data_cutoff_low_absF                ? 
_refine.pdbx_data_cutoff_high_rms_absF           ? 
_refine.ls_d_res_low                             20.00 
_refine.ls_d_res_high                            2.40 
_refine.ls_percent_reflns_obs                    99.6 
_refine.ls_R_factor_obs                          0.179 
_refine.ls_R_factor_all                          ? 
_refine.ls_R_factor_R_work                       0.175 
_refine.ls_R_factor_R_free                       0.252 
_refine.ls_R_factor_R_free_error                 ? 
_refine.ls_R_factor_R_free_error_details         ? 
_refine.ls_percent_reflns_R_free                 4.800 
_refine.ls_number_reflns_R_free                  434 
_refine.ls_number_parameters                     ? 
_refine.ls_number_restraints                     ? 
_refine.occupancy_min                            ? 
_refine.occupancy_max                            ? 
_refine.correlation_coeff_Fo_to_Fc               0.950 
_refine.correlation_coeff_Fo_to_Fc_free          0.910 
_refine.B_iso_mean                               27.75 
_refine.aniso_B[1][1]                            -0.34000 
_refine.aniso_B[2][2]                            -0.34000 
_refine.aniso_B[3][3]                            0.68000 
_refine.aniso_B[1][2]                            0.00000 
_refine.aniso_B[1][3]                            0.00000 
_refine.aniso_B[2][3]                            0.00000 
_refine.solvent_model_details                    'BABINET MODEL WITH MASK' 
_refine.solvent_model_param_ksol                 ? 
_refine.solvent_model_param_bsol                 ? 
_refine.pdbx_solvent_vdw_probe_radii             1.40 
_refine.pdbx_solvent_ion_probe_radii             0.80 
_refine.pdbx_solvent_shrinkage_radii             0.80 
_refine.pdbx_ls_cross_valid_method               THROUGHOUT 
_refine.details                                  'HYDROGENS HAVE BEEN ADDED IN THE RIDING POSITIONS.' 
_refine.pdbx_starting_model                      ? 
_refine.pdbx_method_to_determine_struct          'MOLECULAR REPLACEMENT' 
_refine.pdbx_isotropic_thermal_model             ? 
_refine.pdbx_stereochemistry_target_values       'MAXIMUM LIKELIHOOD' 
_refine.pdbx_stereochem_target_val_spec_case     ? 
_refine.pdbx_R_Free_selection_details            RANDOM 
_refine.pdbx_overall_ESU_R                       0.260 
_refine.pdbx_overall_ESU_R_Free                  0.238 
_refine.overall_SU_ML                            0.136 
_refine.pdbx_overall_phase_error                 ? 
_refine.overall_SU_B                             5.703 
_refine.overall_SU_R_Cruickshank_DPI             ? 
_refine.pdbx_overall_SU_R_free_Cruickshank_DPI   ? 
_refine.pdbx_overall_SU_R_Blow_DPI               ? 
_refine.pdbx_overall_SU_R_free_Blow_DPI          ? 
# 
_refine_hist.pdbx_refine_id                   'X-RAY DIFFRACTION' 
_refine_hist.cycle_id                         LAST 
_refine_hist.pdbx_number_atoms_protein        1093 
_refine_hist.pdbx_number_atoms_nucleic_acid   0 
_refine_hist.pdbx_number_atoms_ligand         27 
_refine_hist.number_atoms_solvent             176 
_refine_hist.number_atoms_total               1296 
_refine_hist.d_res_high                       2.40 
_refine_hist.d_res_low                        20.00 
# 
loop_
_refine_ls_restr.type 
_refine_ls_restr.dev_ideal 
_refine_ls_restr.dev_ideal_target 
_refine_ls_restr.weight 
_refine_ls_restr.number 
_refine_ls_restr.pdbx_refine_id 
_refine_ls_restr.pdbx_restraint_function 
r_bond_refined_d             0.019 0.021 ? 1143 'X-RAY DIFFRACTION' ? 
r_bond_other_d               ?     ?     ? ?    'X-RAY DIFFRACTION' ? 
r_angle_refined_deg          1.696 1.947 ? 1550 'X-RAY DIFFRACTION' ? 
r_angle_other_deg            ?     ?     ? ?    'X-RAY DIFFRACTION' ? 
r_dihedral_angle_1_deg       7.100 5.000 ? 141  'X-RAY DIFFRACTION' ? 
r_dihedral_angle_2_deg       ?     ?     ? ?    'X-RAY DIFFRACTION' ? 
r_dihedral_angle_3_deg       ?     ?     ? ?    'X-RAY DIFFRACTION' ? 
r_dihedral_angle_4_deg       ?     ?     ? ?    'X-RAY DIFFRACTION' ? 
r_chiral_restr               0.107 0.200 ? 176  'X-RAY DIFFRACTION' ? 
r_gen_planes_refined         0.007 0.020 ? 857  'X-RAY DIFFRACTION' ? 
r_gen_planes_other           ?     ?     ? ?    'X-RAY DIFFRACTION' ? 
r_nbd_refined                0.212 0.200 ? 487  'X-RAY DIFFRACTION' ? 
r_nbd_other                  ?     ?     ? ?    'X-RAY DIFFRACTION' ? 
r_nbtor_refined              ?     ?     ? ?    'X-RAY DIFFRACTION' ? 
r_nbtor_other                ?     ?     ? ?    'X-RAY DIFFRACTION' ? 
r_xyhbond_nbd_refined        0.165 0.200 ? 142  'X-RAY DIFFRACTION' ? 
r_xyhbond_nbd_other          ?     ?     ? ?    'X-RAY DIFFRACTION' ? 
r_metal_ion_refined          ?     ?     ? ?    'X-RAY DIFFRACTION' ? 
r_metal_ion_other            ?     ?     ? ?    'X-RAY DIFFRACTION' ? 
r_symmetry_vdw_refined       0.150 0.200 ? 21   'X-RAY DIFFRACTION' ? 
r_symmetry_vdw_other         ?     ?     ? ?    'X-RAY DIFFRACTION' ? 
r_symmetry_hbond_refined     0.131 0.200 ? 10   'X-RAY DIFFRACTION' ? 
r_symmetry_hbond_other       ?     ?     ? ?    'X-RAY DIFFRACTION' ? 
r_symmetry_metal_ion_refined ?     ?     ? ?    'X-RAY DIFFRACTION' ? 
r_symmetry_metal_ion_other   ?     ?     ? ?    'X-RAY DIFFRACTION' ? 
r_mcbond_it                  0.877 1.500 ? 704  'X-RAY DIFFRACTION' ? 
r_mcbond_other               ?     ?     ? ?    'X-RAY DIFFRACTION' ? 
r_mcangle_it                 1.571 2.000 ? 1132 'X-RAY DIFFRACTION' ? 
r_mcangle_other              ?     ?     ? ?    'X-RAY DIFFRACTION' ? 
r_scbond_it                  2.710 3.000 ? 439  'X-RAY DIFFRACTION' ? 
r_scbond_other               ?     ?     ? ?    'X-RAY DIFFRACTION' ? 
r_scangle_it                 4.129 4.500 ? 418  'X-RAY DIFFRACTION' ? 
r_scangle_other              ?     ?     ? ?    'X-RAY DIFFRACTION' ? 
r_long_range_B_refined       ?     ?     ? ?    'X-RAY DIFFRACTION' ? 
r_long_range_B_other         ?     ?     ? ?    'X-RAY DIFFRACTION' ? 
r_rigid_bond_restr           ?     ?     ? ?    'X-RAY DIFFRACTION' ? 
r_sphericity_free            ?     ?     ? ?    'X-RAY DIFFRACTION' ? 
r_sphericity_bonded          ?     ?     ? ?    'X-RAY DIFFRACTION' ? 
# 
_refine_ls_shell.pdbx_refine_id                   'X-RAY DIFFRACTION' 
_refine_ls_shell.pdbx_total_number_of_bins_used   20 
_refine_ls_shell.d_res_high                       2.40 
_refine_ls_shell.d_res_low                        2.46 
_refine_ls_shell.number_reflns_R_work             614 
_refine_ls_shell.R_factor_R_work                  0.1800 
_refine_ls_shell.percent_reflns_obs               ? 
_refine_ls_shell.R_factor_R_free                  0.2270 
_refine_ls_shell.R_factor_R_free_error            ? 
_refine_ls_shell.percent_reflns_R_free            ? 
_refine_ls_shell.number_reflns_R_free             27 
_refine_ls_shell.number_reflns_all                ? 
_refine_ls_shell.R_factor_all                     ? 
# 
_struct.entry_id                  2J1E 
_struct.title                     
'High Resolution Crystal Structure of CBM32 from a N-acetyl-beta- hexosaminidase in complex with lacNAc' 
_struct.pdbx_model_details        ? 
_struct.pdbx_CASP_flag            ? 
_struct.pdbx_model_type_details   ? 
# 
_struct_keywords.entry_id        2J1E 
_struct_keywords.pdbx_keywords   HYDROLASE 
_struct_keywords.text            
'PROTEIN-CARBOHYDRATE INTERACTIONS, GLYCOSIDE HYDROLASE, CARBOHYDRATE BINDING MODULE, HYDROLASE, CBM' 
# 
loop_
_struct_asym.id 
_struct_asym.pdbx_blank_PDB_chainid_flag 
_struct_asym.pdbx_modified 
_struct_asym.entity_id 
_struct_asym.details 
A N N 1 ? 
B N N 2 ? 
C N N 3 ? 
D N N 4 ? 
# 
loop_
_struct_ref.id 
_struct_ref.db_name 
_struct_ref.db_code 
_struct_ref.entity_id 
_struct_ref.pdbx_seq_one_letter_code 
_struct_ref.pdbx_align_begin 
_struct_ref.pdbx_db_accession 
_struct_ref.pdbx_db_isoform 
1 PDB 2J1E         1 ? ? 2J1E   ? 
2 UNP Q8XL08_CLOPE 1 ? ? Q8XL08 ? 
# 
loop_
_struct_ref_seq.align_id 
_struct_ref_seq.ref_id 
_struct_ref_seq.pdbx_PDB_id_code 
_struct_ref_seq.pdbx_strand_id 
_struct_ref_seq.seq_align_beg 
_struct_ref_seq.pdbx_seq_align_beg_ins_code 
_struct_ref_seq.seq_align_end 
_struct_ref_seq.pdbx_seq_align_end_ins_code 
_struct_ref_seq.pdbx_db_accession 
_struct_ref_seq.db_align_beg 
_struct_ref_seq.pdbx_db_align_beg_ins_code 
_struct_ref_seq.db_align_end 
_struct_ref_seq.pdbx_db_align_end_ins_code 
_struct_ref_seq.pdbx_auth_seq_align_beg 
_struct_ref_seq.pdbx_auth_seq_align_end 
1 1 2J1E A 1 ? 7   ? 2J1E   618 ? 624 ? 618 624 
2 2 2J1E A 8 ? 150 ? Q8XL08 625 ? 767 ? 625 767 
# 
_pdbx_struct_assembly.id                   1 
_pdbx_struct_assembly.details              author_and_software_defined_assembly 
_pdbx_struct_assembly.method_details       PQS 
_pdbx_struct_assembly.oligomeric_details   monomeric 
_pdbx_struct_assembly.oligomeric_count     1 
# 
_pdbx_struct_assembly_gen.assembly_id       1 
_pdbx_struct_assembly_gen.oper_expression   1 
_pdbx_struct_assembly_gen.asym_id_list      A,B,C,D 
# 
_pdbx_struct_oper_list.id                   1 
_pdbx_struct_oper_list.type                 'identity operation' 
_pdbx_struct_oper_list.name                 1_555 
_pdbx_struct_oper_list.symmetry_operation   x,y,z 
_pdbx_struct_oper_list.matrix[1][1]         1.0000000000 
_pdbx_struct_oper_list.matrix[1][2]         0.0000000000 
_pdbx_struct_oper_list.matrix[1][3]         0.0000000000 
_pdbx_struct_oper_list.vector[1]            0.0000000000 
_pdbx_struct_oper_list.matrix[2][1]         0.0000000000 
_pdbx_struct_oper_list.matrix[2][2]         1.0000000000 
_pdbx_struct_oper_list.matrix[2][3]         0.0000000000 
_pdbx_struct_oper_list.vector[2]            0.0000000000 
_pdbx_struct_oper_list.matrix[3][1]         0.0000000000 
_pdbx_struct_oper_list.matrix[3][2]         0.0000000000 
_pdbx_struct_oper_list.matrix[3][3]         1.0000000000 
_pdbx_struct_oper_list.vector[3]            0.0000000000 
# 
_struct_biol.id   1 
# 
_struct_conf.conf_type_id            HELX_P 
_struct_conf.id                      HELX_P1 
_struct_conf.pdbx_PDB_helix_id       1 
_struct_conf.beg_label_comp_id       PRO 
_struct_conf.beg_label_asym_id       A 
_struct_conf.beg_label_seq_id        27 
_struct_conf.pdbx_beg_PDB_ins_code   ? 
_struct_conf.end_label_comp_id       ASP 
_struct_conf.end_label_asym_id       A 
_struct_conf.end_label_seq_id        33 
_struct_conf.pdbx_end_PDB_ins_code   ? 
_struct_conf.beg_auth_comp_id        PRO 
_struct_conf.beg_auth_asym_id        A 
_struct_conf.beg_auth_seq_id         644 
_struct_conf.end_auth_comp_id        ASP 
_struct_conf.end_auth_asym_id        A 
_struct_conf.end_auth_seq_id         650 
_struct_conf.pdbx_PDB_helix_class    5 
_struct_conf.details                 ? 
_struct_conf.pdbx_PDB_helix_length   7 
# 
_struct_conf_type.id          HELX_P 
_struct_conf_type.criteria    ? 
_struct_conf_type.reference   ? 
# 
loop_
_struct_conn.id 
_struct_conn.conn_type_id 
_struct_conn.pdbx_leaving_atom_flag 
_struct_conn.pdbx_PDB_id 
_struct_conn.ptnr1_label_asym_id 
_struct_conn.ptnr1_label_comp_id 
_struct_conn.ptnr1_label_seq_id 
_struct_conn.ptnr1_label_atom_id 
_struct_conn.pdbx_ptnr1_label_alt_id 
_struct_conn.pdbx_ptnr1_PDB_ins_code 
_struct_conn.pdbx_ptnr1_standard_comp_id 
_struct_conn.ptnr1_symmetry 
_struct_conn.ptnr2_label_asym_id 
_struct_conn.ptnr2_label_comp_id 
_struct_conn.ptnr2_label_seq_id 
_struct_conn.ptnr2_label_atom_id 
_struct_conn.pdbx_ptnr2_label_alt_id 
_struct_conn.pdbx_ptnr2_PDB_ins_code 
_struct_conn.ptnr1_auth_asym_id 
_struct_conn.ptnr1_auth_comp_id 
_struct_conn.ptnr1_auth_seq_id 
_struct_conn.ptnr2_auth_asym_id 
_struct_conn.ptnr2_auth_comp_id 
_struct_conn.ptnr2_auth_seq_id 
_struct_conn.ptnr2_symmetry 
_struct_conn.pdbx_ptnr3_label_atom_id 
_struct_conn.pdbx_ptnr3_label_seq_id 
_struct_conn.pdbx_ptnr3_label_comp_id 
_struct_conn.pdbx_ptnr3_label_asym_id 
_struct_conn.pdbx_ptnr3_label_alt_id 
_struct_conn.pdbx_ptnr3_PDB_ins_code 
_struct_conn.details 
_struct_conn.pdbx_dist_value 
_struct_conn.pdbx_value_order 
_struct_conn.pdbx_role 
covale1 covale both ? B NDG .   O4  ? ? ? 1_555 B GAL . C1 ? ? B NDG 1   B GAL 2    1_555 ? ? ? ? ? ? ? 1.424 ? ? 
metalc1 metalc ?    ? A PHE 30  O   ? ? ? 1_555 C CA  . CA ? ? A PHE 647 A CA  1770 1_555 ? ? ? ? ? ? ? 2.610 ? ? 
metalc2 metalc ?    ? A ASP 33  O   ? ? ? 1_555 C CA  . CA ? ? A ASP 650 A CA  1770 1_555 ? ? ? ? ? ? ? 3.232 ? ? 
metalc3 metalc ?    ? A ASP 33  OD2 ? ? ? 1_555 C CA  . CA ? ? A ASP 650 A CA  1770 1_555 ? ? ? ? ? ? ? 2.867 ? ? 
metalc4 metalc ?    ? A ASP 35  O   ? ? ? 1_555 C CA  . CA ? ? A ASP 652 A CA  1770 1_555 ? ? ? ? ? ? ? 2.613 ? ? 
metalc5 metalc ?    ? A THR 38  O   ? ? ? 1_555 C CA  . CA ? ? A THR 655 A CA  1770 1_555 ? ? ? ? ? ? ? 2.826 ? ? 
metalc6 metalc ?    ? A THR 38  OG1 ? ? ? 1_555 C CA  . CA ? ? A THR 655 A CA  1770 1_555 ? ? ? ? ? ? ? 2.938 ? ? 
metalc7 metalc ?    ? A ALA 144 O   ? ? ? 1_555 C CA  . CA ? ? A ALA 761 A CA  1770 1_555 ? ? ? ? ? ? ? 2.589 ? ? 
# 
loop_
_struct_conn_type.id 
_struct_conn_type.criteria 
_struct_conn_type.reference 
covale ? ? 
metalc ? ? 
# 
loop_
_pdbx_struct_conn_angle.id 
_pdbx_struct_conn_angle.ptnr1_label_atom_id 
_pdbx_struct_conn_angle.ptnr1_label_alt_id 
_pdbx_struct_conn_angle.ptnr1_label_asym_id 
_pdbx_struct_conn_angle.ptnr1_label_comp_id 
_pdbx_struct_conn_angle.ptnr1_label_seq_id 
_pdbx_struct_conn_angle.ptnr1_auth_atom_id 
_pdbx_struct_conn_angle.ptnr1_auth_asym_id 
_pdbx_struct_conn_angle.ptnr1_auth_comp_id 
_pdbx_struct_conn_angle.ptnr1_auth_seq_id 
_pdbx_struct_conn_angle.ptnr1_PDB_ins_code 
_pdbx_struct_conn_angle.ptnr1_symmetry 
_pdbx_struct_conn_angle.ptnr2_label_atom_id 
_pdbx_struct_conn_angle.ptnr2_label_alt_id 
_pdbx_struct_conn_angle.ptnr2_label_asym_id 
_pdbx_struct_conn_angle.ptnr2_label_comp_id 
_pdbx_struct_conn_angle.ptnr2_label_seq_id 
_pdbx_struct_conn_angle.ptnr2_auth_atom_id 
_pdbx_struct_conn_angle.ptnr2_auth_asym_id 
_pdbx_struct_conn_angle.ptnr2_auth_comp_id 
_pdbx_struct_conn_angle.ptnr2_auth_seq_id 
_pdbx_struct_conn_angle.ptnr2_PDB_ins_code 
_pdbx_struct_conn_angle.ptnr2_symmetry 
_pdbx_struct_conn_angle.ptnr3_label_atom_id 
_pdbx_struct_conn_angle.ptnr3_label_alt_id 
_pdbx_struct_conn_angle.ptnr3_label_asym_id 
_pdbx_struct_conn_angle.ptnr3_label_comp_id 
_pdbx_struct_conn_angle.ptnr3_label_seq_id 
_pdbx_struct_conn_angle.ptnr3_auth_atom_id 
_pdbx_struct_conn_angle.ptnr3_auth_asym_id 
_pdbx_struct_conn_angle.ptnr3_auth_comp_id 
_pdbx_struct_conn_angle.ptnr3_auth_seq_id 
_pdbx_struct_conn_angle.ptnr3_PDB_ins_code 
_pdbx_struct_conn_angle.ptnr3_symmetry 
_pdbx_struct_conn_angle.value 
_pdbx_struct_conn_angle.value_esd 
1  O   ? A PHE 30 ? A PHE 647 ? 1_555 CA ? C CA . ? A CA 1770 ? 1_555 O   ? A ASP 33  ? A ASP 650 ? 1_555 85.3  ? 
2  O   ? A PHE 30 ? A PHE 647 ? 1_555 CA ? C CA . ? A CA 1770 ? 1_555 OD2 ? A ASP 33  ? A ASP 650 ? 1_555 81.3  ? 
3  O   ? A ASP 33 ? A ASP 650 ? 1_555 CA ? C CA . ? A CA 1770 ? 1_555 OD2 ? A ASP 33  ? A ASP 650 ? 1_555 57.6  ? 
4  O   ? A PHE 30 ? A PHE 647 ? 1_555 CA ? C CA . ? A CA 1770 ? 1_555 O   ? A ASP 35  ? A ASP 652 ? 1_555 172.5 ? 
5  O   ? A ASP 33 ? A ASP 650 ? 1_555 CA ? C CA . ? A CA 1770 ? 1_555 O   ? A ASP 35  ? A ASP 652 ? 1_555 99.2  ? 
6  OD2 ? A ASP 33 ? A ASP 650 ? 1_555 CA ? C CA . ? A CA 1770 ? 1_555 O   ? A ASP 35  ? A ASP 652 ? 1_555 96.0  ? 
7  O   ? A PHE 30 ? A PHE 647 ? 1_555 CA ? C CA . ? A CA 1770 ? 1_555 O   ? A THR 38  ? A THR 655 ? 1_555 103.9 ? 
8  O   ? A ASP 33 ? A ASP 650 ? 1_555 CA ? C CA . ? A CA 1770 ? 1_555 O   ? A THR 38  ? A THR 655 ? 1_555 150.6 ? 
9  OD2 ? A ASP 33 ? A ASP 650 ? 1_555 CA ? C CA . ? A CA 1770 ? 1_555 O   ? A THR 38  ? A THR 655 ? 1_555 150.5 ? 
10 O   ? A ASP 35 ? A ASP 652 ? 1_555 CA ? C CA . ? A CA 1770 ? 1_555 O   ? A THR 38  ? A THR 655 ? 1_555 75.1  ? 
11 O   ? A PHE 30 ? A PHE 647 ? 1_555 CA ? C CA . ? A CA 1770 ? 1_555 OG1 ? A THR 38  ? A THR 655 ? 1_555 89.4  ? 
12 O   ? A ASP 33 ? A ASP 650 ? 1_555 CA ? C CA . ? A CA 1770 ? 1_555 OG1 ? A THR 38  ? A THR 655 ? 1_555 139.1 ? 
13 OD2 ? A ASP 33 ? A ASP 650 ? 1_555 CA ? C CA . ? A CA 1770 ? 1_555 OG1 ? A THR 38  ? A THR 655 ? 1_555 81.5  ? 
14 O   ? A ASP 35 ? A ASP 652 ? 1_555 CA ? C CA . ? A CA 1770 ? 1_555 OG1 ? A THR 38  ? A THR 655 ? 1_555 83.3  ? 
15 O   ? A THR 38 ? A THR 655 ? 1_555 CA ? C CA . ? A CA 1770 ? 1_555 OG1 ? A THR 38  ? A THR 655 ? 1_555 69.7  ? 
16 O   ? A PHE 30 ? A PHE 647 ? 1_555 CA ? C CA . ? A CA 1770 ? 1_555 O   ? A ALA 144 ? A ALA 761 ? 1_555 82.5  ? 
17 O   ? A ASP 33 ? A ASP 650 ? 1_555 CA ? C CA . ? A CA 1770 ? 1_555 O   ? A ALA 144 ? A ALA 761 ? 1_555 73.9  ? 
18 OD2 ? A ASP 33 ? A ASP 650 ? 1_555 CA ? C CA . ? A CA 1770 ? 1_555 O   ? A ALA 144 ? A ALA 761 ? 1_555 129.7 ? 
19 O   ? A ASP 35 ? A ASP 652 ? 1_555 CA ? C CA . ? A CA 1770 ? 1_555 O   ? A ALA 144 ? A ALA 761 ? 1_555 104.4 ? 
20 O   ? A THR 38 ? A THR 655 ? 1_555 CA ? C CA . ? A CA 1770 ? 1_555 O   ? A ALA 144 ? A ALA 761 ? 1_555 79.7  ? 
21 OG1 ? A THR 38 ? A THR 655 ? 1_555 CA ? C CA . ? A CA 1770 ? 1_555 O   ? A ALA 144 ? A ALA 761 ? 1_555 145.4 ? 
# 
loop_
_struct_mon_prot_cis.pdbx_id 
_struct_mon_prot_cis.label_comp_id 
_struct_mon_prot_cis.label_seq_id 
_struct_mon_prot_cis.label_asym_id 
_struct_mon_prot_cis.label_alt_id 
_struct_mon_prot_cis.pdbx_PDB_ins_code 
_struct_mon_prot_cis.auth_comp_id 
_struct_mon_prot_cis.auth_seq_id 
_struct_mon_prot_cis.auth_asym_id 
_struct_mon_prot_cis.pdbx_label_comp_id_2 
_struct_mon_prot_cis.pdbx_label_seq_id_2 
_struct_mon_prot_cis.pdbx_label_asym_id_2 
_struct_mon_prot_cis.pdbx_PDB_ins_code_2 
_struct_mon_prot_cis.pdbx_auth_comp_id_2 
_struct_mon_prot_cis.pdbx_auth_seq_id_2 
_struct_mon_prot_cis.pdbx_auth_asym_id_2 
_struct_mon_prot_cis.pdbx_PDB_model_num 
_struct_mon_prot_cis.pdbx_omega_angle 
1 SER 46 A . ? SER 663 A PRO 47 A ? PRO 664 A 1 -8.80 
2 GLY 51 A . ? GLY 668 A PRO 52 A ? PRO 669 A 1 3.64  
# 
loop_
_struct_sheet.id 
_struct_sheet.type 
_struct_sheet.number_strands 
_struct_sheet.details 
AA ? 5 ? 
AB ? 3 ? 
AC ? 2 ? 
# 
loop_
_struct_sheet_order.sheet_id 
_struct_sheet_order.range_id_1 
_struct_sheet_order.range_id_2 
_struct_sheet_order.offset 
_struct_sheet_order.sense 
AA 1 2 ? anti-parallel 
AA 2 3 ? anti-parallel 
AA 3 4 ? anti-parallel 
AA 4 5 ? anti-parallel 
AB 1 2 ? anti-parallel 
AB 2 3 ? anti-parallel 
AC 1 2 ? anti-parallel 
# 
loop_
_struct_sheet_range.sheet_id 
_struct_sheet_range.id 
_struct_sheet_range.beg_label_comp_id 
_struct_sheet_range.beg_label_asym_id 
_struct_sheet_range.beg_label_seq_id 
_struct_sheet_range.pdbx_beg_PDB_ins_code 
_struct_sheet_range.end_label_comp_id 
_struct_sheet_range.end_label_asym_id 
_struct_sheet_range.end_label_seq_id 
_struct_sheet_range.pdbx_end_PDB_ins_code 
_struct_sheet_range.beg_auth_comp_id 
_struct_sheet_range.beg_auth_asym_id 
_struct_sheet_range.beg_auth_seq_id 
_struct_sheet_range.end_auth_comp_id 
_struct_sheet_range.end_auth_asym_id 
_struct_sheet_range.end_auth_seq_id 
AA 1 THR A 11  ? ALA A 16  ? THR A 628 ALA A 633 
AA 2 HIS A 53  ? ALA A 71  ? HIS A 670 ALA A 688 
AA 3 LYS A 110 ? SER A 129 ? LYS A 727 SER A 746 
AA 4 ILE A 81  ? SER A 89  ? ILE A 698 SER A 706 
AA 5 PHE A 95  ? THR A 102 ? PHE A 712 THR A 719 
AB 1 THR A 11  ? ALA A 16  ? THR A 628 ALA A 633 
AB 2 HIS A 53  ? ALA A 71  ? HIS A 670 ALA A 688 
AB 3 GLU A 145 ? HIS A 149 ? GLU A 762 HIS A 766 
AC 1 TRP A 40  ? HIS A 41  ? TRP A 657 HIS A 658 
AC 2 THR A 142 ? ALA A 143 ? THR A 759 ALA A 760 
# 
loop_
_pdbx_struct_sheet_hbond.sheet_id 
_pdbx_struct_sheet_hbond.range_id_1 
_pdbx_struct_sheet_hbond.range_id_2 
_pdbx_struct_sheet_hbond.range_1_label_atom_id 
_pdbx_struct_sheet_hbond.range_1_label_comp_id 
_pdbx_struct_sheet_hbond.range_1_label_asym_id 
_pdbx_struct_sheet_hbond.range_1_label_seq_id 
_pdbx_struct_sheet_hbond.range_1_PDB_ins_code 
_pdbx_struct_sheet_hbond.range_1_auth_atom_id 
_pdbx_struct_sheet_hbond.range_1_auth_comp_id 
_pdbx_struct_sheet_hbond.range_1_auth_asym_id 
_pdbx_struct_sheet_hbond.range_1_auth_seq_id 
_pdbx_struct_sheet_hbond.range_2_label_atom_id 
_pdbx_struct_sheet_hbond.range_2_label_comp_id 
_pdbx_struct_sheet_hbond.range_2_label_asym_id 
_pdbx_struct_sheet_hbond.range_2_label_seq_id 
_pdbx_struct_sheet_hbond.range_2_PDB_ins_code 
_pdbx_struct_sheet_hbond.range_2_auth_atom_id 
_pdbx_struct_sheet_hbond.range_2_auth_comp_id 
_pdbx_struct_sheet_hbond.range_2_auth_asym_id 
_pdbx_struct_sheet_hbond.range_2_auth_seq_id 
AA 1 2 N THR A 15  ? N THR A 632 O THR A 56  ? O THR A 673 
AA 2 3 N TYR A 70  ? N TYR A 687 O LYS A 110 ? O LYS A 727 
AA 3 4 O ASP A 128 ? O ASP A 745 N THR A 82  ? N THR A 699 
AA 4 5 N VAL A 88  ? N VAL A 705 O THR A 96  ? O THR A 713 
AB 1 2 N THR A 15  ? N THR A 632 O THR A 56  ? O THR A 673 
AB 2 3 N ALA A 71  ? N ALA A 688 O GLU A 145 ? O GLU A 762 
AC 1 2 N TRP A 40  ? N TRP A 657 O ALA A 143 ? O ALA A 760 
# 
_pdbx_validate_close_contact.id               1 
_pdbx_validate_close_contact.PDB_model_num    1 
_pdbx_validate_close_contact.auth_atom_id_1   O 
_pdbx_validate_close_contact.auth_asym_id_1   A 
_pdbx_validate_close_contact.auth_comp_id_1   HOH 
_pdbx_validate_close_contact.auth_seq_id_1    2072 
_pdbx_validate_close_contact.PDB_ins_code_1   ? 
_pdbx_validate_close_contact.label_alt_id_1   ? 
_pdbx_validate_close_contact.auth_atom_id_2   O 
_pdbx_validate_close_contact.auth_asym_id_2   A 
_pdbx_validate_close_contact.auth_comp_id_2   HOH 
_pdbx_validate_close_contact.auth_seq_id_2    2074 
_pdbx_validate_close_contact.PDB_ins_code_2   ? 
_pdbx_validate_close_contact.label_alt_id_2   ? 
_pdbx_validate_close_contact.dist             2.15 
# 
loop_
_pdbx_validate_rmsd_angle.id 
_pdbx_validate_rmsd_angle.PDB_model_num 
_pdbx_validate_rmsd_angle.auth_atom_id_1 
_pdbx_validate_rmsd_angle.auth_asym_id_1 
_pdbx_validate_rmsd_angle.auth_comp_id_1 
_pdbx_validate_rmsd_angle.auth_seq_id_1 
_pdbx_validate_rmsd_angle.PDB_ins_code_1 
_pdbx_validate_rmsd_angle.label_alt_id_1 
_pdbx_validate_rmsd_angle.auth_atom_id_2 
_pdbx_validate_rmsd_angle.auth_asym_id_2 
_pdbx_validate_rmsd_angle.auth_comp_id_2 
_pdbx_validate_rmsd_angle.auth_seq_id_2 
_pdbx_validate_rmsd_angle.PDB_ins_code_2 
_pdbx_validate_rmsd_angle.label_alt_id_2 
_pdbx_validate_rmsd_angle.auth_atom_id_3 
_pdbx_validate_rmsd_angle.auth_asym_id_3 
_pdbx_validate_rmsd_angle.auth_comp_id_3 
_pdbx_validate_rmsd_angle.auth_seq_id_3 
_pdbx_validate_rmsd_angle.PDB_ins_code_3 
_pdbx_validate_rmsd_angle.label_alt_id_3 
_pdbx_validate_rmsd_angle.angle_value 
_pdbx_validate_rmsd_angle.angle_target_value 
_pdbx_validate_rmsd_angle.angle_deviation 
_pdbx_validate_rmsd_angle.angle_standard_deviation 
_pdbx_validate_rmsd_angle.linker_flag 
1 1 CB A ASP 708 ? ? CG A ASP 708 ? ? OD2 A ASP 708 ? ? 125.42 118.30 7.12  0.90 N 
2 1 CB A ASP 749 ? ? CG A ASP 749 ? ? OD2 A ASP 749 ? ? 124.45 118.30 6.15  0.90 N 
3 1 NE A ARG 754 ? ? CZ A ARG 754 ? ? NH1 A ARG 754 ? ? 115.79 120.30 -4.51 0.50 N 
4 1 NE A ARG 754 ? ? CZ A ARG 754 ? ? NH2 A ARG 754 ? ? 125.45 120.30 5.15  0.50 N 
# 
loop_
_pdbx_validate_torsion.id 
_pdbx_validate_torsion.PDB_model_num 
_pdbx_validate_torsion.auth_comp_id 
_pdbx_validate_torsion.auth_asym_id 
_pdbx_validate_torsion.auth_seq_id 
_pdbx_validate_torsion.PDB_ins_code 
_pdbx_validate_torsion.label_alt_id 
_pdbx_validate_torsion.phi 
_pdbx_validate_torsion.psi 
1 1 ALA A 643 ? ? -143.58 54.81  
2 1 GLU A 710 ? ? -120.87 -52.04 
# 
_pdbx_molecule_features.prd_id    PRD_900019 
_pdbx_molecule_features.name      N-acetyl-alpha-lactosamine 
_pdbx_molecule_features.type      Oligosaccharide 
_pdbx_molecule_features.class     'Glycan component' 
_pdbx_molecule_features.details   oligosaccharide 
# 
_pdbx_molecule.instance_id   1 
_pdbx_molecule.prd_id        PRD_900019 
_pdbx_molecule.asym_id       B 
# 
loop_
_pdbx_struct_special_symmetry.id 
_pdbx_struct_special_symmetry.PDB_model_num 
_pdbx_struct_special_symmetry.auth_asym_id 
_pdbx_struct_special_symmetry.auth_comp_id 
_pdbx_struct_special_symmetry.auth_seq_id 
_pdbx_struct_special_symmetry.PDB_ins_code 
_pdbx_struct_special_symmetry.label_asym_id 
_pdbx_struct_special_symmetry.label_comp_id 
_pdbx_struct_special_symmetry.label_seq_id 
1 1 A HOH 2042 ? D HOH . 
2 1 A HOH 2053 ? D HOH . 
3 1 A HOH 2054 ? D HOH . 
# 
_pdbx_database_remark.id     700 
_pdbx_database_remark.text   
;
SHEET
THE SHEET STRUCTURE OF THIS MOLECULE IS BIFURCATED. IN
ORDER TO REPRESENT THIS FEATURE IN THE SHEET RECORDS BELOW,
TWO SHEETS ARE DEFINED.
;
# 
loop_
_pdbx_unobs_or_zero_occ_residues.id 
_pdbx_unobs_or_zero_occ_residues.PDB_model_num 
_pdbx_unobs_or_zero_occ_residues.polymer_flag 
_pdbx_unobs_or_zero_occ_residues.occupancy_flag 
_pdbx_unobs_or_zero_occ_residues.auth_asym_id 
_pdbx_unobs_or_zero_occ_residues.auth_comp_id 
_pdbx_unobs_or_zero_occ_residues.auth_seq_id 
_pdbx_unobs_or_zero_occ_residues.PDB_ins_code 
_pdbx_unobs_or_zero_occ_residues.label_asym_id 
_pdbx_unobs_or_zero_occ_residues.label_comp_id 
_pdbx_unobs_or_zero_occ_residues.label_seq_id 
1 1 Y 1 A LYS 618 ? A LYS 1 
2 1 Y 1 A GLY 619 ? A GLY 2 
3 1 Y 1 A ILE 620 ? A ILE 3 
4 1 Y 1 A ASP 621 ? A ASP 4 
5 1 Y 1 A PRO 622 ? A PRO 5 
6 1 Y 1 A PHE 623 ? A PHE 6 
7 1 Y 1 A THR 624 ? A THR 7 
8 1 Y 1 A ASN 625 ? A ASN 8 
# 
loop_
_chem_comp_atom.comp_id 
_chem_comp_atom.atom_id 
_chem_comp_atom.type_symbol 
_chem_comp_atom.pdbx_aromatic_flag 
_chem_comp_atom.pdbx_stereo_config 
_chem_comp_atom.pdbx_ordinal 
ALA N    N  N N 1   
ALA CA   C  N S 2   
ALA C    C  N N 3   
ALA O    O  N N 4   
ALA CB   C  N N 5   
ALA OXT  O  N N 6   
ALA H    H  N N 7   
ALA H2   H  N N 8   
ALA HA   H  N N 9   
ALA HB1  H  N N 10  
ALA HB2  H  N N 11  
ALA HB3  H  N N 12  
ALA HXT  H  N N 13  
ARG N    N  N N 14  
ARG CA   C  N S 15  
ARG C    C  N N 16  
ARG O    O  N N 17  
ARG CB   C  N N 18  
ARG CG   C  N N 19  
ARG CD   C  N N 20  
ARG NE   N  N N 21  
ARG CZ   C  N N 22  
ARG NH1  N  N N 23  
ARG NH2  N  N N 24  
ARG OXT  O  N N 25  
ARG H    H  N N 26  
ARG H2   H  N N 27  
ARG HA   H  N N 28  
ARG HB2  H  N N 29  
ARG HB3  H  N N 30  
ARG HG2  H  N N 31  
ARG HG3  H  N N 32  
ARG HD2  H  N N 33  
ARG HD3  H  N N 34  
ARG HE   H  N N 35  
ARG HH11 H  N N 36  
ARG HH12 H  N N 37  
ARG HH21 H  N N 38  
ARG HH22 H  N N 39  
ARG HXT  H  N N 40  
ASN N    N  N N 41  
ASN CA   C  N S 42  
ASN C    C  N N 43  
ASN O    O  N N 44  
ASN CB   C  N N 45  
ASN CG   C  N N 46  
ASN OD1  O  N N 47  
ASN ND2  N  N N 48  
ASN OXT  O  N N 49  
ASN H    H  N N 50  
ASN H2   H  N N 51  
ASN HA   H  N N 52  
ASN HB2  H  N N 53  
ASN HB3  H  N N 54  
ASN HD21 H  N N 55  
ASN HD22 H  N N 56  
ASN HXT  H  N N 57  
ASP N    N  N N 58  
ASP CA   C  N S 59  
ASP C    C  N N 60  
ASP O    O  N N 61  
ASP CB   C  N N 62  
ASP CG   C  N N 63  
ASP OD1  O  N N 64  
ASP OD2  O  N N 65  
ASP OXT  O  N N 66  
ASP H    H  N N 67  
ASP H2   H  N N 68  
ASP HA   H  N N 69  
ASP HB2  H  N N 70  
ASP HB3  H  N N 71  
ASP HD2  H  N N 72  
ASP HXT  H  N N 73  
CA  CA   CA N N 74  
GAL C1   C  N R 75  
GAL C2   C  N R 76  
GAL C3   C  N S 77  
GAL C4   C  N R 78  
GAL C5   C  N R 79  
GAL C6   C  N N 80  
GAL O1   O  N N 81  
GAL O2   O  N N 82  
GAL O3   O  N N 83  
GAL O4   O  N N 84  
GAL O5   O  N N 85  
GAL O6   O  N N 86  
GAL H1   H  N N 87  
GAL H2   H  N N 88  
GAL H3   H  N N 89  
GAL H4   H  N N 90  
GAL H5   H  N N 91  
GAL H61  H  N N 92  
GAL H62  H  N N 93  
GAL HO1  H  N N 94  
GAL HO2  H  N N 95  
GAL HO3  H  N N 96  
GAL HO4  H  N N 97  
GAL HO6  H  N N 98  
GLN N    N  N N 99  
GLN CA   C  N S 100 
GLN C    C  N N 101 
GLN O    O  N N 102 
GLN CB   C  N N 103 
GLN CG   C  N N 104 
GLN CD   C  N N 105 
GLN OE1  O  N N 106 
GLN NE2  N  N N 107 
GLN OXT  O  N N 108 
GLN H    H  N N 109 
GLN H2   H  N N 110 
GLN HA   H  N N 111 
GLN HB2  H  N N 112 
GLN HB3  H  N N 113 
GLN HG2  H  N N 114 
GLN HG3  H  N N 115 
GLN HE21 H  N N 116 
GLN HE22 H  N N 117 
GLN HXT  H  N N 118 
GLU N    N  N N 119 
GLU CA   C  N S 120 
GLU C    C  N N 121 
GLU O    O  N N 122 
GLU CB   C  N N 123 
GLU CG   C  N N 124 
GLU CD   C  N N 125 
GLU OE1  O  N N 126 
GLU OE2  O  N N 127 
GLU OXT  O  N N 128 
GLU H    H  N N 129 
GLU H2   H  N N 130 
GLU HA   H  N N 131 
GLU HB2  H  N N 132 
GLU HB3  H  N N 133 
GLU HG2  H  N N 134 
GLU HG3  H  N N 135 
GLU HE2  H  N N 136 
GLU HXT  H  N N 137 
GLY N    N  N N 138 
GLY CA   C  N N 139 
GLY C    C  N N 140 
GLY O    O  N N 141 
GLY OXT  O  N N 142 
GLY H    H  N N 143 
GLY H2   H  N N 144 
GLY HA2  H  N N 145 
GLY HA3  H  N N 146 
GLY HXT  H  N N 147 
HIS N    N  N N 148 
HIS CA   C  N S 149 
HIS C    C  N N 150 
HIS O    O  N N 151 
HIS CB   C  N N 152 
HIS CG   C  Y N 153 
HIS ND1  N  Y N 154 
HIS CD2  C  Y N 155 
HIS CE1  C  Y N 156 
HIS NE2  N  Y N 157 
HIS OXT  O  N N 158 
HIS H    H  N N 159 
HIS H2   H  N N 160 
HIS HA   H  N N 161 
HIS HB2  H  N N 162 
HIS HB3  H  N N 163 
HIS HD1  H  N N 164 
HIS HD2  H  N N 165 
HIS HE1  H  N N 166 
HIS HE2  H  N N 167 
HIS HXT  H  N N 168 
HOH O    O  N N 169 
HOH H1   H  N N 170 
HOH H2   H  N N 171 
ILE N    N  N N 172 
ILE CA   C  N S 173 
ILE C    C  N N 174 
ILE O    O  N N 175 
ILE CB   C  N S 176 
ILE CG1  C  N N 177 
ILE CG2  C  N N 178 
ILE CD1  C  N N 179 
ILE OXT  O  N N 180 
ILE H    H  N N 181 
ILE H2   H  N N 182 
ILE HA   H  N N 183 
ILE HB   H  N N 184 
ILE HG12 H  N N 185 
ILE HG13 H  N N 186 
ILE HG21 H  N N 187 
ILE HG22 H  N N 188 
ILE HG23 H  N N 189 
ILE HD11 H  N N 190 
ILE HD12 H  N N 191 
ILE HD13 H  N N 192 
ILE HXT  H  N N 193 
LEU N    N  N N 194 
LEU CA   C  N S 195 
LEU C    C  N N 196 
LEU O    O  N N 197 
LEU CB   C  N N 198 
LEU CG   C  N N 199 
LEU CD1  C  N N 200 
LEU CD2  C  N N 201 
LEU OXT  O  N N 202 
LEU H    H  N N 203 
LEU H2   H  N N 204 
LEU HA   H  N N 205 
LEU HB2  H  N N 206 
LEU HB3  H  N N 207 
LEU HG   H  N N 208 
LEU HD11 H  N N 209 
LEU HD12 H  N N 210 
LEU HD13 H  N N 211 
LEU HD21 H  N N 212 
LEU HD22 H  N N 213 
LEU HD23 H  N N 214 
LEU HXT  H  N N 215 
LYS N    N  N N 216 
LYS CA   C  N S 217 
LYS C    C  N N 218 
LYS O    O  N N 219 
LYS CB   C  N N 220 
LYS CG   C  N N 221 
LYS CD   C  N N 222 
LYS CE   C  N N 223 
LYS NZ   N  N N 224 
LYS OXT  O  N N 225 
LYS H    H  N N 226 
LYS H2   H  N N 227 
LYS HA   H  N N 228 
LYS HB2  H  N N 229 
LYS HB3  H  N N 230 
LYS HG2  H  N N 231 
LYS HG3  H  N N 232 
LYS HD2  H  N N 233 
LYS HD3  H  N N 234 
LYS HE2  H  N N 235 
LYS HE3  H  N N 236 
LYS HZ1  H  N N 237 
LYS HZ2  H  N N 238 
LYS HZ3  H  N N 239 
LYS HXT  H  N N 240 
MET N    N  N N 241 
MET CA   C  N S 242 
MET C    C  N N 243 
MET O    O  N N 244 
MET CB   C  N N 245 
MET CG   C  N N 246 
MET SD   S  N N 247 
MET CE   C  N N 248 
MET OXT  O  N N 249 
MET H    H  N N 250 
MET H2   H  N N 251 
MET HA   H  N N 252 
MET HB2  H  N N 253 
MET HB3  H  N N 254 
MET HG2  H  N N 255 
MET HG3  H  N N 256 
MET HE1  H  N N 257 
MET HE2  H  N N 258 
MET HE3  H  N N 259 
MET HXT  H  N N 260 
NDG C1   C  N S 261 
NDG C2   C  N R 262 
NDG C3   C  N R 263 
NDG C4   C  N S 264 
NDG C5   C  N R 265 
NDG C6   C  N N 266 
NDG C7   C  N N 267 
NDG C8   C  N N 268 
NDG O5   O  N N 269 
NDG O3   O  N N 270 
NDG O4   O  N N 271 
NDG O6   O  N N 272 
NDG O7   O  N N 273 
NDG N2   N  N N 274 
NDG O1   O  N N 275 
NDG H1   H  N N 276 
NDG H2   H  N N 277 
NDG H3   H  N N 278 
NDG H4   H  N N 279 
NDG H5   H  N N 280 
NDG H61  H  N N 281 
NDG H62  H  N N 282 
NDG H81  H  N N 283 
NDG H82  H  N N 284 
NDG H83  H  N N 285 
NDG HO3  H  N N 286 
NDG HO4  H  N N 287 
NDG HO6  H  N N 288 
NDG HN2  H  N N 289 
NDG HO1  H  N N 290 
PHE N    N  N N 291 
PHE CA   C  N S 292 
PHE C    C  N N 293 
PHE O    O  N N 294 
PHE CB   C  N N 295 
PHE CG   C  Y N 296 
PHE CD1  C  Y N 297 
PHE CD2  C  Y N 298 
PHE CE1  C  Y N 299 
PHE CE2  C  Y N 300 
PHE CZ   C  Y N 301 
PHE OXT  O  N N 302 
PHE H    H  N N 303 
PHE H2   H  N N 304 
PHE HA   H  N N 305 
PHE HB2  H  N N 306 
PHE HB3  H  N N 307 
PHE HD1  H  N N 308 
PHE HD2  H  N N 309 
PHE HE1  H  N N 310 
PHE HE2  H  N N 311 
PHE HZ   H  N N 312 
PHE HXT  H  N N 313 
PRO N    N  N N 314 
PRO CA   C  N S 315 
PRO C    C  N N 316 
PRO O    O  N N 317 
PRO CB   C  N N 318 
PRO CG   C  N N 319 
PRO CD   C  N N 320 
PRO OXT  O  N N 321 
PRO H    H  N N 322 
PRO HA   H  N N 323 
PRO HB2  H  N N 324 
PRO HB3  H  N N 325 
PRO HG2  H  N N 326 
PRO HG3  H  N N 327 
PRO HD2  H  N N 328 
PRO HD3  H  N N 329 
PRO HXT  H  N N 330 
SER N    N  N N 331 
SER CA   C  N S 332 
SER C    C  N N 333 
SER O    O  N N 334 
SER CB   C  N N 335 
SER OG   O  N N 336 
SER OXT  O  N N 337 
SER H    H  N N 338 
SER H2   H  N N 339 
SER HA   H  N N 340 
SER HB2  H  N N 341 
SER HB3  H  N N 342 
SER HG   H  N N 343 
SER HXT  H  N N 344 
THR N    N  N N 345 
THR CA   C  N S 346 
THR C    C  N N 347 
THR O    O  N N 348 
THR CB   C  N R 349 
THR OG1  O  N N 350 
THR CG2  C  N N 351 
THR OXT  O  N N 352 
THR H    H  N N 353 
THR H2   H  N N 354 
THR HA   H  N N 355 
THR HB   H  N N 356 
THR HG1  H  N N 357 
THR HG21 H  N N 358 
THR HG22 H  N N 359 
THR HG23 H  N N 360 
THR HXT  H  N N 361 
TRP N    N  N N 362 
TRP CA   C  N S 363 
TRP C    C  N N 364 
TRP O    O  N N 365 
TRP CB   C  N N 366 
TRP CG   C  Y N 367 
TRP CD1  C  Y N 368 
TRP CD2  C  Y N 369 
TRP NE1  N  Y N 370 
TRP CE2  C  Y N 371 
TRP CE3  C  Y N 372 
TRP CZ2  C  Y N 373 
TRP CZ3  C  Y N 374 
TRP CH2  C  Y N 375 
TRP OXT  O  N N 376 
TRP H    H  N N 377 
TRP H2   H  N N 378 
TRP HA   H  N N 379 
TRP HB2  H  N N 380 
TRP HB3  H  N N 381 
TRP HD1  H  N N 382 
TRP HE1  H  N N 383 
TRP HE3  H  N N 384 
TRP HZ2  H  N N 385 
TRP HZ3  H  N N 386 
TRP HH2  H  N N 387 
TRP HXT  H  N N 388 
TYR N    N  N N 389 
TYR CA   C  N S 390 
TYR C    C  N N 391 
TYR O    O  N N 392 
TYR CB   C  N N 393 
TYR CG   C  Y N 394 
TYR CD1  C  Y N 395 
TYR CD2  C  Y N 396 
TYR CE1  C  Y N 397 
TYR CE2  C  Y N 398 
TYR CZ   C  Y N 399 
TYR OH   O  N N 400 
TYR OXT  O  N N 401 
TYR H    H  N N 402 
TYR H2   H  N N 403 
TYR HA   H  N N 404 
TYR HB2  H  N N 405 
TYR HB3  H  N N 406 
TYR HD1  H  N N 407 
TYR HD2  H  N N 408 
TYR HE1  H  N N 409 
TYR HE2  H  N N 410 
TYR HH   H  N N 411 
TYR HXT  H  N N 412 
VAL N    N  N N 413 
VAL CA   C  N S 414 
VAL C    C  N N 415 
VAL O    O  N N 416 
VAL CB   C  N N 417 
VAL CG1  C  N N 418 
VAL CG2  C  N N 419 
VAL OXT  O  N N 420 
VAL H    H  N N 421 
VAL H2   H  N N 422 
VAL HA   H  N N 423 
VAL HB   H  N N 424 
VAL HG11 H  N N 425 
VAL HG12 H  N N 426 
VAL HG13 H  N N 427 
VAL HG21 H  N N 428 
VAL HG22 H  N N 429 
VAL HG23 H  N N 430 
VAL HXT  H  N N 431 
# 
loop_
_chem_comp_bond.comp_id 
_chem_comp_bond.atom_id_1 
_chem_comp_bond.atom_id_2 
_chem_comp_bond.value_order 
_chem_comp_bond.pdbx_aromatic_flag 
_chem_comp_bond.pdbx_stereo_config 
_chem_comp_bond.pdbx_ordinal 
ALA N   CA   sing N N 1   
ALA N   H    sing N N 2   
ALA N   H2   sing N N 3   
ALA CA  C    sing N N 4   
ALA CA  CB   sing N N 5   
ALA CA  HA   sing N N 6   
ALA C   O    doub N N 7   
ALA C   OXT  sing N N 8   
ALA CB  HB1  sing N N 9   
ALA CB  HB2  sing N N 10  
ALA CB  HB3  sing N N 11  
ALA OXT HXT  sing N N 12  
ARG N   CA   sing N N 13  
ARG N   H    sing N N 14  
ARG N   H2   sing N N 15  
ARG CA  C    sing N N 16  
ARG CA  CB   sing N N 17  
ARG CA  HA   sing N N 18  
ARG C   O    doub N N 19  
ARG C   OXT  sing N N 20  
ARG CB  CG   sing N N 21  
ARG CB  HB2  sing N N 22  
ARG CB  HB3  sing N N 23  
ARG CG  CD   sing N N 24  
ARG CG  HG2  sing N N 25  
ARG CG  HG3  sing N N 26  
ARG CD  NE   sing N N 27  
ARG CD  HD2  sing N N 28  
ARG CD  HD3  sing N N 29  
ARG NE  CZ   sing N N 30  
ARG NE  HE   sing N N 31  
ARG CZ  NH1  sing N N 32  
ARG CZ  NH2  doub N N 33  
ARG NH1 HH11 sing N N 34  
ARG NH1 HH12 sing N N 35  
ARG NH2 HH21 sing N N 36  
ARG NH2 HH22 sing N N 37  
ARG OXT HXT  sing N N 38  
ASN N   CA   sing N N 39  
ASN N   H    sing N N 40  
ASN N   H2   sing N N 41  
ASN CA  C    sing N N 42  
ASN CA  CB   sing N N 43  
ASN CA  HA   sing N N 44  
ASN C   O    doub N N 45  
ASN C   OXT  sing N N 46  
ASN CB  CG   sing N N 47  
ASN CB  HB2  sing N N 48  
ASN CB  HB3  sing N N 49  
ASN CG  OD1  doub N N 50  
ASN CG  ND2  sing N N 51  
ASN ND2 HD21 sing N N 52  
ASN ND2 HD22 sing N N 53  
ASN OXT HXT  sing N N 54  
ASP N   CA   sing N N 55  
ASP N   H    sing N N 56  
ASP N   H2   sing N N 57  
ASP CA  C    sing N N 58  
ASP CA  CB   sing N N 59  
ASP CA  HA   sing N N 60  
ASP C   O    doub N N 61  
ASP C   OXT  sing N N 62  
ASP CB  CG   sing N N 63  
ASP CB  HB2  sing N N 64  
ASP CB  HB3  sing N N 65  
ASP CG  OD1  doub N N 66  
ASP CG  OD2  sing N N 67  
ASP OD2 HD2  sing N N 68  
ASP OXT HXT  sing N N 69  
GAL C1  C2   sing N N 70  
GAL C1  O1   sing N N 71  
GAL C1  O5   sing N N 72  
GAL C1  H1   sing N N 73  
GAL C2  C3   sing N N 74  
GAL C2  O2   sing N N 75  
GAL C2  H2   sing N N 76  
GAL C3  C4   sing N N 77  
GAL C3  O3   sing N N 78  
GAL C3  H3   sing N N 79  
GAL C4  C5   sing N N 80  
GAL C4  O4   sing N N 81  
GAL C4  H4   sing N N 82  
GAL C5  C6   sing N N 83  
GAL C5  O5   sing N N 84  
GAL C5  H5   sing N N 85  
GAL C6  O6   sing N N 86  
GAL C6  H61  sing N N 87  
GAL C6  H62  sing N N 88  
GAL O1  HO1  sing N N 89  
GAL O2  HO2  sing N N 90  
GAL O3  HO3  sing N N 91  
GAL O4  HO4  sing N N 92  
GAL O6  HO6  sing N N 93  
GLN N   CA   sing N N 94  
GLN N   H    sing N N 95  
GLN N   H2   sing N N 96  
GLN CA  C    sing N N 97  
GLN CA  CB   sing N N 98  
GLN CA  HA   sing N N 99  
GLN C   O    doub N N 100 
GLN C   OXT  sing N N 101 
GLN CB  CG   sing N N 102 
GLN CB  HB2  sing N N 103 
GLN CB  HB3  sing N N 104 
GLN CG  CD   sing N N 105 
GLN CG  HG2  sing N N 106 
GLN CG  HG3  sing N N 107 
GLN CD  OE1  doub N N 108 
GLN CD  NE2  sing N N 109 
GLN NE2 HE21 sing N N 110 
GLN NE2 HE22 sing N N 111 
GLN OXT HXT  sing N N 112 
GLU N   CA   sing N N 113 
GLU N   H    sing N N 114 
GLU N   H2   sing N N 115 
GLU CA  C    sing N N 116 
GLU CA  CB   sing N N 117 
GLU CA  HA   sing N N 118 
GLU C   O    doub N N 119 
GLU C   OXT  sing N N 120 
GLU CB  CG   sing N N 121 
GLU CB  HB2  sing N N 122 
GLU CB  HB3  sing N N 123 
GLU CG  CD   sing N N 124 
GLU CG  HG2  sing N N 125 
GLU CG  HG3  sing N N 126 
GLU CD  OE1  doub N N 127 
GLU CD  OE2  sing N N 128 
GLU OE2 HE2  sing N N 129 
GLU OXT HXT  sing N N 130 
GLY N   CA   sing N N 131 
GLY N   H    sing N N 132 
GLY N   H2   sing N N 133 
GLY CA  C    sing N N 134 
GLY CA  HA2  sing N N 135 
GLY CA  HA3  sing N N 136 
GLY C   O    doub N N 137 
GLY C   OXT  sing N N 138 
GLY OXT HXT  sing N N 139 
HIS N   CA   sing N N 140 
HIS N   H    sing N N 141 
HIS N   H2   sing N N 142 
HIS CA  C    sing N N 143 
HIS CA  CB   sing N N 144 
HIS CA  HA   sing N N 145 
HIS C   O    doub N N 146 
HIS C   OXT  sing N N 147 
HIS CB  CG   sing N N 148 
HIS CB  HB2  sing N N 149 
HIS CB  HB3  sing N N 150 
HIS CG  ND1  sing Y N 151 
HIS CG  CD2  doub Y N 152 
HIS ND1 CE1  doub Y N 153 
HIS ND1 HD1  sing N N 154 
HIS CD2 NE2  sing Y N 155 
HIS CD2 HD2  sing N N 156 
HIS CE1 NE2  sing Y N 157 
HIS CE1 HE1  sing N N 158 
HIS NE2 HE2  sing N N 159 
HIS OXT HXT  sing N N 160 
HOH O   H1   sing N N 161 
HOH O   H2   sing N N 162 
ILE N   CA   sing N N 163 
ILE N   H    sing N N 164 
ILE N   H2   sing N N 165 
ILE CA  C    sing N N 166 
ILE CA  CB   sing N N 167 
ILE CA  HA   sing N N 168 
ILE C   O    doub N N 169 
ILE C   OXT  sing N N 170 
ILE CB  CG1  sing N N 171 
ILE CB  CG2  sing N N 172 
ILE CB  HB   sing N N 173 
ILE CG1 CD1  sing N N 174 
ILE CG1 HG12 sing N N 175 
ILE CG1 HG13 sing N N 176 
ILE CG2 HG21 sing N N 177 
ILE CG2 HG22 sing N N 178 
ILE CG2 HG23 sing N N 179 
ILE CD1 HD11 sing N N 180 
ILE CD1 HD12 sing N N 181 
ILE CD1 HD13 sing N N 182 
ILE OXT HXT  sing N N 183 
LEU N   CA   sing N N 184 
LEU N   H    sing N N 185 
LEU N   H2   sing N N 186 
LEU CA  C    sing N N 187 
LEU CA  CB   sing N N 188 
LEU CA  HA   sing N N 189 
LEU C   O    doub N N 190 
LEU C   OXT  sing N N 191 
LEU CB  CG   sing N N 192 
LEU CB  HB2  sing N N 193 
LEU CB  HB3  sing N N 194 
LEU CG  CD1  sing N N 195 
LEU CG  CD2  sing N N 196 
LEU CG  HG   sing N N 197 
LEU CD1 HD11 sing N N 198 
LEU CD1 HD12 sing N N 199 
LEU CD1 HD13 sing N N 200 
LEU CD2 HD21 sing N N 201 
LEU CD2 HD22 sing N N 202 
LEU CD2 HD23 sing N N 203 
LEU OXT HXT  sing N N 204 
LYS N   CA   sing N N 205 
LYS N   H    sing N N 206 
LYS N   H2   sing N N 207 
LYS CA  C    sing N N 208 
LYS CA  CB   sing N N 209 
LYS CA  HA   sing N N 210 
LYS C   O    doub N N 211 
LYS C   OXT  sing N N 212 
LYS CB  CG   sing N N 213 
LYS CB  HB2  sing N N 214 
LYS CB  HB3  sing N N 215 
LYS CG  CD   sing N N 216 
LYS CG  HG2  sing N N 217 
LYS CG  HG3  sing N N 218 
LYS CD  CE   sing N N 219 
LYS CD  HD2  sing N N 220 
LYS CD  HD3  sing N N 221 
LYS CE  NZ   sing N N 222 
LYS CE  HE2  sing N N 223 
LYS CE  HE3  sing N N 224 
LYS NZ  HZ1  sing N N 225 
LYS NZ  HZ2  sing N N 226 
LYS NZ  HZ3  sing N N 227 
LYS OXT HXT  sing N N 228 
MET N   CA   sing N N 229 
MET N   H    sing N N 230 
MET N   H2   sing N N 231 
MET CA  C    sing N N 232 
MET CA  CB   sing N N 233 
MET CA  HA   sing N N 234 
MET C   O    doub N N 235 
MET C   OXT  sing N N 236 
MET CB  CG   sing N N 237 
MET CB  HB2  sing N N 238 
MET CB  HB3  sing N N 239 
MET CG  SD   sing N N 240 
MET CG  HG2  sing N N 241 
MET CG  HG3  sing N N 242 
MET SD  CE   sing N N 243 
MET CE  HE1  sing N N 244 
MET CE  HE2  sing N N 245 
MET CE  HE3  sing N N 246 
MET OXT HXT  sing N N 247 
NDG C1  C2   sing N N 248 
NDG C1  O5   sing N N 249 
NDG C1  O1   sing N N 250 
NDG C1  H1   sing N N 251 
NDG C2  C3   sing N N 252 
NDG C2  N2   sing N N 253 
NDG C2  H2   sing N N 254 
NDG C3  C4   sing N N 255 
NDG C3  O3   sing N N 256 
NDG C3  H3   sing N N 257 
NDG C4  C5   sing N N 258 
NDG C4  O4   sing N N 259 
NDG C4  H4   sing N N 260 
NDG C5  C6   sing N N 261 
NDG C5  O5   sing N N 262 
NDG C5  H5   sing N N 263 
NDG C6  O6   sing N N 264 
NDG C6  H61  sing N N 265 
NDG C6  H62  sing N N 266 
NDG C7  C8   sing N N 267 
NDG C7  O7   doub N N 268 
NDG C7  N2   sing N N 269 
NDG C8  H81  sing N N 270 
NDG C8  H82  sing N N 271 
NDG C8  H83  sing N N 272 
NDG O3  HO3  sing N N 273 
NDG O4  HO4  sing N N 274 
NDG O6  HO6  sing N N 275 
NDG N2  HN2  sing N N 276 
NDG O1  HO1  sing N N 277 
PHE N   CA   sing N N 278 
PHE N   H    sing N N 279 
PHE N   H2   sing N N 280 
PHE CA  C    sing N N 281 
PHE CA  CB   sing N N 282 
PHE CA  HA   sing N N 283 
PHE C   O    doub N N 284 
PHE C   OXT  sing N N 285 
PHE CB  CG   sing N N 286 
PHE CB  HB2  sing N N 287 
PHE CB  HB3  sing N N 288 
PHE CG  CD1  doub Y N 289 
PHE CG  CD2  sing Y N 290 
PHE CD1 CE1  sing Y N 291 
PHE CD1 HD1  sing N N 292 
PHE CD2 CE2  doub Y N 293 
PHE CD2 HD2  sing N N 294 
PHE CE1 CZ   doub Y N 295 
PHE CE1 HE1  sing N N 296 
PHE CE2 CZ   sing Y N 297 
PHE CE2 HE2  sing N N 298 
PHE CZ  HZ   sing N N 299 
PHE OXT HXT  sing N N 300 
PRO N   CA   sing N N 301 
PRO N   CD   sing N N 302 
PRO N   H    sing N N 303 
PRO CA  C    sing N N 304 
PRO CA  CB   sing N N 305 
PRO CA  HA   sing N N 306 
PRO C   O    doub N N 307 
PRO C   OXT  sing N N 308 
PRO CB  CG   sing N N 309 
PRO CB  HB2  sing N N 310 
PRO CB  HB3  sing N N 311 
PRO CG  CD   sing N N 312 
PRO CG  HG2  sing N N 313 
PRO CG  HG3  sing N N 314 
PRO CD  HD2  sing N N 315 
PRO CD  HD3  sing N N 316 
PRO OXT HXT  sing N N 317 
SER N   CA   sing N N 318 
SER N   H    sing N N 319 
SER N   H2   sing N N 320 
SER CA  C    sing N N 321 
SER CA  CB   sing N N 322 
SER CA  HA   sing N N 323 
SER C   O    doub N N 324 
SER C   OXT  sing N N 325 
SER CB  OG   sing N N 326 
SER CB  HB2  sing N N 327 
SER CB  HB3  sing N N 328 
SER OG  HG   sing N N 329 
SER OXT HXT  sing N N 330 
THR N   CA   sing N N 331 
THR N   H    sing N N 332 
THR N   H2   sing N N 333 
THR CA  C    sing N N 334 
THR CA  CB   sing N N 335 
THR CA  HA   sing N N 336 
THR C   O    doub N N 337 
THR C   OXT  sing N N 338 
THR CB  OG1  sing N N 339 
THR CB  CG2  sing N N 340 
THR CB  HB   sing N N 341 
THR OG1 HG1  sing N N 342 
THR CG2 HG21 sing N N 343 
THR CG2 HG22 sing N N 344 
THR CG2 HG23 sing N N 345 
THR OXT HXT  sing N N 346 
TRP N   CA   sing N N 347 
TRP N   H    sing N N 348 
TRP N   H2   sing N N 349 
TRP CA  C    sing N N 350 
TRP CA  CB   sing N N 351 
TRP CA  HA   sing N N 352 
TRP C   O    doub N N 353 
TRP C   OXT  sing N N 354 
TRP CB  CG   sing N N 355 
TRP CB  HB2  sing N N 356 
TRP CB  HB3  sing N N 357 
TRP CG  CD1  doub Y N 358 
TRP CG  CD2  sing Y N 359 
TRP CD1 NE1  sing Y N 360 
TRP CD1 HD1  sing N N 361 
TRP CD2 CE2  doub Y N 362 
TRP CD2 CE3  sing Y N 363 
TRP NE1 CE2  sing Y N 364 
TRP NE1 HE1  sing N N 365 
TRP CE2 CZ2  sing Y N 366 
TRP CE3 CZ3  doub Y N 367 
TRP CE3 HE3  sing N N 368 
TRP CZ2 CH2  doub Y N 369 
TRP CZ2 HZ2  sing N N 370 
TRP CZ3 CH2  sing Y N 371 
TRP CZ3 HZ3  sing N N 372 
TRP CH2 HH2  sing N N 373 
TRP OXT HXT  sing N N 374 
TYR N   CA   sing N N 375 
TYR N   H    sing N N 376 
TYR N   H2   sing N N 377 
TYR CA  C    sing N N 378 
TYR CA  CB   sing N N 379 
TYR CA  HA   sing N N 380 
TYR C   O    doub N N 381 
TYR C   OXT  sing N N 382 
TYR CB  CG   sing N N 383 
TYR CB  HB2  sing N N 384 
TYR CB  HB3  sing N N 385 
TYR CG  CD1  doub Y N 386 
TYR CG  CD2  sing Y N 387 
TYR CD1 CE1  sing Y N 388 
TYR CD1 HD1  sing N N 389 
TYR CD2 CE2  doub Y N 390 
TYR CD2 HD2  sing N N 391 
TYR CE1 CZ   doub Y N 392 
TYR CE1 HE1  sing N N 393 
TYR CE2 CZ   sing Y N 394 
TYR CE2 HE2  sing N N 395 
TYR CZ  OH   sing N N 396 
TYR OH  HH   sing N N 397 
TYR OXT HXT  sing N N 398 
VAL N   CA   sing N N 399 
VAL N   H    sing N N 400 
VAL N   H2   sing N N 401 
VAL CA  C    sing N N 402 
VAL CA  CB   sing N N 403 
VAL CA  HA   sing N N 404 
VAL C   O    doub N N 405 
VAL C   OXT  sing N N 406 
VAL CB  CG1  sing N N 407 
VAL CB  CG2  sing N N 408 
VAL CB  HB   sing N N 409 
VAL CG1 HG11 sing N N 410 
VAL CG1 HG12 sing N N 411 
VAL CG1 HG13 sing N N 412 
VAL CG2 HG21 sing N N 413 
VAL CG2 HG22 sing N N 414 
VAL CG2 HG23 sing N N 415 
VAL OXT HXT  sing N N 416 
# 
loop_
_pdbx_entity_branch_list.entity_id 
_pdbx_entity_branch_list.comp_id 
_pdbx_entity_branch_list.num 
_pdbx_entity_branch_list.hetero 
2 NDG 1 n 
2 GAL 2 n 
# 
_atom_sites.entry_id                    2J1E 
_atom_sites.fract_transf_matrix[1][1]   -0.00732711 
_atom_sites.fract_transf_matrix[1][2]   0.00904753 
_atom_sites.fract_transf_matrix[1][3]   0.00561119 
_atom_sites.fract_transf_matrix[2][1]   -0.00650932 
_atom_sites.fract_transf_matrix[2][2]   -0.00919731 
_atom_sites.fract_transf_matrix[2][3]   0.00632993 
_atom_sites.fract_transf_matrix[3][1]   0.00887818 
_atom_sites.fract_transf_matrix[3][2]   0.00080360 
_atom_sites.fract_transf_matrix[3][3]   0.01029741 
_atom_sites.fract_transf_vector[1]      0.627868 
_atom_sites.fract_transf_vector[2]      0.157257 
_atom_sites.fract_transf_vector[3]      0.156370 
# 
loop_
_atom_type.symbol 
C  
CA 
N  
O  
S  
# 
loop_
_atom_site.group_PDB 
_atom_site.id 
_atom_site.type_symbol 
_atom_site.label_atom_id 
_atom_site.label_alt_id 
_atom_site.label_comp_id 
_atom_site.label_asym_id 
_atom_site.label_entity_id 
_atom_site.label_seq_id 
_atom_site.pdbx_PDB_ins_code 
_atom_site.Cartn_x 
_atom_site.Cartn_y 
_atom_site.Cartn_z 
_atom_site.occupancy 
_atom_site.B_iso_or_equiv 
_atom_site.pdbx_formal_charge 
_atom_site.auth_seq_id 
_atom_site.auth_comp_id 
_atom_site.auth_asym_id 
_atom_site.auth_atom_id 
_atom_site.pdbx_PDB_model_num 
ATOM   1    N  N   . PRO A 1 9   ? -5.451  13.863  8.573   1.00 41.60  ? 626  PRO A N   1 
ATOM   2    C  CA  . PRO A 1 9   ? -6.439  12.913  7.987   1.00 41.43  ? 626  PRO A CA  1 
ATOM   3    C  C   . PRO A 1 9   ? -6.327  11.601  8.727   1.00 41.74  ? 626  PRO A C   1 
ATOM   4    O  O   . PRO A 1 9   ? -5.247  10.974  8.675   1.00 42.95  ? 626  PRO A O   1 
ATOM   5    C  CB  . PRO A 1 9   ? -5.963  12.733  6.535   1.00 40.55  ? 626  PRO A CB  1 
ATOM   6    C  CG  . PRO A 1 9   ? -5.027  13.816  6.275   1.00 40.98  ? 626  PRO A CG  1 
ATOM   7    C  CD  . PRO A 1 9   ? -4.390  14.197  7.603   1.00 41.82  ? 626  PRO A CD  1 
ATOM   8    N  N   . ARG A 1 10  ? -7.396  11.198  9.415   1.00 41.20  ? 627  ARG A N   1 
ATOM   9    C  CA  . ARG A 1 10  ? -7.435  9.904   10.072  1.00 40.28  ? 627  ARG A CA  1 
ATOM   10   C  C   . ARG A 1 10  ? -7.912  8.809   9.082   1.00 39.05  ? 627  ARG A C   1 
ATOM   11   O  O   . ARG A 1 10  ? -8.940  8.953   8.382   1.00 37.54  ? 627  ARG A O   1 
ATOM   12   C  CB  . ARG A 1 10  ? -8.299  9.966   11.361  1.00 41.50  ? 627  ARG A CB  1 
ATOM   13   C  CG  . ARG A 1 10  ? -8.836  8.601   11.929  1.00 44.32  ? 627  ARG A CG  1 
ATOM   14   C  CD  . ARG A 1 10  ? -7.966  7.987   13.094  1.00 50.86  ? 627  ARG A CD  1 
ATOM   15   N  NE  . ARG A 1 10  ? -8.591  6.866   13.837  1.00 51.31  ? 627  ARG A NE  1 
ATOM   16   C  CZ  . ARG A 1 10  ? -7.984  6.147   14.824  1.00 52.42  ? 627  ARG A CZ  1 
ATOM   17   N  NH1 . ARG A 1 10  ? -6.717  6.404   15.188  1.00 51.59  ? 627  ARG A NH1 1 
ATOM   18   N  NH2 . ARG A 1 10  ? -8.644  5.161   15.449  1.00 48.13  ? 627  ARG A NH2 1 
ATOM   19   N  N   . THR A 1 11  ? -7.130  7.725   9.052   1.00 37.28  ? 628  THR A N   1 
ATOM   20   C  CA  . THR A 1 11  ? -7.481  6.467   8.427   1.00 34.98  ? 628  THR A CA  1 
ATOM   21   C  C   . THR A 1 11  ? -8.476  5.657   9.257   1.00 34.24  ? 628  THR A C   1 
ATOM   22   O  O   . THR A 1 11  ? -8.114  5.043   10.250  1.00 34.20  ? 628  THR A O   1 
ATOM   23   C  CB  . THR A 1 11  ? -6.201  5.642   8.204   1.00 34.84  ? 628  THR A CB  1 
ATOM   24   O  OG1 . THR A 1 11  ? -5.314  6.380   7.363   1.00 32.99  ? 628  THR A OG1 1 
ATOM   25   C  CG2 . THR A 1 11  ? -6.499  4.343   7.432   1.00 32.05  ? 628  THR A CG2 1 
ATOM   26   N  N   . VAL A 1 12  ? -9.730  5.652   8.818   1.00 33.53  ? 629  VAL A N   1 
ATOM   27   C  CA  . VAL A 1 12  ? -10.799 4.799   9.364   1.00 32.49  ? 629  VAL A CA  1 
ATOM   28   C  C   . VAL A 1 12  ? -10.489 3.317   9.146   1.00 32.07  ? 629  VAL A C   1 
ATOM   29   O  O   . VAL A 1 12  ? -10.580 2.492   10.082  1.00 32.05  ? 629  VAL A O   1 
ATOM   30   C  CB  . VAL A 1 12  ? -12.186 5.186   8.746   1.00 32.00  ? 629  VAL A CB  1 
ATOM   31   C  CG1 . VAL A 1 12  ? -13.272 4.120   9.024   1.00 31.75  ? 629  VAL A CG1 1 
ATOM   32   C  CG2 . VAL A 1 12  ? -12.615 6.556   9.282   1.00 33.72  ? 629  VAL A CG2 1 
ATOM   33   N  N   . LYS A 1 13  ? -10.129 2.965   7.919   1.00 31.02  ? 630  LYS A N   1 
ATOM   34   C  CA  . LYS A 1 13  ? -9.671  1.614   7.670   1.00 31.24  ? 630  LYS A CA  1 
ATOM   35   C  C   . LYS A 1 13  ? -8.864  1.491   6.399   1.00 30.13  ? 630  LYS A C   1 
ATOM   36   O  O   . LYS A 1 13  ? -8.955  2.362   5.509   1.00 30.01  ? 630  LYS A O   1 
ATOM   37   C  CB  . LYS A 1 13  ? -10.836 0.592   7.680   1.00 30.83  ? 630  LYS A CB  1 
ATOM   38   C  CG  . LYS A 1 13  ? -11.908 0.882   6.691   1.00 32.29  ? 630  LYS A CG  1 
ATOM   39   C  CD  . LYS A 1 13  ? -13.070 -0.086  6.796   1.00 30.84  ? 630  LYS A CD  1 
ATOM   40   C  CE  . LYS A 1 13  ? -12.645 -1.463  6.562   1.00 31.01  ? 630  LYS A CE  1 
ATOM   41   N  NZ  . LYS A 1 13  ? -13.804 -2.180  5.993   1.00 32.36  ? 630  LYS A NZ  1 
ATOM   42   N  N   . ILE A 1 14  ? -8.075  0.413   6.355   1.00 29.12  ? 631  ILE A N   1 
ATOM   43   C  CA  . ILE A 1 14  ? -7.363  -0.032  5.151   1.00 28.80  ? 631  ILE A CA  1 
ATOM   44   C  C   . ILE A 1 14  ? -8.002  -1.332  4.671   1.00 28.24  ? 631  ILE A C   1 
ATOM   45   O  O   . ILE A 1 14  ? -8.193  -2.263  5.459   1.00 27.50  ? 631  ILE A O   1 
ATOM   46   C  CB  . ILE A 1 14  ? -5.840  -0.213  5.437   1.00 29.63  ? 631  ILE A CB  1 
ATOM   47   C  CG1 . ILE A 1 14  ? -5.197  1.141   5.731   1.00 30.21  ? 631  ILE A CG1 1 
ATOM   48   C  CG2 . ILE A 1 14  ? -5.095  -0.795  4.247   1.00 27.65  ? 631  ILE A CG2 1 
ATOM   49   C  CD1 . ILE A 1 14  ? -3.779  1.256   5.257   1.00 27.07  ? 631  ILE A CD1 1 
ATOM   50   N  N   . THR A 1 15  ? -8.386  -1.367  3.394   1.00 27.21  ? 632  THR A N   1 
ATOM   51   C  CA  . THR A 1 15  ? -8.705  -2.630  2.722   1.00 26.49  ? 632  THR A CA  1 
ATOM   52   C  C   . THR A 1 15  ? -7.591  -2.931  1.672   1.00 26.64  ? 632  THR A C   1 
ATOM   53   O  O   . THR A 1 15  ? -6.803  -2.043  1.323   1.00 26.07  ? 632  THR A O   1 
ATOM   54   C  CB  . THR A 1 15  ? -10.116 -2.613  2.064   1.00 26.66  ? 632  THR A CB  1 
ATOM   55   O  OG1 . THR A 1 15  ? -10.178 -1.559  1.087   1.00 27.76  ? 632  THR A OG1 1 
ATOM   56   C  CG2 . THR A 1 15  ? -11.202 -2.254  3.081   1.00 26.19  ? 632  THR A CG2 1 
ATOM   57   N  N   . ALA A 1 16  ? -7.537  -4.183  1.201   1.00 25.59  ? 633  ALA A N   1 
ATOM   58   C  CA  . ALA A 1 16  ? -6.489  -4.650  0.311   1.00 24.79  ? 633  ALA A CA  1 
ATOM   59   C  C   . ALA A 1 16  ? -7.076  -5.692  -0.616  1.00 24.01  ? 633  ALA A C   1 
ATOM   60   O  O   . ALA A 1 16  ? -8.096  -6.307  -0.306  1.00 23.36  ? 633  ALA A O   1 
ATOM   61   C  CB  . ALA A 1 16  ? -5.332  -5.268  1.110   1.00 23.39  ? 633  ALA A CB  1 
ATOM   62   N  N   . SER A 1 17  ? -6.391  -5.934  -1.730  1.00 23.64  ? 634  SER A N   1 
ATOM   63   C  CA  . SER A 1 17  ? -6.744  -7.056  -2.618  1.00 23.28  ? 634  SER A CA  1 
ATOM   64   C  C   . SER A 1 17  ? -6.753  -8.382  -1.872  1.00 23.21  ? 634  SER A C   1 
ATOM   65   O  O   . SER A 1 17  ? -7.494  -9.313  -2.240  1.00 25.15  ? 634  SER A O   1 
ATOM   66   C  CB  . SER A 1 17  ? -5.725  -7.145  -3.742  1.00 22.28  ? 634  SER A CB  1 
ATOM   67   O  OG  . SER A 1 17  ? -4.442  -7.075  -3.188  1.00 22.20  ? 634  SER A OG  1 
ATOM   68   N  N   . SER A 1 18  ? -5.882  -8.498  -0.863  1.00 22.51  ? 635  SER A N   1 
ATOM   69   C  CA  . SER A 1 18  ? -5.753  -9.717  -0.038  1.00 20.87  ? 635  SER A CA  1 
ATOM   70   C  C   . SER A 1 18  ? -4.864  -9.405  1.173   1.00 20.54  ? 635  SER A C   1 
ATOM   71   O  O   . SER A 1 18  ? -4.224  -8.320  1.229   1.00 20.10  ? 635  SER A O   1 
ATOM   72   C  CB  . SER A 1 18  ? -5.139  -10.879 -0.856  1.00 21.29  ? 635  SER A CB  1 
ATOM   73   O  OG  . SER A 1 18  ? -3.728  -10.694 -1.026  1.00 17.71  ? 635  SER A OG  1 
ATOM   74   N  N   . GLU A 1 19  ? -4.809  -10.343 2.131   1.00 19.79  ? 636  GLU A N   1 
ATOM   75   C  CA  . GLU A 1 19  ? -3.968  -10.199 3.321   1.00 19.68  ? 636  GLU A CA  1 
ATOM   76   C  C   . GLU A 1 19  ? -3.625  -11.545 3.897   1.00 20.65  ? 636  GLU A C   1 
ATOM   77   O  O   . GLU A 1 19  ? -4.412  -12.508 3.734   1.00 20.82  ? 636  GLU A O   1 
ATOM   78   C  CB  . GLU A 1 19  ? -4.715  -9.365  4.386   1.00 20.55  ? 636  GLU A CB  1 
ATOM   79   C  CG  . GLU A 1 19  ? -5.938  -10.045 5.005   1.00 18.11  ? 636  GLU A CG  1 
ATOM   80   C  CD  . GLU A 1 19  ? -6.701  -9.180  5.998   1.00 19.93  ? 636  GLU A CD  1 
ATOM   81   O  OE1 . GLU A 1 19  ? -7.641  -9.695  6.616   1.00 23.35  ? 636  GLU A OE1 1 
ATOM   82   O  OE2 . GLU A 1 19  ? -6.397  -7.979  6.168   1.00 21.01  ? 636  GLU A OE2 1 
ATOM   83   N  N   . GLU A 1 20  ? -2.465  -11.629 4.566   1.00 21.04  ? 637  GLU A N   1 
ATOM   84   C  CA  . GLU A 1 20  ? -2.040  -12.864 5.207   1.00 21.80  ? 637  GLU A CA  1 
ATOM   85   C  C   . GLU A 1 20  ? -2.379  -12.883 6.685   1.00 23.26  ? 637  GLU A C   1 
ATOM   86   O  O   . GLU A 1 20  ? -1.924  -12.018 7.467   1.00 23.72  ? 637  GLU A O   1 
ATOM   87   C  CB  . GLU A 1 20  ? -0.531  -13.031 5.060   1.00 21.65  ? 637  GLU A CB  1 
ATOM   88   C  CG  . GLU A 1 20  ? -0.013  -14.349 5.584   1.00 21.52  ? 637  GLU A CG  1 
ATOM   89   C  CD  . GLU A 1 20  ? -0.617  -15.561 4.863   1.00 25.64  ? 637  GLU A CD  1 
ATOM   90   O  OE1 . GLU A 1 20  ? -0.627  -15.557 3.602   1.00 26.76  ? 637  GLU A OE1 1 
ATOM   91   O  OE2 . GLU A 1 20  ? -1.072  -16.529 5.541   1.00 26.92  ? 637  GLU A OE2 1 
ATOM   92   N  N   . THR A 1 21  ? -3.160  -13.871 7.098   1.00 24.72  ? 638  THR A N   1 
ATOM   93   C  CA  . THR A 1 21  ? -3.371  -14.138 8.551   1.00 25.00  ? 638  THR A CA  1 
ATOM   94   C  C   . THR A 1 21  ? -3.192  -15.605 8.968   1.00 25.85  ? 638  THR A C   1 
ATOM   95   O  O   . THR A 1 21  ? -3.523  -15.985 10.088  1.00 26.29  ? 638  THR A O   1 
ATOM   96   C  CB  . THR A 1 21  ? -4.737  -13.648 9.025   1.00 24.75  ? 638  THR A CB  1 
ATOM   97   O  OG1 . THR A 1 21  ? -5.769  -14.327 8.289   1.00 23.08  ? 638  THR A OG1 1 
ATOM   98   C  CG2 . THR A 1 21  ? -4.904  -12.151 8.710   1.00 23.72  ? 638  THR A CG2 1 
ATOM   99   N  N   . SER A 1 22  ? -2.642  -16.412 8.082   1.00 26.76  ? 639  SER A N   1 
ATOM   100  C  CA  . SER A 1 22  ? -2.563  -17.843 8.321   1.00 28.03  ? 639  SER A CA  1 
ATOM   101  C  C   . SER A 1 22  ? -1.101  -18.290 8.473   1.00 28.14  ? 639  SER A C   1 
ATOM   102  O  O   . SER A 1 22  ? -0.765  -18.924 9.486   1.00 28.39  ? 639  SER A O   1 
ATOM   103  C  CB  . SER A 1 22  ? -3.289  -18.591 7.194   1.00 28.50  ? 639  SER A CB  1 
ATOM   104  O  OG  . SER A 1 22  ? -3.066  -19.980 7.293   1.00 32.18  ? 639  SER A OG  1 
ATOM   105  N  N   . GLY A 1 23  ? -0.234  -17.926 7.509   1.00 27.03  ? 640  GLY A N   1 
ATOM   106  C  CA  . GLY A 1 23  ? 1.191   -18.212 7.623   1.00 26.72  ? 640  GLY A CA  1 
ATOM   107  C  C   . GLY A 1 23  ? 1.954   -17.310 8.594   1.00 26.76  ? 640  GLY A C   1 
ATOM   108  O  O   . GLY A 1 23  ? 3.023   -17.665 9.123   1.00 27.38  ? 640  GLY A O   1 
ATOM   109  N  N   . GLU A 1 24  ? 1.418   -16.110 8.817   1.00 26.40  ? 641  GLU A N   1 
ATOM   110  C  CA  . GLU A 1 24  ? 1.906   -15.152 9.843   1.00 24.23  ? 641  GLU A CA  1 
ATOM   111  C  C   . GLU A 1 24  ? 0.735   -14.169 9.997   1.00 23.58  ? 641  GLU A C   1 
ATOM   112  O  O   . GLU A 1 24  ? -0.276  -14.280 9.288   1.00 22.33  ? 641  GLU A O   1 
ATOM   113  C  CB  . GLU A 1 24  ? 3.193   -14.430 9.368   1.00 24.35  ? 641  GLU A CB  1 
ATOM   114  C  CG  . GLU A 1 24  ? 2.933   -13.489 8.169   1.00 23.42  ? 641  GLU A CG  1 
ATOM   115  C  CD  . GLU A 1 24  ? 4.210   -13.060 7.465   1.00 22.52  ? 641  GLU A CD  1 
ATOM   116  O  OE1 . GLU A 1 24  ? 5.135   -12.568 8.142   1.00 22.47  ? 641  GLU A OE1 1 
ATOM   117  O  OE2 . GLU A 1 24  ? 4.298   -13.234 6.237   1.00 19.66  ? 641  GLU A OE2 1 
ATOM   118  N  N   . ASN A 1 25  ? 0.848   -13.196 10.909  1.00 23.00  ? 642  ASN A N   1 
ATOM   119  C  CA  . ASN A 1 25  ? -0.241  -12.255 11.099  1.00 20.67  ? 642  ASN A CA  1 
ATOM   120  C  C   . ASN A 1 25  ? 0.167   -10.943 10.433  1.00 19.81  ? 642  ASN A C   1 
ATOM   121  O  O   . ASN A 1 25  ? 1.000   -10.191 10.959  1.00 19.36  ? 642  ASN A O   1 
ATOM   122  C  CB  . ASN A 1 25  ? -0.538  -12.101 12.608  1.00 21.72  ? 642  ASN A CB  1 
ATOM   123  C  CG  . ASN A 1 25  ? -1.911  -11.511 12.877  1.00 21.21  ? 642  ASN A CG  1 
ATOM   124  O  OD1 . ASN A 1 25  ? -2.776  -11.500 12.003  1.00 23.15  ? 642  ASN A OD1 1 
ATOM   125  N  ND2 . ASN A 1 25  ? -2.131  -11.061 14.102  1.00 20.63  ? 642  ASN A ND2 1 
ATOM   126  N  N   . ALA A 1 26  ? -0.399  -10.700 9.252   1.00 19.26  ? 643  ALA A N   1 
ATOM   127  C  CA  . ALA A 1 26  ? -0.099  -9.517  8.444   1.00 19.12  ? 643  ALA A CA  1 
ATOM   128  C  C   . ALA A 1 26  ? -1.327  -8.955  7.689   1.00 18.80  ? 643  ALA A C   1 
ATOM   129  O  O   . ALA A 1 26  ? -1.259  -8.746  6.449   1.00 19.55  ? 643  ALA A O   1 
ATOM   130  C  CB  . ALA A 1 26  ? 1.072   -9.827  7.454   1.00 17.86  ? 643  ALA A CB  1 
ATOM   131  N  N   . PRO A 1 27  ? -2.413  -8.657  8.424   1.00 19.11  ? 644  PRO A N   1 
ATOM   132  C  CA  . PRO A 1 27  ? -3.648  -8.129  7.808   1.00 18.13  ? 644  PRO A CA  1 
ATOM   133  C  C   . PRO A 1 27  ? -3.474  -6.667  7.367   1.00 18.05  ? 644  PRO A C   1 
ATOM   134  O  O   . PRO A 1 27  ? -2.549  -5.969  7.840   1.00 18.57  ? 644  PRO A O   1 
ATOM   135  C  CB  . PRO A 1 27  ? -4.659  -8.201  8.944   1.00 18.18  ? 644  PRO A CB  1 
ATOM   136  C  CG  . PRO A 1 27  ? -3.793  -7.912  10.177  1.00 19.51  ? 644  PRO A CG  1 
ATOM   137  C  CD  . PRO A 1 27  ? -2.528  -8.707  9.917   1.00 18.95  ? 644  PRO A CD  1 
ATOM   138  N  N   . ALA A 1 28  ? -4.350  -6.229  6.463   1.00 17.61  ? 645  ALA A N   1 
ATOM   139  C  CA  . ALA A 1 28  ? -4.259  -4.935  5.790   1.00 17.37  ? 645  ALA A CA  1 
ATOM   140  C  C   . ALA A 1 28  ? -4.157  -3.800  6.818   1.00 18.05  ? 645  ALA A C   1 
ATOM   141  O  O   . ALA A 1 28  ? -3.446  -2.798  6.600   1.00 17.72  ? 645  ALA A O   1 
ATOM   142  C  CB  . ALA A 1 28  ? -5.503  -4.732  4.839   1.00 16.70  ? 645  ALA A CB  1 
ATOM   143  N  N   . SER A 1 29  ? -4.830  -3.974  7.964   1.00 17.47  ? 646  SER A N   1 
ATOM   144  C  CA  . SER A 1 29  ? -4.888  -2.918  8.962   1.00 17.49  ? 646  SER A CA  1 
ATOM   145  C  C   . SER A 1 29  ? -3.553  -2.629  9.668   1.00 18.75  ? 646  SER A C   1 
ATOM   146  O  O   . SER A 1 29  ? -3.400  -1.549  10.260  1.00 18.92  ? 646  SER A O   1 
ATOM   147  C  CB  . SER A 1 29  ? -6.019  -3.196  9.965   1.00 17.55  ? 646  SER A CB  1 
ATOM   148  O  OG  . SER A 1 29  ? -5.661  -4.215  10.865  1.00 15.71  ? 646  SER A OG  1 
ATOM   149  N  N   . PHE A 1 30  ? -2.599  -3.569  9.615   1.00 19.31  ? 647  PHE A N   1 
ATOM   150  C  CA  . PHE A 1 30  ? -1.237  -3.353  10.178  1.00 20.02  ? 647  PHE A CA  1 
ATOM   151  C  C   . PHE A 1 30  ? -0.490  -2.232  9.510   1.00 20.04  ? 647  PHE A C   1 
ATOM   152  O  O   . PHE A 1 30  ? 0.390   -1.626  10.113  1.00 22.16  ? 647  PHE A O   1 
ATOM   153  C  CB  . PHE A 1 30  ? -0.387  -4.625  10.091  1.00 18.79  ? 647  PHE A CB  1 
ATOM   154  C  CG  . PHE A 1 30  ? -0.670  -5.620  11.212  1.00 20.15  ? 647  PHE A CG  1 
ATOM   155  C  CD1 . PHE A 1 30  ? -1.802  -5.475  12.034  1.00 19.66  ? 647  PHE A CD1 1 
ATOM   156  C  CD2 . PHE A 1 30  ? 0.189   -6.687  11.451  1.00 18.58  ? 647  PHE A CD2 1 
ATOM   157  C  CE1 . PHE A 1 30  ? -2.067  -6.405  13.055  1.00 20.99  ? 647  PHE A CE1 1 
ATOM   158  C  CE2 . PHE A 1 30  ? -0.058  -7.597  12.484  1.00 17.18  ? 647  PHE A CE2 1 
ATOM   159  C  CZ  . PHE A 1 30  ? -1.175  -7.457  13.286  1.00 17.71  ? 647  PHE A CZ  1 
ATOM   160  N  N   . ALA A 1 31  ? -0.873  -1.929  8.275   1.00 19.58  ? 648  ALA A N   1 
ATOM   161  C  CA  . ALA A 1 31  ? -0.261  -0.833  7.507   1.00 19.50  ? 648  ALA A CA  1 
ATOM   162  C  C   . ALA A 1 31  ? -0.880  0.539   7.892   1.00 19.62  ? 648  ALA A C   1 
ATOM   163  O  O   . ALA A 1 31  ? -0.462  1.572   7.341   1.00 19.31  ? 648  ALA A O   1 
ATOM   164  C  CB  . ALA A 1 31  ? -0.390  -1.071  5.966   1.00 16.64  ? 648  ALA A CB  1 
ATOM   165  N  N   . SER A 1 32  ? -1.874  0.531   8.786   1.00 19.51  ? 649  SER A N   1 
ATOM   166  C  CA  . SER A 1 32  ? -2.508  1.792   9.243   1.00 21.60  ? 649  SER A CA  1 
ATOM   167  C  C   . SER A 1 32  ? -2.036  2.364   10.577  1.00 22.65  ? 649  SER A C   1 
ATOM   168  O  O   . SER A 1 32  ? -2.690  3.222   11.138  1.00 25.05  ? 649  SER A O   1 
ATOM   169  C  CB  . SER A 1 32  ? -4.027  1.695   9.252   1.00 20.41  ? 649  SER A CB  1 
ATOM   170  O  OG  . SER A 1 32  ? -4.493  0.763   10.212  1.00 21.57  ? 649  SER A OG  1 
ATOM   171  N  N   . ASP A 1 33  ? -0.914  1.896   11.089  1.00 23.99  ? 650  ASP A N   1 
ATOM   172  C  CA  . ASP A 1 33  ? -0.223  2.561   12.198  1.00 24.75  ? 650  ASP A CA  1 
ATOM   173  C  C   . ASP A 1 33  ? 1.309   2.653   11.851  1.00 25.24  ? 650  ASP A C   1 
ATOM   174  O  O   . ASP A 1 33  ? 1.797   2.020   10.888  1.00 25.73  ? 650  ASP A O   1 
ATOM   175  C  CB  . ASP A 1 33  ? -0.477  1.805   13.523  1.00 24.11  ? 650  ASP A CB  1 
ATOM   176  C  CG  . ASP A 1 33  ? 0.102   0.391   13.518  1.00 24.91  ? 650  ASP A CG  1 
ATOM   177  O  OD1 . ASP A 1 33  ? -0.585  -0.574  13.925  1.00 27.16  ? 650  ASP A OD1 1 
ATOM   178  O  OD2 . ASP A 1 33  ? 1.248   0.135   13.099  1.00 23.72  ? 650  ASP A OD2 1 
ATOM   179  N  N   . GLY A 1 34  ? 2.059   3.415   12.640  1.00 25.04  ? 651  GLY A N   1 
ATOM   180  C  CA  . GLY A 1 34  ? 3.447   3.696   12.330  1.00 24.69  ? 651  GLY A CA  1 
ATOM   181  C  C   . GLY A 1 34  ? 4.474   2.794   13.027  1.00 25.16  ? 651  GLY A C   1 
ATOM   182  O  O   . GLY A 1 34  ? 5.659   3.151   13.114  1.00 24.74  ? 651  GLY A O   1 
ATOM   183  N  N   . ASP A 1 35  ? 4.029   1.649   13.539  1.00 23.97  ? 652  ASP A N   1 
ATOM   184  C  CA  . ASP A 1 35  ? 4.953   0.670   14.099  1.00 25.49  ? 652  ASP A CA  1 
ATOM   185  C  C   . ASP A 1 35  ? 5.713   0.013   12.926  1.00 25.28  ? 652  ASP A C   1 
ATOM   186  O  O   . ASP A 1 35  ? 5.113   -0.711  12.117  1.00 24.42  ? 652  ASP A O   1 
ATOM   187  C  CB  . ASP A 1 35  ? 4.138   -0.341  14.953  1.00 24.79  ? 652  ASP A CB  1 
ATOM   188  C  CG  . ASP A 1 35  ? 4.985   -1.368  15.673  1.00 24.84  ? 652  ASP A CG  1 
ATOM   189  O  OD1 . ASP A 1 35  ? 6.208   -1.561  15.387  1.00 24.31  ? 652  ASP A OD1 1 
ATOM   190  O  OD2 . ASP A 1 35  ? 4.446   -2.099  16.537  1.00 24.08  ? 652  ASP A OD2 1 
ATOM   191  N  N   . MET A 1 36  ? 7.007   0.315   12.819  1.00 26.22  ? 653  MET A N   1 
ATOM   192  C  CA  . MET A 1 36  ? 7.852   -0.169  11.702  1.00 27.49  ? 653  MET A CA  1 
ATOM   193  C  C   . MET A 1 36  ? 8.150   -1.645  11.788  1.00 27.37  ? 653  MET A C   1 
ATOM   194  O  O   . MET A 1 36  ? 8.647   -2.211  10.839  1.00 27.38  ? 653  MET A O   1 
ATOM   195  C  CB  . MET A 1 36  ? 9.170   0.614   11.550  1.00 28.15  ? 653  MET A CB  1 
ATOM   196  C  CG  . MET A 1 36  ? 8.995   2.119   11.285  1.00 31.08  ? 653  MET A CG  1 
ATOM   197  S  SD  . MET A 1 36  ? 8.293   2.455   9.641   1.00 34.80  ? 653  MET A SD  1 
ATOM   198  C  CE  . MET A 1 36  ? 6.420   2.439   9.985   1.00 32.69  ? 653  MET A CE  1 
ATOM   199  N  N   . ASN A 1 37  ? 7.818   -2.268  12.911  1.00 28.20  ? 654  ASN A N   1 
ATOM   200  C  CA  . ASN A 1 37  ? 7.963   -3.715  13.063  1.00 28.85  ? 654  ASN A CA  1 
ATOM   201  C  C   . ASN A 1 37  ? 6.690   -4.526  12.801  1.00 27.94  ? 654  ASN A C   1 
ATOM   202  O  O   . ASN A 1 37  ? 6.703   -5.740  12.992  1.00 29.72  ? 654  ASN A O   1 
ATOM   203  C  CB  . ASN A 1 37  ? 8.554   -4.091  14.446  1.00 30.47  ? 654  ASN A CB  1 
ATOM   204  C  CG  . ASN A 1 37  ? 10.001  -3.565  14.628  1.00 35.05  ? 654  ASN A CG  1 
ATOM   205  O  OD1 . ASN A 1 37  ? 10.741  -3.310  13.635  1.00 39.11  ? 654  ASN A OD1 1 
ATOM   206  N  N   . THR A 1 38  ? 5.600   -3.903  12.372  1.00 25.43  ? 655  THR A N   1 
ATOM   207  C  CA  . THR A 1 38  ? 4.487   -4.699  11.861  1.00 24.56  ? 655  THR A CA  1 
ATOM   208  C  C   . THR A 1 38  ? 4.122   -4.300  10.413  1.00 23.54  ? 655  THR A C   1 
ATOM   209  O  O   . THR A 1 38  ? 4.386   -3.163  10.004  1.00 22.83  ? 655  THR A O   1 
ATOM   210  C  CB  . THR A 1 38  ? 3.222   -4.682  12.785  1.00 24.64  ? 655  THR A CB  1 
ATOM   211  O  OG1 . THR A 1 38  ? 2.640   -3.376  12.789  1.00 24.47  ? 655  THR A OG1 1 
ATOM   212  C  CG2 . THR A 1 38  ? 3.604   -4.956  14.275  1.00 26.15  ? 655  THR A CG2 1 
ATOM   213  N  N   . PHE A 1 39  ? 3.534   -5.226  9.657   1.00 20.94  ? 656  PHE A N   1 
ATOM   214  C  CA  . PHE A 1 39  ? 3.212   -4.942  8.251   1.00 20.46  ? 656  PHE A CA  1 
ATOM   215  C  C   . PHE A 1 39  ? 2.006   -5.713  7.757   1.00 19.07  ? 656  PHE A C   1 
ATOM   216  O  O   . PHE A 1 39  ? 1.630   -6.778  8.305   1.00 18.98  ? 656  PHE A O   1 
ATOM   217  C  CB  . PHE A 1 39  ? 4.412   -5.296  7.322   1.00 19.04  ? 656  PHE A CB  1 
ATOM   218  C  CG  . PHE A 1 39  ? 4.925   -6.685  7.545   1.00 18.98  ? 656  PHE A CG  1 
ATOM   219  C  CD1 . PHE A 1 39  ? 4.461   -7.752  6.752   1.00 19.19  ? 656  PHE A CD1 1 
ATOM   220  C  CD2 . PHE A 1 39  ? 5.838   -6.934  8.595   1.00 19.30  ? 656  PHE A CD2 1 
ATOM   221  C  CE1 . PHE A 1 39  ? 4.899   -9.056  6.991   1.00 18.14  ? 656  PHE A CE1 1 
ATOM   222  C  CE2 . PHE A 1 39  ? 6.310   -8.196  8.839   1.00 18.89  ? 656  PHE A CE2 1 
ATOM   223  C  CZ  . PHE A 1 39  ? 5.826   -9.286  8.033   1.00 20.16  ? 656  PHE A CZ  1 
ATOM   224  N  N   . TRP A 1 40  ? 1.422   -5.172  6.703   1.00 18.27  ? 657  TRP A N   1 
ATOM   225  C  CA  . TRP A 1 40  ? 0.514   -5.924  5.868   1.00 18.29  ? 657  TRP A CA  1 
ATOM   226  C  C   . TRP A 1 40  ? 1.327   -6.747  4.892   1.00 17.60  ? 657  TRP A C   1 
ATOM   227  O  O   . TRP A 1 40  ? 2.314   -6.275  4.357   1.00 17.13  ? 657  TRP A O   1 
ATOM   228  C  CB  . TRP A 1 40  ? -0.346  -4.960  5.080   1.00 18.99  ? 657  TRP A CB  1 
ATOM   229  C  CG  . TRP A 1 40  ? -0.976  -5.557  3.853   1.00 20.61  ? 657  TRP A CG  1 
ATOM   230  C  CD1 . TRP A 1 40  ? -1.931  -6.548  3.804   1.00 21.85  ? 657  TRP A CD1 1 
ATOM   231  C  CD2 . TRP A 1 40  ? -0.750  -5.150  2.502   1.00 23.63  ? 657  TRP A CD2 1 
ATOM   232  N  NE1 . TRP A 1 40  ? -2.323  -6.765  2.509   1.00 23.02  ? 657  TRP A NE1 1 
ATOM   233  C  CE2 . TRP A 1 40  ? -1.623  -5.920  1.684   1.00 22.27  ? 657  TRP A CE2 1 
ATOM   234  C  CE3 . TRP A 1 40  ? 0.086   -4.178  1.891   1.00 21.87  ? 657  TRP A CE3 1 
ATOM   235  C  CZ2 . TRP A 1 40  ? -1.661  -5.782  0.305   1.00 21.44  ? 657  TRP A CZ2 1 
ATOM   236  C  CZ3 . TRP A 1 40  ? 0.047   -4.039  0.534   1.00 20.66  ? 657  TRP A CZ3 1 
ATOM   237  C  CH2 . TRP A 1 40  ? -0.822  -4.833  -0.258  1.00 24.49  ? 657  TRP A CH2 1 
ATOM   238  N  N   . HIS A 1 41  ? 0.910   -7.996  4.683   1.00 18.24  ? 658  HIS A N   1 
ATOM   239  C  CA  . HIS A 1 41  ? 1.409   -8.797  3.587   1.00 17.85  ? 658  HIS A CA  1 
ATOM   240  C  C   . HIS A 1 41  ? 0.182   -9.215  2.769   1.00 18.83  ? 658  HIS A C   1 
ATOM   241  O  O   . HIS A 1 41  ? -0.851  -9.644  3.346   1.00 19.16  ? 658  HIS A O   1 
ATOM   242  C  CB  . HIS A 1 41  ? 2.114   -10.038 4.123   1.00 17.61  ? 658  HIS A CB  1 
ATOM   243  C  CG  . HIS A 1 41  ? 3.140   -10.626 3.191   1.00 19.34  ? 658  HIS A CG  1 
ATOM   244  N  ND1 . HIS A 1 41  ? 2.838   -11.041 1.908   1.00 17.54  ? 658  HIS A ND1 1 
ATOM   245  C  CD2 . HIS A 1 41  ? 4.455   -10.930 3.386   1.00 17.93  ? 658  HIS A CD2 1 
ATOM   246  C  CE1 . HIS A 1 41  ? 3.927   -11.527 1.337   1.00 17.40  ? 658  HIS A CE1 1 
ATOM   247  N  NE2 . HIS A 1 41  ? 4.925   -11.468 2.212   1.00 20.34  ? 658  HIS A NE2 1 
ATOM   248  N  N   . SER A 1 42  ? 0.301   -9.128  1.444   1.00 17.97  ? 659  SER A N   1 
ATOM   249  C  CA  . SER A 1 42  ? -0.635  -9.844  0.569   1.00 19.96  ? 659  SER A CA  1 
ATOM   250  C  C   . SER A 1 42  ? -0.694  -11.346 0.997   1.00 20.70  ? 659  SER A C   1 
ATOM   251  O  O   . SER A 1 42  ? 0.284   -11.862 1.566   1.00 21.60  ? 659  SER A O   1 
ATOM   252  C  CB  . SER A 1 42  ? -0.202  -9.709  -0.900  1.00 18.17  ? 659  SER A CB  1 
ATOM   253  O  OG  . SER A 1 42  ? 1.111   -10.275 -1.070  1.00 19.57  ? 659  SER A OG  1 
ATOM   254  N  N   . LYS A 1 43  ? -1.807  -12.042 0.749   1.00 20.98  ? 660  LYS A N   1 
ATOM   255  C  CA  . LYS A 1 43  ? -1.862  -13.488 1.082   1.00 22.97  ? 660  LYS A CA  1 
ATOM   256  C  C   . LYS A 1 43  ? -0.901  -14.386 0.243   1.00 23.27  ? 660  LYS A C   1 
ATOM   257  O  O   . LYS A 1 43  ? -1.039  -14.501 -1.004  1.00 24.23  ? 660  LYS A O   1 
ATOM   258  C  CB  . LYS A 1 43  ? -3.288  -14.045 1.037   1.00 22.92  ? 660  LYS A CB  1 
ATOM   259  C  CG  . LYS A 1 43  ? -3.416  -15.474 1.595   1.00 24.68  ? 660  LYS A CG  1 
ATOM   260  C  CD  . LYS A 1 43  ? -4.818  -16.004 1.293   1.00 29.96  ? 660  LYS A CD  1 
ATOM   261  C  CE  . LYS A 1 43  ? -5.194  -17.277 2.038   1.00 29.89  ? 660  LYS A CE  1 
ATOM   262  N  NZ  . LYS A 1 43  ? -4.030  -17.904 2.685   1.00 38.23  ? 660  LYS A NZ  1 
ATOM   263  N  N   . TRP A 1 44  ? 0.070   -14.982 0.932   1.00 22.97  ? 661  TRP A N   1 
ATOM   264  C  CA  . TRP A 1 44  ? 1.048   -15.839 0.291   1.00 24.32  ? 661  TRP A CA  1 
ATOM   265  C  C   . TRP A 1 44  ? 0.855   -17.325 0.620   1.00 25.29  ? 661  TRP A C   1 
ATOM   266  O  O   . TRP A 1 44  ? 1.392   -18.193 -0.065  1.00 26.33  ? 661  TRP A O   1 
ATOM   267  C  CB  . TRP A 1 44  ? 2.459   -15.418 0.628   1.00 22.54  ? 661  TRP A CB  1 
ATOM   268  C  CG  . TRP A 1 44  ? 2.775   -15.326 2.089   1.00 25.30  ? 661  TRP A CG  1 
ATOM   269  C  CD1 . TRP A 1 44  ? 2.683   -14.189 2.909   1.00 23.57  ? 661  TRP A CD1 1 
ATOM   270  C  CD2 . TRP A 1 44  ? 3.285   -16.376 2.922   1.00 23.45  ? 661  TRP A CD2 1 
ATOM   271  N  NE1 . TRP A 1 44  ? 3.092   -14.504 4.179   1.00 23.27  ? 661  TRP A NE1 1 
ATOM   272  C  CE2 . TRP A 1 44  ? 3.469   -15.832 4.219   1.00 23.70  ? 661  TRP A CE2 1 
ATOM   273  C  CE3 . TRP A 1 44  ? 3.617   -17.729 2.701   1.00 26.07  ? 661  TRP A CE3 1 
ATOM   274  C  CZ2 . TRP A 1 44  ? 3.971   -16.590 5.288   1.00 22.45  ? 661  TRP A CZ2 1 
ATOM   275  C  CZ3 . TRP A 1 44  ? 4.112   -18.497 3.781   1.00 27.63  ? 661  TRP A CZ3 1 
ATOM   276  C  CH2 . TRP A 1 44  ? 4.264   -17.916 5.058   1.00 27.75  ? 661  TRP A CH2 1 
ATOM   277  N  N   . SER A 1 45  ? 0.105   -17.614 1.668   1.00 26.43  ? 662  SER A N   1 
ATOM   278  C  CA  . SER A 1 45  ? -0.108  -18.993 2.077   1.00 27.98  ? 662  SER A CA  1 
ATOM   279  C  C   . SER A 1 45  ? -1.190  -19.551 1.147   1.00 28.49  ? 662  SER A C   1 
ATOM   280  O  O   . SER A 1 45  ? -1.991  -18.801 0.628   1.00 27.87  ? 662  SER A O   1 
ATOM   281  C  CB  . SER A 1 45  ? -0.468  -19.079 3.557   1.00 27.11  ? 662  SER A CB  1 
ATOM   282  O  OG  . SER A 1 45  ? -1.749  -18.508 3.775   1.00 30.98  ? 662  SER A OG  1 
ATOM   283  N  N   . SER A 1 46  ? -1.134  -20.844 0.858   1.00 29.90  ? 663  SER A N   1 
ATOM   284  C  CA  . SER A 1 46  ? -2.093  -21.516 -0.046  1.00 31.29  ? 663  SER A CA  1 
ATOM   285  C  C   . SER A 1 46  ? -3.524  -21.441 0.512   1.00 30.57  ? 663  SER A C   1 
ATOM   286  O  O   . SER A 1 46  ? -3.704  -21.706 1.712   1.00 31.50  ? 663  SER A O   1 
ATOM   287  C  CB  . SER A 1 46  ? -1.713  -23.007 -0.189  1.00 31.46  ? 663  SER A CB  1 
ATOM   288  O  OG  . SER A 1 46  ? -2.480  -23.605 -1.232  1.00 36.08  ? 663  SER A OG  1 
ATOM   289  N  N   . PRO A 1 47  ? -4.525  -21.059 -0.303  1.00 30.01  ? 664  PRO A N   1 
ATOM   290  C  CA  . PRO A 1 47  ? -4.344  -20.520 -1.668  1.00 28.78  ? 664  PRO A CA  1 
ATOM   291  C  C   . PRO A 1 47  ? -3.890  -19.041 -1.638  1.00 28.84  ? 664  PRO A C   1 
ATOM   292  O  O   . PRO A 1 47  ? -4.494  -18.207 -0.903  1.00 28.62  ? 664  PRO A O   1 
ATOM   293  C  CB  . PRO A 1 47  ? -5.752  -20.614 -2.263  1.00 27.69  ? 664  PRO A CB  1 
ATOM   294  C  CG  . PRO A 1 47  ? -6.659  -20.493 -1.073  1.00 29.26  ? 664  PRO A CG  1 
ATOM   295  C  CD  . PRO A 1 47  ? -5.960  -21.195 0.049   1.00 30.04  ? 664  PRO A CD  1 
ATOM   296  N  N   . ALA A 1 48  ? -2.813  -18.741 -2.378  1.00 27.48  ? 665  ALA A N   1 
ATOM   297  C  CA  . ALA A 1 48  ? -2.197  -17.416 -2.350  1.00 26.52  ? 665  ALA A CA  1 
ATOM   298  C  C   . ALA A 1 48  ? -2.950  -16.471 -3.283  1.00 26.56  ? 665  ALA A C   1 
ATOM   299  O  O   . ALA A 1 48  ? -3.511  -16.904 -4.280  1.00 26.44  ? 665  ALA A O   1 
ATOM   300  C  CB  . ALA A 1 48  ? -0.714  -17.519 -2.725  1.00 25.04  ? 665  ALA A CB  1 
ATOM   301  N  N   . HIS A 1 49  ? -2.991  -15.184 -2.954  1.00 27.06  ? 666  HIS A N   1 
ATOM   302  C  CA  . HIS A 1 49  ? -3.362  -14.169 -3.946  1.00 27.39  ? 666  HIS A CA  1 
ATOM   303  C  C   . HIS A 1 49  ? -2.067  -13.509 -4.437  1.00 27.18  ? 666  HIS A C   1 
ATOM   304  O  O   . HIS A 1 49  ? -1.378  -12.773 -3.699  1.00 29.01  ? 666  HIS A O   1 
ATOM   305  C  CB  . HIS A 1 49  ? -4.341  -13.135 -3.373  1.00 27.03  ? 666  HIS A CB  1 
ATOM   306  C  CG  . HIS A 1 49  ? -4.962  -12.242 -4.415  1.00 29.15  ? 666  HIS A CG  1 
ATOM   307  N  ND1 . HIS A 1 49  ? -4.293  -11.166 -4.982  1.00 28.16  ? 666  HIS A ND1 1 
ATOM   308  C  CD2 . HIS A 1 49  ? -6.191  -12.273 -4.997  1.00 27.67  ? 666  HIS A CD2 1 
ATOM   309  C  CE1 . HIS A 1 49  ? -5.086  -10.575 -5.864  1.00 26.69  ? 666  HIS A CE1 1 
ATOM   310  N  NE2 . HIS A 1 49  ? -6.240  -11.226 -5.892  1.00 27.92  ? 666  HIS A NE2 1 
ATOM   311  N  N   . GLU A 1 50  ? -1.701  -13.783 -5.670  1.00 26.95  ? 667  GLU A N   1 
ATOM   312  C  CA  . GLU A 1 50  ? -0.404  -13.286 -6.149  1.00 26.95  ? 667  GLU A CA  1 
ATOM   313  C  C   . GLU A 1 50  ? -0.505  -12.120 -7.095  1.00 25.89  ? 667  GLU A C   1 
ATOM   314  O  O   . GLU A 1 50  ? 0.410   -11.899 -7.884  1.00 26.24  ? 667  GLU A O   1 
ATOM   315  C  CB  . GLU A 1 50  ? 0.443   -14.423 -6.711  1.00 26.66  ? 667  GLU A CB  1 
ATOM   316  C  CG  . GLU A 1 50  ? 0.782   -15.429 -5.610  1.00 29.94  ? 667  GLU A CG  1 
ATOM   317  C  CD  . GLU A 1 50  ? 1.559   -16.642 -6.123  1.00 36.86  ? 667  GLU A CD  1 
ATOM   318  O  OE1 . GLU A 1 50  ? 2.005   -17.454 -5.263  1.00 40.53  ? 667  GLU A OE1 1 
ATOM   319  O  OE2 . GLU A 1 50  ? 1.730   -16.780 -7.361  1.00 34.03  ? 667  GLU A OE2 1 
ATOM   320  N  N   . GLY A 1 51  ? -1.596  -11.360 -6.954  1.00 24.82  ? 668  GLY A N   1 
ATOM   321  C  CA  . GLY A 1 51  ? -1.843  -10.142 -7.696  1.00 24.93  ? 668  GLY A CA  1 
ATOM   322  C  C   . GLY A 1 51  ? -3.068  -10.184 -8.619  1.00 24.66  ? 668  GLY A C   1 
ATOM   323  O  O   . GLY A 1 51  ? -3.640  -11.253 -8.855  1.00 25.48  ? 668  GLY A O   1 
ATOM   324  N  N   . PRO A 1 52  ? -3.498  -9.021  -9.109  1.00 24.15  ? 669  PRO A N   1 
ATOM   325  C  CA  . PRO A 1 52  ? -2.781  -7.756  -8.843  1.00 23.42  ? 669  PRO A CA  1 
ATOM   326  C  C   . PRO A 1 52  ? -3.039  -7.318  -7.379  1.00 23.15  ? 669  PRO A C   1 
ATOM   327  O  O   . PRO A 1 52  ? -4.048  -7.719  -6.786  1.00 22.53  ? 669  PRO A O   1 
ATOM   328  C  CB  . PRO A 1 52  ? -3.388  -6.789  -9.861  1.00 21.98  ? 669  PRO A CB  1 
ATOM   329  C  CG  . PRO A 1 52  ? -4.829  -7.307  -10.070 1.00 22.46  ? 669  PRO A CG  1 
ATOM   330  C  CD  . PRO A 1 52  ? -4.758  -8.808  -9.872  1.00 23.62  ? 669  PRO A CD  1 
ATOM   331  N  N   . HIS A 1 53  ? -2.093  -6.577  -6.811  1.00 22.63  ? 670  HIS A N   1 
ATOM   332  C  CA  . HIS A 1 53  ? -2.157  -6.142  -5.417  1.00 22.60  ? 670  HIS A CA  1 
ATOM   333  C  C   . HIS A 1 53  ? -2.571  -4.674  -5.292  1.00 22.72  ? 670  HIS A C   1 
ATOM   334  O  O   . HIS A 1 53  ? -2.170  -3.813  -6.121  1.00 21.81  ? 670  HIS A O   1 
ATOM   335  C  CB  . HIS A 1 53  ? -0.790  -6.303  -4.763  1.00 22.10  ? 670  HIS A CB  1 
ATOM   336  C  CG  . HIS A 1 53  ? -0.230  -7.683  -4.886  1.00 23.85  ? 670  HIS A CG  1 
ATOM   337  N  ND1 . HIS A 1 53  ? 0.847   -7.987  -5.712  1.00 24.00  ? 670  HIS A ND1 1 
ATOM   338  C  CD2 . HIS A 1 53  ? -0.637  -8.857  -4.342  1.00 18.52  ? 670  HIS A CD2 1 
ATOM   339  C  CE1 . HIS A 1 53  ? 1.090   -9.289  -5.649  1.00 17.86  ? 670  HIS A CE1 1 
ATOM   340  N  NE2 . HIS A 1 53  ? 0.206   -9.834  -4.824  1.00 22.14  ? 670  HIS A NE2 1 
ATOM   341  N  N   . HIS A 1 54  ? -3.337  -4.383  -4.248  1.00 21.78  ? 671  HIS A N   1 
ATOM   342  C  CA  . HIS A 1 54  ? -3.618  -2.992  -3.937  1.00 22.22  ? 671  HIS A CA  1 
ATOM   343  C  C   . HIS A 1 54  ? -4.075  -2.818  -2.514  1.00 22.59  ? 671  HIS A C   1 
ATOM   344  O  O   . HIS A 1 54  ? -4.397  -3.779  -1.805  1.00 22.24  ? 671  HIS A O   1 
ATOM   345  C  CB  . HIS A 1 54  ? -4.698  -2.416  -4.871  1.00 22.69  ? 671  HIS A CB  1 
ATOM   346  C  CG  . HIS A 1 54  ? -6.012  -3.115  -4.757  1.00 24.48  ? 671  HIS A CG  1 
ATOM   347  N  ND1 . HIS A 1 54  ? -6.389  -4.154  -5.603  1.00 27.87  ? 671  HIS A ND1 1 
ATOM   348  C  CD2 . HIS A 1 54  ? -7.006  -2.985  -3.842  1.00 26.42  ? 671  HIS A CD2 1 
ATOM   349  C  CE1 . HIS A 1 54  ? -7.588  -4.588  -5.232  1.00 28.65  ? 671  HIS A CE1 1 
ATOM   350  N  NE2 . HIS A 1 54  ? -7.979  -3.902  -4.163  1.00 25.83  ? 671  HIS A NE2 1 
ATOM   351  N  N   . LEU A 1 55  ? -4.187  -1.550  -2.142  1.00 22.87  ? 672  LEU A N   1 
ATOM   352  C  CA  . LEU A 1 55  ? -4.462  -1.164  -0.785  1.00 23.56  ? 672  LEU A CA  1 
ATOM   353  C  C   . LEU A 1 55  ? -5.242  0.153   -0.825  1.00 23.62  ? 672  LEU A C   1 
ATOM   354  O  O   . LEU A 1 55  ? -4.826  1.125   -1.493  1.00 22.40  ? 672  LEU A O   1 
ATOM   355  C  CB  . LEU A 1 55  ? -3.116  -0.926  -0.126  1.00 24.50  ? 672  LEU A CB  1 
ATOM   356  C  CG  . LEU A 1 55  ? -2.827  -0.974  1.328   1.00 26.39  ? 672  LEU A CG  1 
ATOM   357  C  CD1 . LEU A 1 55  ? -3.066  -2.442  1.800   1.00 29.87  ? 672  LEU A CD1 1 
ATOM   358  C  CD2 . LEU A 1 55  ? -1.384  -0.609  1.439   1.00 24.94  ? 672  LEU A CD2 1 
ATOM   359  N  N   . THR A 1 56  ? -6.358  0.203   -0.099  1.00 23.50  ? 673  THR A N   1 
ATOM   360  C  CA  . THR A 1 56  ? -7.153  1.420   -0.085  1.00 24.49  ? 673  THR A CA  1 
ATOM   361  C  C   . THR A 1 56  ? -7.333  1.945   1.312   1.00 24.59  ? 673  THR A C   1 
ATOM   362  O  O   . THR A 1 56  ? -7.759  1.229   2.197   1.00 25.65  ? 673  THR A O   1 
ATOM   363  C  CB  . THR A 1 56  ? -8.515  1.193   -0.823  1.00 25.60  ? 673  THR A CB  1 
ATOM   364  O  OG1 . THR A 1 56  ? -8.247  0.745   -2.164  1.00 24.20  ? 673  THR A OG1 1 
ATOM   365  C  CG2 . THR A 1 56  ? -9.303  2.492   -0.988  1.00 22.10  ? 673  THR A CG2 1 
ATOM   366  N  N   . LEU A 1 57  ? -6.921  3.192   1.527   1.00 25.73  ? 674  LEU A N   1 
ATOM   367  C  CA  . LEU A 1 57  ? -7.186  3.881   2.782   1.00 24.75  ? 674  LEU A CA  1 
ATOM   368  C  C   . LEU A 1 57  ? -8.528  4.608   2.677   1.00 25.28  ? 674  LEU A C   1 
ATOM   369  O  O   . LEU A 1 57  ? -8.840  5.268   1.679   1.00 24.79  ? 674  LEU A O   1 
ATOM   370  C  CB  . LEU A 1 57  ? -6.082  4.866   3.102   1.00 24.19  ? 674  LEU A CB  1 
ATOM   371  C  CG  . LEU A 1 57  ? -4.702  4.393   3.569   1.00 25.94  ? 674  LEU A CG  1 
ATOM   372  C  CD1 . LEU A 1 57  ? -4.045  3.515   2.522   1.00 25.01  ? 674  LEU A CD1 1 
ATOM   373  C  CD2 . LEU A 1 57  ? -3.822  5.629   3.770   1.00 29.33  ? 674  LEU A CD2 1 
ATOM   374  N  N   . GLU A 1 58  ? -9.323  4.449   3.715   1.00 25.72  ? 675  GLU A N   1 
ATOM   375  C  CA  . GLU A 1 58  ? -10.561 5.198   3.870   1.00 26.13  ? 675  GLU A CA  1 
ATOM   376  C  C   . GLU A 1 58  ? -10.351 6.221   4.986   1.00 25.93  ? 675  GLU A C   1 
ATOM   377  O  O   . GLU A 1 58  ? -10.107 5.870   6.158   1.00 25.63  ? 675  GLU A O   1 
ATOM   378  C  CB  . GLU A 1 58  ? -11.717 4.272   4.190   1.00 24.91  ? 675  GLU A CB  1 
ATOM   379  C  CG  . GLU A 1 58  ? -12.997 5.055   4.312   1.00 29.52  ? 675  GLU A CG  1 
ATOM   380  C  CD  . GLU A 1 58  ? -14.172 4.287   4.926   1.00 31.56  ? 675  GLU A CD  1 
ATOM   381  O  OE1 . GLU A 1 58  ? -15.063 4.983   5.455   1.00 33.33  ? 675  GLU A OE1 1 
ATOM   382  O  OE2 . GLU A 1 58  ? -14.230 3.031   4.847   1.00 31.44  ? 675  GLU A OE2 1 
ATOM   383  N  N   . LEU A 1 59  ? -10.375 7.482   4.584   1.00 25.52  ? 676  LEU A N   1 
ATOM   384  C  CA  . LEU A 1 59  ? -10.164 8.577   5.475   1.00 25.85  ? 676  LEU A CA  1 
ATOM   385  C  C   . LEU A 1 59  ? -11.530 8.813   6.180   1.00 27.08  ? 676  LEU A C   1 
ATOM   386  O  O   . LEU A 1 59  ? -12.577 8.399   5.657   1.00 27.48  ? 676  LEU A O   1 
ATOM   387  C  CB  . LEU A 1 59  ? -9.636  9.783   4.706   0.65 23.96  ? 676  LEU A CB  1 
ATOM   388  C  CG  . LEU A 1 59  ? -8.373  9.433   3.908   0.65 22.28  ? 676  LEU A CG  1 
ATOM   389  C  CD1 . LEU A 1 59  ? -7.880  10.646  3.138   0.65 20.19  ? 676  LEU A CD1 1 
ATOM   390  C  CD2 . LEU A 1 59  ? -7.259  8.923   4.782   0.65 19.49  ? 676  LEU A CD2 1 
ATOM   391  N  N   . ASP A 1 60  ? -11.500 9.408   7.373   1.00 27.89  ? 677  ASP A N   1 
ATOM   392  C  CA  . ASP A 1 60  ? -12.727 9.800   8.117   1.00 30.04  ? 677  ASP A CA  1 
ATOM   393  C  C   . ASP A 1 60  ? -13.554 10.956  7.500   1.00 29.39  ? 677  ASP A C   1 
ATOM   394  O  O   . ASP A 1 60  ? -14.662 11.199  7.909   1.00 29.51  ? 677  ASP A O   1 
ATOM   395  C  CB  . ASP A 1 60  ? -12.393 10.128  9.580   1.00 29.83  ? 677  ASP A CB  1 
ATOM   396  C  CG  . ASP A 1 60  ? -11.741 11.476  9.727   1.00 35.89  ? 677  ASP A CG  1 
ATOM   397  O  OD1 . ASP A 1 60  ? -10.815 11.840  8.941   1.00 39.57  ? 677  ASP A OD1 1 
ATOM   398  O  OD2 . ASP A 1 60  ? -12.093 12.267  10.620  1.00 42.51  ? 677  ASP A OD2 1 
ATOM   399  N  N   . ASN A 1 61  ? -13.017 11.633  6.494   1.00 29.79  ? 678  ASN A N   1 
ATOM   400  C  CA  . ASN A 1 61  ? -13.691 12.765  5.856   1.00 29.86  ? 678  ASN A CA  1 
ATOM   401  C  C   . ASN A 1 61  ? -13.065 13.032  4.486   1.00 29.34  ? 678  ASN A C   1 
ATOM   402  O  O   . ASN A 1 61  ? -12.151 12.315  4.068   1.00 28.87  ? 678  ASN A O   1 
ATOM   403  C  CB  . ASN A 1 61  ? -13.610 14.037  6.751   1.00 29.76  ? 678  ASN A CB  1 
ATOM   404  C  CG  . ASN A 1 61  ? -14.932 14.782  6.830   1.00 31.22  ? 678  ASN A CG  1 
ATOM   405  O  OD1 . ASN A 1 61  ? -15.487 15.162  5.817   1.00 34.19  ? 678  ASN A OD1 1 
ATOM   406  N  ND2 . ASN A 1 61  ? -15.445 14.977  8.042   1.00 31.85  ? 678  ASN A ND2 1 
ATOM   407  N  N   . VAL A 1 62  ? -13.575 14.048  3.792   1.00 29.23  ? 679  VAL A N   1 
ATOM   408  C  CA  . VAL A 1 62  ? -12.945 14.514  2.586   1.00 29.76  ? 679  VAL A CA  1 
ATOM   409  C  C   . VAL A 1 62  ? -11.793 15.465  2.991   1.00 31.17  ? 679  VAL A C   1 
ATOM   410  O  O   . VAL A 1 62  ? -11.993 16.438  3.748   1.00 30.08  ? 679  VAL A O   1 
ATOM   411  C  CB  . VAL A 1 62  ? -13.944 15.207  1.635   1.00 30.23  ? 679  VAL A CB  1 
ATOM   412  C  CG1 . VAL A 1 62  ? -13.233 15.704  0.371   1.00 27.05  ? 679  VAL A CG1 1 
ATOM   413  C  CG2 . VAL A 1 62  ? -15.078 14.248  1.266   1.00 30.53  ? 679  VAL A CG2 1 
ATOM   414  N  N   . TYR A 1 63  ? -10.582 15.147  2.515   1.00 31.23  ? 680  TYR A N   1 
ATOM   415  C  CA  . TYR A 1 63  ? -9.412  15.996  2.777   1.00 31.57  ? 680  TYR A CA  1 
ATOM   416  C  C   . TYR A 1 63  ? -8.750  16.372  1.489   1.00 31.46  ? 680  TYR A C   1 
ATOM   417  O  O   . TYR A 1 63  ? -8.781  15.623  0.498   1.00 30.59  ? 680  TYR A O   1 
ATOM   418  C  CB  . TYR A 1 63  ? -8.372  15.296  3.661   1.00 32.09  ? 680  TYR A CB  1 
ATOM   419  C  CG  . TYR A 1 63  ? -8.834  15.026  5.060   1.00 34.21  ? 680  TYR A CG  1 
ATOM   420  C  CD1 . TYR A 1 63  ? -8.582  15.937  6.091   1.00 35.35  ? 680  TYR A CD1 1 
ATOM   421  C  CD2 . TYR A 1 63  ? -9.536  13.860  5.361   1.00 34.55  ? 680  TYR A CD2 1 
ATOM   422  C  CE1 . TYR A 1 63  ? -9.030  15.689  7.403   1.00 38.00  ? 680  TYR A CE1 1 
ATOM   423  C  CE2 . TYR A 1 63  ? -9.996  13.619  6.632   1.00 36.30  ? 680  TYR A CE2 1 
ATOM   424  C  CZ  . TYR A 1 63  ? -9.742  14.528  7.668   1.00 38.50  ? 680  TYR A CZ  1 
ATOM   425  O  OH  . TYR A 1 63  ? -10.196 14.237  8.970   1.00 40.84  ? 680  TYR A OH  1 
ATOM   426  N  N   . GLU A 1 64  ? -8.150  17.548  1.518   1.00 32.25  ? 681  GLU A N   1 
ATOM   427  C  CA  . GLU A 1 64  ? -7.254  17.965  0.476   1.00 33.52  ? 681  GLU A CA  1 
ATOM   428  C  C   . GLU A 1 64  ? -5.928  17.283  0.797   1.00 33.55  ? 681  GLU A C   1 
ATOM   429  O  O   . GLU A 1 64  ? -5.329  17.511  1.849   1.00 33.99  ? 681  GLU A O   1 
ATOM   430  C  CB  . GLU A 1 64  ? -7.107  19.482  0.469   1.00 34.15  ? 681  GLU A CB  1 
ATOM   431  C  CG  . GLU A 1 64  ? -6.639  20.066  -0.863  1.00 36.67  ? 681  GLU A CG  1 
ATOM   432  C  CD  . GLU A 1 64  ? -6.344  21.547  -0.740  0.65 36.06  ? 681  GLU A CD  1 
ATOM   433  O  OE1 . GLU A 1 64  ? -5.229  21.884  -0.307  0.65 34.96  ? 681  GLU A OE1 1 
ATOM   434  O  OE2 . GLU A 1 64  ? -7.244  22.357  -1.054  0.65 35.72  ? 681  GLU A OE2 1 
ATOM   435  N  N   . ILE A 1 65  ? -5.491  16.409  -0.102  1.00 33.06  ? 682  ILE A N   1 
ATOM   436  C  CA  . ILE A 1 65  ? -4.243  15.685  0.123   1.00 32.00  ? 682  ILE A CA  1 
ATOM   437  C  C   . ILE A 1 65  ? -3.299  15.838  -1.088  1.00 30.74  ? 682  ILE A C   1 
ATOM   438  O  O   . ILE A 1 65  ? -3.736  16.033  -2.236  1.00 31.39  ? 682  ILE A O   1 
ATOM   439  C  CB  . ILE A 1 65  ? -4.505  14.174  0.460   1.00 32.27  ? 682  ILE A CB  1 
ATOM   440  C  CG1 . ILE A 1 65  ? -5.003  13.418  -0.752  1.00 32.48  ? 682  ILE A CG1 1 
ATOM   441  C  CG2 . ILE A 1 65  ? -5.423  13.948  1.682   1.00 31.41  ? 682  ILE A CG2 1 
ATOM   442  C  CD1 . ILE A 1 65  ? -4.221  12.144  -0.881  1.00 38.79  ? 682  ILE A CD1 1 
ATOM   443  N  N   . ASN A 1 66  ? -2.006  15.730  -0.842  1.00 29.29  ? 683  ASN A N   1 
ATOM   444  C  CA  . ASN A 1 66  ? -1.014  15.978  -1.875  1.00 27.18  ? 683  ASN A CA  1 
ATOM   445  C  C   . ASN A 1 66  ? 0.213   15.067  -1.664  1.00 26.59  ? 683  ASN A C   1 
ATOM   446  O  O   . ASN A 1 66  ? 1.265   15.168  -2.355  1.00 24.09  ? 683  ASN A O   1 
ATOM   447  C  CB  . ASN A 1 66  ? -0.641  17.465  -1.846  1.00 27.42  ? 683  ASN A CB  1 
ATOM   448  C  CG  . ASN A 1 66  ? 0.180   17.830  -0.625  1.00 29.69  ? 683  ASN A CG  1 
ATOM   449  O  OD1 . ASN A 1 66  ? 0.452   16.998  0.242   1.00 32.20  ? 683  ASN A OD1 1 
ATOM   450  N  ND2 . ASN A 1 66  ? 0.578   19.072  -0.545  1.00 34.25  ? 683  ASN A ND2 1 
ATOM   451  N  N   . LYS A 1 67  ? 0.087   14.136  -0.715  1.00 25.98  ? 684  LYS A N   1 
ATOM   452  C  CA  . LYS A 1 67  ? 1.220   13.254  -0.483  1.00 25.18  ? 684  LYS A CA  1 
ATOM   453  C  C   . LYS A 1 67  ? 0.837   11.918  0.123   1.00 24.63  ? 684  LYS A C   1 
ATOM   454  O  O   . LYS A 1 67  ? 0.014   11.837  1.041   1.00 24.17  ? 684  LYS A O   1 
ATOM   455  C  CB  . LYS A 1 67  ? 2.257   14.011  0.363   1.00 25.08  ? 684  LYS A CB  1 
ATOM   456  C  CG  . LYS A 1 67  ? 3.352   13.206  0.948   1.00 26.98  ? 684  LYS A CG  1 
ATOM   457  C  CD  . LYS A 1 67  ? 4.443   14.163  1.406   1.00 32.32  ? 684  LYS A CD  1 
ATOM   458  C  CE  . LYS A 1 67  ? 4.231   14.619  2.823   1.00 32.77  ? 684  LYS A CE  1 
ATOM   459  N  NZ  . LYS A 1 67  ? 5.011   15.864  3.080   1.00 35.63  ? 684  LYS A NZ  1 
ATOM   460  N  N   . VAL A 1 68  ? 1.472   10.865  -0.385  1.00 24.37  ? 685  VAL A N   1 
ATOM   461  C  CA  . VAL A 1 68  ? 1.402   9.548   0.235   1.00 22.84  ? 685  VAL A CA  1 
ATOM   462  C  C   . VAL A 1 68  ? 2.758   9.094   0.819   1.00 22.57  ? 685  VAL A C   1 
ATOM   463  O  O   . VAL A 1 68  ? 3.781   9.122   0.182   1.00 22.99  ? 685  VAL A O   1 
ATOM   464  C  CB  . VAL A 1 68  ? 0.806   8.519   -0.765  1.00 22.79  ? 685  VAL A CB  1 
ATOM   465  C  CG1 . VAL A 1 68  ? 0.884   7.066   -0.221  1.00 19.06  ? 685  VAL A CG1 1 
ATOM   466  C  CG2 . VAL A 1 68  ? -0.657  8.898   -1.091  1.00 22.73  ? 685  VAL A CG2 1 
ATOM   467  N  N   . LYS A 1 69  ? 2.741   8.607   2.032   1.00 23.44  ? 686  LYS A N   1 
ATOM   468  C  CA  . LYS A 1 69  ? 3.918   7.997   2.638   1.00 22.40  ? 686  LYS A CA  1 
ATOM   469  C  C   . LYS A 1 69  ? 3.851   6.458   2.590   1.00 21.63  ? 686  LYS A C   1 
ATOM   470  O  O   . LYS A 1 69  ? 2.839   5.850   2.991   1.00 20.28  ? 686  LYS A O   1 
ATOM   471  C  CB  . LYS A 1 69  ? 4.045   8.467   4.082   1.00 22.47  ? 686  LYS A CB  1 
ATOM   472  C  CG  . LYS A 1 69  ? 5.109   7.704   4.896   1.00 26.43  ? 686  LYS A CG  1 
ATOM   473  C  CD  . LYS A 1 69  ? 5.197   8.260   6.289   1.00 28.82  ? 686  LYS A CD  1 
ATOM   474  C  CE  . LYS A 1 69  ? 5.150   7.169   7.337   1.00 32.90  ? 686  LYS A CE  1 
ATOM   475  N  NZ  . LYS A 1 69  ? 6.263   7.249   8.401   1.00 34.05  ? 686  LYS A NZ  1 
ATOM   476  N  N   . TYR A 1 70  ? 4.941   5.841   2.116   1.00 20.80  ? 687  TYR A N   1 
ATOM   477  C  CA  . TYR A 1 70  ? 5.070   4.378   2.118   1.00 19.86  ? 687  TYR A CA  1 
ATOM   478  C  C   . TYR A 1 70  ? 6.314   3.974   2.900   1.00 19.38  ? 687  TYR A C   1 
ATOM   479  O  O   . TYR A 1 70  ? 7.451   4.365   2.539   1.00 18.23  ? 687  TYR A O   1 
ATOM   480  C  CB  . TYR A 1 70  ? 5.112   3.827   0.676   1.00 20.33  ? 687  TYR A CB  1 
ATOM   481  C  CG  . TYR A 1 70  ? 5.563   2.362   0.552   1.00 19.94  ? 687  TYR A CG  1 
ATOM   482  C  CD1 . TYR A 1 70  ? 6.658   2.015   -0.252  1.00 22.08  ? 687  TYR A CD1 1 
ATOM   483  C  CD2 . TYR A 1 70  ? 4.876   1.334   1.211   1.00 21.76  ? 687  TYR A CD2 1 
ATOM   484  C  CE1 . TYR A 1 70  ? 7.092   0.676   -0.366  1.00 23.38  ? 687  TYR A CE1 1 
ATOM   485  C  CE2 . TYR A 1 70  ? 5.277   0.006   1.105   1.00 21.04  ? 687  TYR A CE2 1 
ATOM   486  C  CZ  . TYR A 1 70  ? 6.379   -0.318  0.308   1.00 25.23  ? 687  TYR A CZ  1 
ATOM   487  O  OH  . TYR A 1 70  ? 6.766   -1.633  0.176   1.00 27.81  ? 687  TYR A OH  1 
ATOM   488  N  N   . ALA A 1 71  ? 6.088   3.251   3.996   1.00 17.93  ? 688  ALA A N   1 
ATOM   489  C  CA  . ALA A 1 71  ? 7.160   2.639   4.742   1.00 18.15  ? 688  ALA A CA  1 
ATOM   490  C  C   . ALA A 1 71  ? 7.223   1.176   4.306   1.00 17.65  ? 688  ALA A C   1 
ATOM   491  O  O   . ALA A 1 71  ? 6.276   0.458   4.527   1.00 17.88  ? 688  ALA A O   1 
ATOM   492  C  CB  . ALA A 1 71  ? 6.913   2.751   6.278   1.00 18.36  ? 688  ALA A CB  1 
ATOM   493  N  N   . PRO A 1 72  ? 8.303   0.738   3.656   1.00 18.96  ? 689  PRO A N   1 
ATOM   494  C  CA  . PRO A 1 72  ? 8.431   -0.692  3.306   1.00 19.03  ? 689  PRO A CA  1 
ATOM   495  C  C   . PRO A 1 72  ? 8.458   -1.543  4.560   1.00 20.28  ? 689  PRO A C   1 
ATOM   496  O  O   . PRO A 1 72  ? 8.917   -1.068  5.628   1.00 19.97  ? 689  PRO A O   1 
ATOM   497  C  CB  . PRO A 1 72  ? 9.806   -0.785  2.598   1.00 18.24  ? 689  PRO A CB  1 
ATOM   498  C  CG  . PRO A 1 72  ? 10.092  0.614   2.089   1.00 19.19  ? 689  PRO A CG  1 
ATOM   499  C  CD  . PRO A 1 72  ? 9.442   1.552   3.132   1.00 18.36  ? 689  PRO A CD  1 
ATOM   500  N  N   . ARG A 1 73  ? 7.976   -2.786  4.440   1.00 20.55  ? 690  ARG A N   1 
ATOM   501  C  CA  . ARG A 1 73  ? 8.334   -3.836  5.399   1.00 21.33  ? 690  ARG A CA  1 
ATOM   502  C  C   . ARG A 1 73  ? 9.819   -3.711  5.757   1.00 21.96  ? 690  ARG A C   1 
ATOM   503  O  O   . ARG A 1 73  ? 10.685  -3.547  4.864   1.00 21.71  ? 690  ARG A O   1 
ATOM   504  C  CB  . ARG A 1 73  ? 8.073   -5.189  4.742   1.00 21.94  ? 690  ARG A CB  1 
ATOM   505  C  CG  . ARG A 1 73  ? 8.180   -6.332  5.641   1.00 22.27  ? 690  ARG A CG  1 
ATOM   506  C  CD  . ARG A 1 73  ? 8.014   -7.670  4.949   1.00 24.69  ? 690  ARG A CD  1 
ATOM   507  N  NE  . ARG A 1 73  ? 8.411   -8.771  5.828   1.00 22.78  ? 690  ARG A NE  1 
ATOM   508  C  CZ  . ARG A 1 73  ? 8.139   -10.037 5.623   1.00 26.48  ? 690  ARG A CZ  1 
ATOM   509  N  NH1 . ARG A 1 73  ? 7.484   -10.386 4.521   1.00 26.76  ? 690  ARG A NH1 1 
ATOM   510  N  NH2 . ARG A 1 73  ? 8.528   -10.955 6.516   1.00 23.15  ? 690  ARG A NH2 1 
ATOM   511  N  N   . GLN A 1 74  ? 10.124  -3.796  7.049   1.00 22.76  ? 691  GLN A N   1 
ATOM   512  C  CA  . GLN A 1 74  ? 11.508  -3.626  7.536   1.00 23.60  ? 691  GLN A CA  1 
ATOM   513  C  C   . GLN A 1 74  ? 12.388  -4.891  7.680   1.00 24.81  ? 691  GLN A C   1 
ATOM   514  O  O   . GLN A 1 74  ? 13.573  -4.790  7.825   1.00 25.09  ? 691  GLN A O   1 
ATOM   515  C  CB  . GLN A 1 74  ? 11.520  -2.795  8.847   1.00 23.35  ? 691  GLN A CB  1 
ATOM   516  C  CG  . GLN A 1 74  ? 10.943  -1.324  8.678   1.00 20.34  ? 691  GLN A CG  1 
ATOM   517  C  CD  . GLN A 1 74  ? 11.854  -0.445  7.777   1.00 21.95  ? 691  GLN A CD  1 
ATOM   518  O  OE1 . GLN A 1 74  ? 12.951  -0.075  8.194   1.00 21.71  ? 691  GLN A OE1 1 
ATOM   519  N  NE2 . GLN A 1 74  ? 11.413  -0.146  6.538   1.00 16.64  ? 691  GLN A NE2 1 
ATOM   520  N  N   . ASP A 1 75  ? 11.823  -6.085  7.672   1.00 26.05  ? 692  ASP A N   1 
ATOM   521  C  CA  . ASP A 1 75  ? 12.633  -7.267  7.981   1.00 27.33  ? 692  ASP A CA  1 
ATOM   522  C  C   . ASP A 1 75  ? 12.865  -8.125  6.730   1.00 26.91  ? 692  ASP A C   1 
ATOM   523  O  O   . ASP A 1 75  ? 13.527  -9.140  6.799   1.00 27.52  ? 692  ASP A O   1 
ATOM   524  C  CB  . ASP A 1 75  ? 11.962  -8.112  9.086   1.00 27.16  ? 692  ASP A CB  1 
ATOM   525  C  CG  . ASP A 1 75  ? 10.591  -8.647  8.652   1.00 31.31  ? 692  ASP A CG  1 
ATOM   526  O  OD1 . ASP A 1 75  ? 9.848   -7.889  7.964   1.00 29.85  ? 692  ASP A OD1 1 
ATOM   527  O  OD2 . ASP A 1 75  ? 10.189  -9.812  8.935   1.00 35.03  ? 692  ASP A OD2 1 
ATOM   528  N  N   . SER A 1 76  ? 12.301  -7.726  5.597   1.00 25.30  ? 693  SER A N   1 
ATOM   529  C  CA  . SER A 1 76  ? 12.385  -8.542  4.386   1.00 24.15  ? 693  SER A CA  1 
ATOM   530  C  C   . SER A 1 76  ? 11.991  -7.673  3.212   1.00 24.29  ? 693  SER A C   1 
ATOM   531  O  O   . SER A 1 76  ? 11.188  -6.752  3.365   1.00 22.88  ? 693  SER A O   1 
ATOM   532  C  CB  . SER A 1 76  ? 11.422  -9.743  4.491   1.00 24.25  ? 693  SER A CB  1 
ATOM   533  O  OG  . SER A 1 76  ? 11.187  -10.348 3.264   1.00 22.33  ? 693  SER A OG  1 
ATOM   534  N  N   . LYS A 1 77  ? 12.569  -7.958  2.045   1.00 24.18  ? 694  LYS A N   1 
ATOM   535  C  CA  . LYS A 1 77  ? 12.184  -7.235  0.813   1.00 24.27  ? 694  LYS A CA  1 
ATOM   536  C  C   . LYS A 1 77  ? 10.988  -7.832  0.080   1.00 23.54  ? 694  LYS A C   1 
ATOM   537  O  O   . LYS A 1 77  ? 10.546  -7.251  -0.905  1.00 23.75  ? 694  LYS A O   1 
ATOM   538  C  CB  . LYS A 1 77  ? 13.366  -7.002  -0.159  1.00 23.77  ? 694  LYS A CB  1 
ATOM   539  C  CG  . LYS A 1 77  ? 13.897  -8.232  -0.880  1.00 26.28  ? 694  LYS A CG  1 
ATOM   540  C  CD  . LYS A 1 77  ? 15.122  -7.859  -1.731  1.00 25.99  ? 694  LYS A CD  1 
ATOM   541  C  CE  . LYS A 1 77  ? 14.694  -6.960  -2.893  1.00 27.21  ? 694  LYS A CE  1 
ATOM   542  N  NZ  . LYS A 1 77  ? 15.913  -6.547  -3.731  1.00 30.04  ? 694  LYS A NZ  1 
ATOM   543  N  N   . ASN A 1 78  ? 10.459  -8.967  0.565   1.00 23.30  ? 695  ASN A N   1 
ATOM   544  C  CA  . ASN A 1 78  ? 9.349   -9.635  -0.112  1.00 22.41  ? 695  ASN A CA  1 
ATOM   545  C  C   . ASN A 1 78  ? 8.122   -8.677  -0.142  1.00 22.15  ? 695  ASN A C   1 
ATOM   546  O  O   . ASN A 1 78  ? 7.680   -8.201  0.919   1.00 21.91  ? 695  ASN A O   1 
ATOM   547  C  CB  . ASN A 1 78  ? 9.008   -10.931 0.621   1.00 22.44  ? 695  ASN A CB  1 
ATOM   548  C  CG  . ASN A 1 78  ? 9.943   -12.098 0.285   1.00 21.28  ? 695  ASN A CG  1 
ATOM   549  O  OD1 . ASN A 1 78  ? 9.891   -13.128 0.950   1.00 23.67  ? 695  ASN A OD1 1 
ATOM   550  N  ND2 . ASN A 1 78  ? 10.732  -11.971 -0.754  1.00 17.37  ? 695  ASN A ND2 1 
ATOM   551  N  N   . GLY A 1 79  ? 7.626   -8.344  -1.327  1.00 20.92  ? 696  GLY A N   1 
ATOM   552  C  CA  . GLY A 1 79  ? 6.469   -7.463  -1.441  1.00 21.01  ? 696  GLY A CA  1 
ATOM   553  C  C   . GLY A 1 79  ? 6.760   -5.960  -1.511  1.00 20.92  ? 696  GLY A C   1 
ATOM   554  O  O   . GLY A 1 79  ? 5.851   -5.129  -1.678  1.00 20.90  ? 696  GLY A O   1 
ATOM   555  N  N   . ARG A 1 80  ? 8.026   -5.606  -1.384  1.00 20.53  ? 697  ARG A N   1 
ATOM   556  C  CA  . ARG A 1 80  ? 8.439   -4.191  -1.441  1.00 21.35  ? 697  ARG A CA  1 
ATOM   557  C  C   . ARG A 1 80  ? 8.019   -3.613  -2.783  1.00 21.39  ? 697  ARG A C   1 
ATOM   558  O  O   . ARG A 1 80  ? 8.342   -4.183  -3.843  1.00 20.46  ? 697  ARG A O   1 
ATOM   559  C  CB  . ARG A 1 80  ? 9.956   -4.058  -1.229  1.00 19.63  ? 697  ARG A CB  1 
ATOM   560  C  CG  . ARG A 1 80  ? 10.508  -2.665  -1.255  1.00 19.93  ? 697  ARG A CG  1 
ATOM   561  C  CD  . ARG A 1 80  ? 12.055  -2.710  -1.263  1.00 21.74  ? 697  ARG A CD  1 
ATOM   562  N  NE  . ARG A 1 80  ? 12.526  -3.255  0.008   1.00 18.96  ? 697  ARG A NE  1 
ATOM   563  C  CZ  . ARG A 1 80  ? 13.744  -3.680  0.254   1.00 20.85  ? 697  ARG A CZ  1 
ATOM   564  N  NH1 . ARG A 1 80  ? 14.676  -3.662  -0.701  1.00 18.98  ? 697  ARG A NH1 1 
ATOM   565  N  NH2 . ARG A 1 80  ? 14.038  -4.155  1.467   1.00 18.92  ? 697  ARG A NH2 1 
ATOM   566  N  N   . ILE A 1 81  ? 7.299   -2.492  -2.705  1.00 22.54  ? 698  ILE A N   1 
ATOM   567  C  CA  . ILE A 1 81  ? 6.652   -1.844  -3.860  1.00 22.83  ? 698  ILE A CA  1 
ATOM   568  C  C   . ILE A 1 81  ? 7.675   -0.975  -4.597  1.00 23.62  ? 698  ILE A C   1 
ATOM   569  O  O   . ILE A 1 81  ? 8.290   -0.027  -4.023  1.00 22.88  ? 698  ILE A O   1 
ATOM   570  C  CB  . ILE A 1 81  ? 5.431   -1.046  -3.398  1.00 22.84  ? 698  ILE A CB  1 
ATOM   571  C  CG1 . ILE A 1 81  ? 4.382   -2.013  -2.762  1.00 25.01  ? 698  ILE A CG1 1 
ATOM   572  C  CG2 . ILE A 1 81  ? 4.830   -0.292  -4.543  1.00 21.72  ? 698  ILE A CG2 1 
ATOM   573  C  CD1 . ILE A 1 81  ? 3.294   -1.359  -1.944  1.00 20.99  ? 698  ILE A CD1 1 
ATOM   574  N  N   . THR A 1 82  ? 7.886   -1.332  -5.870  1.00 23.29  ? 699  THR A N   1 
ATOM   575  C  CA  . THR A 1 82  ? 8.800   -0.576  -6.721  1.00 22.36  ? 699  THR A CA  1 
ATOM   576  C  C   . THR A 1 82  ? 8.054   0.114   -7.867  1.00 21.46  ? 699  THR A C   1 
ATOM   577  O  O   . THR A 1 82  ? 8.675   0.793   -8.672  1.00 21.79  ? 699  THR A O   1 
ATOM   578  C  CB  . THR A 1 82  ? 9.888   -1.492  -7.288  1.00 21.40  ? 699  THR A CB  1 
ATOM   579  O  OG1 . THR A 1 82  ? 9.274   -2.740  -7.614  1.00 22.64  ? 699  THR A OG1 1 
ATOM   580  C  CG2 . THR A 1 82  ? 10.955  -1.815  -6.223  1.00 20.45  ? 699  THR A CG2 1 
ATOM   581  N  N   . GLY A 1 83  ? 6.752   -0.072  -7.970  1.00 20.50  ? 700  GLY A N   1 
ATOM   582  C  CA  . GLY A 1 83  ? 6.003   0.570   -9.058  1.00 19.67  ? 700  GLY A CA  1 
ATOM   583  C  C   . GLY A 1 83  ? 4.578   0.666   -8.546  1.00 21.39  ? 700  GLY A C   1 
ATOM   584  O  O   . GLY A 1 83  ? 4.038   -0.299  -7.915  1.00 19.55  ? 700  GLY A O   1 
ATOM   585  N  N   . TYR A 1 84  ? 3.954   1.821   -8.781  1.00 21.98  ? 701  TYR A N   1 
ATOM   586  C  CA  . TYR A 1 84  ? 2.671   2.105   -8.127  1.00 22.88  ? 701  TYR A CA  1 
ATOM   587  C  C   . TYR A 1 84  ? 1.793   3.000   -8.991  1.00 23.19  ? 701  TYR A C   1 
ATOM   588  O  O   . TYR A 1 84  ? 2.279   3.692   -9.888  1.00 22.77  ? 701  TYR A O   1 
ATOM   589  C  CB  . TYR A 1 84  ? 2.912   2.820   -6.783  1.00 22.05  ? 701  TYR A CB  1 
ATOM   590  C  CG  . TYR A 1 84  ? 3.501   4.208   -7.009  1.00 23.29  ? 701  TYR A CG  1 
ATOM   591  C  CD1 . TYR A 1 84  ? 4.868   4.432   -6.917  1.00 21.39  ? 701  TYR A CD1 1 
ATOM   592  C  CD2 . TYR A 1 84  ? 2.672   5.295   -7.340  1.00 23.60  ? 701  TYR A CD2 1 
ATOM   593  C  CE1 . TYR A 1 84  ? 5.396   5.714   -7.134  1.00 24.02  ? 701  TYR A CE1 1 
ATOM   594  C  CE2 . TYR A 1 84  ? 3.173   6.551   -7.554  1.00 22.51  ? 701  TYR A CE2 1 
ATOM   595  C  CZ  . TYR A 1 84  ? 4.537   6.763   -7.476  1.00 24.84  ? 701  TYR A CZ  1 
ATOM   596  O  OH  . TYR A 1 84  ? 5.033   8.043   -7.718  1.00 26.45  ? 701  TYR A OH  1 
ATOM   597  N  N   . LYS A 1 85  ? 0.500   2.989   -8.690  1.00 24.14  ? 702  LYS A N   1 
ATOM   598  C  CA  . LYS A 1 85  ? -0.431  3.952   -9.236  1.00 26.08  ? 702  LYS A CA  1 
ATOM   599  C  C   . LYS A 1 85  ? -1.205  4.476   -8.028  1.00 26.31  ? 702  LYS A C   1 
ATOM   600  O  O   . LYS A 1 85  ? -1.632  3.684   -7.188  1.00 27.36  ? 702  LYS A O   1 
ATOM   601  C  CB  . LYS A 1 85  ? -1.288  3.252   -10.274 1.00 26.12  ? 702  LYS A CB  1 
ATOM   602  C  CG  . LYS A 1 85  ? -2.363  4.106   -10.933 1.00 33.98  ? 702  LYS A CG  1 
ATOM   603  C  CD  . LYS A 1 85  ? -2.845  3.418   -12.247 1.00 40.57  ? 702  LYS A CD  1 
ATOM   604  C  CE  . LYS A 1 85  ? -4.321  2.953   -12.180 1.00 46.46  ? 702  LYS A CE  1 
ATOM   605  N  NZ  . LYS A 1 85  ? -4.456  1.478   -12.485 1.00 49.48  ? 702  LYS A NZ  1 
ATOM   606  N  N   . VAL A 1 86  ? -1.311  5.794   -7.867  1.00 26.64  ? 703  VAL A N   1 
ATOM   607  C  CA  . VAL A 1 86  ? -2.167  6.359   -6.829  1.00 27.05  ? 703  VAL A CA  1 
ATOM   608  C  C   . VAL A 1 86  ? -3.484  6.927   -7.424  1.00 28.23  ? 703  VAL A C   1 
ATOM   609  O  O   . VAL A 1 86  ? -3.453  7.656   -8.432  1.00 28.91  ? 703  VAL A O   1 
ATOM   610  C  CB  . VAL A 1 86  ? -1.400  7.393   -5.921  1.00 28.11  ? 703  VAL A CB  1 
ATOM   611  C  CG1 . VAL A 1 86  ? -2.337  8.078   -4.891  1.00 24.08  ? 703  VAL A CG1 1 
ATOM   612  C  CG2 . VAL A 1 86  ? -0.203  6.715   -5.177  1.00 26.87  ? 703  VAL A CG2 1 
ATOM   613  N  N   . SER A 1 87  ? -4.634  6.584   -6.824  1.00 27.92  ? 704  SER A N   1 
ATOM   614  C  CA  . SER A 1 87  ? -5.932  7.132   -7.261  1.00 27.68  ? 704  SER A CA  1 
ATOM   615  C  C   . SER A 1 87  ? -6.709  7.600   -6.063  1.00 27.77  ? 704  SER A C   1 
ATOM   616  O  O   . SER A 1 87  ? -6.490  7.106   -4.939  1.00 28.03  ? 704  SER A O   1 
ATOM   617  C  CB  . SER A 1 87  ? -6.797  6.094   -7.988  1.00 27.42  ? 704  SER A CB  1 
ATOM   618  O  OG  . SER A 1 87  ? -6.041  5.373   -8.926  1.00 29.41  ? 704  SER A OG  1 
ATOM   619  N  N   . VAL A 1 88  ? -7.641  8.524   -6.311  1.00 27.01  ? 705  VAL A N   1 
ATOM   620  C  CA  . VAL A 1 88  ? -8.435  9.135   -5.266  1.00 27.02  ? 705  VAL A CA  1 
ATOM   621  C  C   . VAL A 1 88  ? -9.882  9.000   -5.598  1.00 27.92  ? 705  VAL A C   1 
ATOM   622  O  O   . VAL A 1 88  ? -10.244 8.857   -6.759  1.00 29.04  ? 705  VAL A O   1 
ATOM   623  C  CB  . VAL A 1 88  ? -8.055  10.651  -4.976  1.00 27.55  ? 705  VAL A CB  1 
ATOM   624  C  CG1 . VAL A 1 88  ? -6.600  10.744  -4.560  1.00 27.13  ? 705  VAL A CG1 1 
ATOM   625  C  CG2 . VAL A 1 88  ? -8.375  11.578  -6.163  1.00 24.44  ? 705  VAL A CG2 1 
ATOM   626  N  N   . SER A 1 89  ? -10.719 9.014   -4.572  1.00 28.23  ? 706  SER A N   1 
ATOM   627  C  CA  . SER A 1 89  ? -12.136 8.871   -4.754  1.00 29.00  ? 706  SER A CA  1 
ATOM   628  C  C   . SER A 1 89  ? -12.859 9.679   -3.686  1.00 30.99  ? 706  SER A C   1 
ATOM   629  O  O   . SER A 1 89  ? -12.378 9.839   -2.534  1.00 30.78  ? 706  SER A O   1 
ATOM   630  C  CB  . SER A 1 89  ? -12.513 7.393   -4.671  1.00 29.32  ? 706  SER A CB  1 
ATOM   631  O  OG  . SER A 1 89  ? -13.910 7.160   -4.816  1.00 25.75  ? 706  SER A OG  1 
ATOM   632  N  N   . LEU A 1 90  ? -14.013 10.206  -4.077  1.00 32.89  ? 707  LEU A N   1 
ATOM   633  C  CA  . LEU A 1 90  ? -14.966 10.744  -3.106  1.00 35.32  ? 707  LEU A CA  1 
ATOM   634  C  C   . LEU A 1 90  ? -15.949 9.681   -2.591  1.00 36.38  ? 707  LEU A C   1 
ATOM   635  O  O   . LEU A 1 90  ? -16.303 9.697   -1.419  1.00 37.46  ? 707  LEU A O   1 
ATOM   636  C  CB  . LEU A 1 90  ? -15.722 11.952  -3.677  1.00 35.79  ? 707  LEU A CB  1 
ATOM   637  C  CG  . LEU A 1 90  ? -14.822 13.178  -3.930  1.00 35.49  ? 707  LEU A CG  1 
ATOM   638  C  CD1 . LEU A 1 90  ? -15.664 14.367  -4.542  1.00 35.38  ? 707  LEU A CD1 1 
ATOM   639  C  CD2 . LEU A 1 90  ? -14.056 13.601  -2.678  1.00 29.07  ? 707  LEU A CD2 1 
ATOM   640  N  N   . ASP A 1 91  ? -16.351 8.737   -3.434  1.00 37.62  ? 708  ASP A N   1 
ATOM   641  C  CA  . ASP A 1 91  ? -17.391 7.772   -3.033  1.00 38.90  ? 708  ASP A CA  1 
ATOM   642  C  C   . ASP A 1 91  ? -16.931 6.340   -2.751  1.00 38.98  ? 708  ASP A C   1 
ATOM   643  O  O   . ASP A 1 91  ? -17.757 5.509   -2.391  1.00 40.30  ? 708  ASP A O   1 
ATOM   644  C  CB  . ASP A 1 91  ? -18.511 7.716   -4.088  1.00 39.53  ? 708  ASP A CB  1 
ATOM   645  C  CG  . ASP A 1 91  ? -18.002 7.290   -5.462  1.00 41.64  ? 708  ASP A CG  1 
ATOM   646  O  OD1 . ASP A 1 91  ? -18.646 7.722   -6.435  1.00 43.90  ? 708  ASP A OD1 1 
ATOM   647  O  OD2 . ASP A 1 91  ? -16.989 6.537   -5.677  1.00 40.86  ? 708  ASP A OD2 1 
ATOM   648  N  N   . GLY A 1 92  ? -15.648 6.029   -2.934  1.00 38.68  ? 709  GLY A N   1 
ATOM   649  C  CA  . GLY A 1 92  ? -15.159 4.686   -2.681  1.00 38.11  ? 709  GLY A CA  1 
ATOM   650  C  C   . GLY A 1 92  ? -15.408 3.704   -3.809  1.00 38.30  ? 709  GLY A C   1 
ATOM   651  O  O   . GLY A 1 92  ? -15.067 2.528   -3.696  1.00 37.97  ? 709  GLY A O   1 
ATOM   652  N  N   . GLU A 1 93  ? -16.001 4.196   -4.893  1.00 38.93  ? 710  GLU A N   1 
ATOM   653  C  CA  . GLU A 1 93  ? -16.336 3.388   -6.066  1.00 40.24  ? 710  GLU A CA  1 
ATOM   654  C  C   . GLU A 1 93  ? -15.639 3.936   -7.312  1.00 38.91  ? 710  GLU A C   1 
ATOM   655  O  O   . GLU A 1 93  ? -14.961 3.179   -8.004  1.00 38.00  ? 710  GLU A O   1 
ATOM   656  C  CB  . GLU A 1 93  ? -17.867 3.339   -6.270  1.00 40.86  ? 710  GLU A CB  1 
ATOM   657  C  CG  . GLU A 1 93  ? -18.526 2.107   -5.662  1.00 48.50  ? 710  GLU A CG  1 
ATOM   658  C  CD  . GLU A 1 93  ? -18.008 0.789   -6.272  1.00 56.65  ? 710  GLU A CD  1 
ATOM   659  O  OE1 . GLU A 1 93  ? -17.647 -0.131  -5.484  1.00 58.72  ? 710  GLU A OE1 1 
ATOM   660  O  OE2 . GLU A 1 93  ? -17.953 0.660   -7.538  1.00 58.59  ? 710  GLU A OE2 1 
ATOM   661  N  N   . ASN A 1 94  ? -15.797 5.238   -7.576  1.00 38.03  ? 711  ASN A N   1 
ATOM   662  C  CA  . ASN A 1 94  ? -15.184 5.851   -8.752  1.00 38.73  ? 711  ASN A CA  1 
ATOM   663  C  C   . ASN A 1 94  ? -13.885 6.533   -8.386  1.00 37.72  ? 711  ASN A C   1 
ATOM   664  O  O   . ASN A 1 94  ? -13.887 7.486   -7.569  1.00 37.20  ? 711  ASN A O   1 
ATOM   665  C  CB  . ASN A 1 94  ? -16.144 6.815   -9.468  1.00 39.63  ? 711  ASN A CB  1 
ATOM   666  C  CG  . ASN A 1 94  ? -17.516 6.177   -9.702  1.00 44.25  ? 711  ASN A CG  1 
ATOM   667  O  OD1 . ASN A 1 94  ? -17.640 5.174   -10.419 1.00 45.47  ? 711  ASN A OD1 1 
ATOM   668  N  ND2 . ASN A 1 94  ? -18.526 6.703   -9.024  1.00 47.19  ? 711  ASN A ND2 1 
ATOM   669  N  N   . PHE A 1 95  ? -12.797 6.026   -8.983  1.00 35.61  ? 712  PHE A N   1 
ATOM   670  C  CA  . PHE A 1 95  ? -11.442 6.469   -8.663  1.00 34.09  ? 712  PHE A CA  1 
ATOM   671  C  C   . PHE A 1 95  ? -10.786 7.267   -9.798  1.00 33.81  ? 712  PHE A C   1 
ATOM   672  O  O   . PHE A 1 95  ? -10.967 6.967   -10.990 1.00 32.51  ? 712  PHE A O   1 
ATOM   673  C  CB  . PHE A 1 95  ? -10.557 5.285   -8.268  1.00 32.96  ? 712  PHE A CB  1 
ATOM   674  C  CG  . PHE A 1 95  ? -10.794 4.805   -6.868  1.00 31.63  ? 712  PHE A CG  1 
ATOM   675  C  CD1 . PHE A 1 95  ? -9.986  5.251   -5.814  1.00 27.80  ? 712  PHE A CD1 1 
ATOM   676  C  CD2 . PHE A 1 95  ? -11.845 3.921   -6.583  1.00 29.17  ? 712  PHE A CD2 1 
ATOM   677  C  CE1 . PHE A 1 95  ? -10.209 4.791   -4.474  1.00 25.70  ? 712  PHE A CE1 1 
ATOM   678  C  CE2 . PHE A 1 95  ? -12.093 3.466   -5.232  1.00 26.01  ? 712  PHE A CE2 1 
ATOM   679  C  CZ  . PHE A 1 95  ? -11.278 3.898   -4.195  1.00 25.25  ? 712  PHE A CZ  1 
ATOM   680  N  N   . THR A 1 96  ? -10.007 8.274   -9.414  1.00 33.05  ? 713  THR A N   1 
ATOM   681  C  CA  . THR A 1 96  ? -9.281  9.068   -10.398 1.00 33.58  ? 713  THR A CA  1 
ATOM   682  C  C   . THR A 1 96  ? -7.781  8.990   -10.161 1.00 33.63  ? 713  THR A C   1 
ATOM   683  O  O   . THR A 1 96  ? -7.304  9.205   -9.031  1.00 33.73  ? 713  THR A O   1 
ATOM   684  C  CB  . THR A 1 96  ? -9.786  10.514  -10.402 1.00 33.19  ? 713  THR A CB  1 
ATOM   685  O  OG1 . THR A 1 96  ? -11.175 10.482  -10.771 1.00 33.55  ? 713  THR A OG1 1 
ATOM   686  C  CG2 . THR A 1 96  ? -9.102  11.318  -11.525 1.00 32.86  ? 713  THR A CG2 1 
ATOM   687  N  N   . GLU A 1 97  ? -7.055  8.638   -11.223 1.00 32.79  ? 714  GLU A N   1 
ATOM   688  C  CA  . GLU A 1 97  ? -5.632  8.474   -11.136 1.00 32.54  ? 714  GLU A CA  1 
ATOM   689  C  C   . GLU A 1 97  ? -4.962  9.846   -11.015 1.00 31.56  ? 714  GLU A C   1 
ATOM   690  O  O   . GLU A 1 97  ? -5.245  10.746  -11.810 1.00 31.28  ? 714  GLU A O   1 
ATOM   691  C  CB  . GLU A 1 97  ? -5.110  7.713   -12.343 1.00 32.88  ? 714  GLU A CB  1 
ATOM   692  C  CG  . GLU A 1 97  ? -3.602  7.606   -12.309 1.00 35.38  ? 714  GLU A CG  1 
ATOM   693  C  CD  . GLU A 1 97  ? -3.040  7.208   -13.648 1.00 40.99  ? 714  GLU A CD  1 
ATOM   694  O  OE1 . GLU A 1 97  ? -3.481  6.151   -14.144 1.00 43.31  ? 714  GLU A OE1 1 
ATOM   695  O  OE2 . GLU A 1 97  ? -2.161  7.939   -14.179 1.00 41.31  ? 714  GLU A OE2 1 
ATOM   696  N  N   . VAL A 1 98  ? -4.097  9.994   -10.007 1.00 30.06  ? 715  VAL A N   1 
ATOM   697  C  CA  . VAL A 1 98  ? -3.412  11.250  -9.753  1.00 29.05  ? 715  VAL A CA  1 
ATOM   698  C  C   . VAL A 1 98  ? -1.897  11.146  -9.897  1.00 28.94  ? 715  VAL A C   1 
ATOM   699  O  O   . VAL A 1 98  ? -1.268  12.179  -10.044 1.00 28.69  ? 715  VAL A O   1 
ATOM   700  C  CB  . VAL A 1 98  ? -3.816  11.925  -8.379  1.00 29.56  ? 715  VAL A CB  1 
ATOM   701  C  CG1 . VAL A 1 98  ? -5.350  12.060  -8.273  1.00 29.64  ? 715  VAL A CG1 1 
ATOM   702  C  CG2 . VAL A 1 98  ? -3.246  11.183  -7.169  1.00 29.13  ? 715  VAL A CG2 1 
ATOM   703  N  N   . LYS A 1 99  ? -1.324  9.924   -9.874  1.00 28.52  ? 716  LYS A N   1 
ATOM   704  C  CA  . LYS A 1 99  ? 0.130   9.737   -9.916  1.00 28.90  ? 716  LYS A CA  1 
ATOM   705  C  C   . LYS A 1 99  ? 0.567   8.306   -10.252 1.00 29.68  ? 716  LYS A C   1 
ATOM   706  O  O   . LYS A 1 99  ? 0.025   7.325   -9.759  1.00 30.32  ? 716  LYS A O   1 
ATOM   707  C  CB  . LYS A 1 99  ? 0.768   10.178  -8.583  1.00 29.18  ? 716  LYS A CB  1 
ATOM   708  C  CG  . LYS A 1 99  ? 2.297   10.149  -8.501  1.00 28.39  ? 716  LYS A CG  1 
ATOM   709  C  CD  . LYS A 1 99  ? 2.973   11.370  -9.123  1.00 28.14  ? 716  LYS A CD  1 
ATOM   710  C  CE  . LYS A 1 99  ? 4.453   11.135  -9.262  0.65 27.49  ? 716  LYS A CE  1 
ATOM   711  N  NZ  . LYS A 1 99  ? 5.092   12.371  -9.781  0.65 30.69  ? 716  LYS A NZ  1 
ATOM   712  N  N   . THR A 1 100 ? 1.561   8.192   -11.110 1.00 29.36  ? 717  THR A N   1 
ATOM   713  C  CA  . THR A 1 100 ? 2.158   6.878   -11.393 1.00 29.76  ? 717  THR A CA  1 
ATOM   714  C  C   . THR A 1 100 ? 3.680   7.052   -11.249 1.00 27.20  ? 717  THR A C   1 
ATOM   715  O  O   . THR A 1 100 ? 4.201   8.142   -11.484 1.00 27.75  ? 717  THR A O   1 
ATOM   716  C  CB  . THR A 1 100 ? 1.775   6.408   -12.807 1.00 29.76  ? 717  THR A CB  1 
ATOM   717  O  OG1 . THR A 1 100 ? 0.430   5.880   -12.788 1.00 34.74  ? 717  THR A OG1 1 
ATOM   718  C  CG2 . THR A 1 100 ? 2.553   5.172   -13.123 1.00 34.09  ? 717  THR A CG2 1 
ATOM   719  N  N   . GLY A 1 101 ? 4.391   6.024   -10.824 1.00 25.04  ? 718  GLY A N   1 
ATOM   720  C  CA  . GLY A 1 101 ? 5.847   6.097   -10.801 1.00 23.43  ? 718  GLY A CA  1 
ATOM   721  C  C   . GLY A 1 101 ? 6.465   4.827   -10.246 1.00 22.75  ? 718  GLY A C   1 
ATOM   722  O  O   . GLY A 1 101 ? 5.766   3.841   -9.994  1.00 21.47  ? 718  GLY A O   1 
ATOM   723  N  N   . THR A 1 102 ? 7.794   4.872   -10.108 1.00 22.70  ? 719  THR A N   1 
ATOM   724  C  CA  . THR A 1 102 ? 8.604   3.847   -9.464  1.00 21.48  ? 719  THR A CA  1 
ATOM   725  C  C   . THR A 1 102 ? 9.149   4.387   -8.128  1.00 21.54  ? 719  THR A C   1 
ATOM   726  O  O   . THR A 1 102 ? 9.090   5.628   -7.831  1.00 20.83  ? 719  THR A O   1 
ATOM   727  C  CB  . THR A 1 102 ? 9.799   3.397   -10.377 1.00 21.84  ? 719  THR A CB  1 
ATOM   728  O  OG1 . THR A 1 102 ? 10.647  4.522   -10.670 1.00 22.04  ? 719  THR A OG1 1 
ATOM   729  C  CG2 . THR A 1 102 ? 9.340   2.858   -11.815 1.00 20.90  ? 719  THR A CG2 1 
ATOM   730  N  N   . LEU A 1 103 ? 9.702   3.446   -7.352  1.00 20.40  ? 720  LEU A N   1 
ATOM   731  C  CA  . LEU A 1 103 ? 10.305  3.679   -6.026  1.00 19.60  ? 720  LEU A CA  1 
ATOM   732  C  C   . LEU A 1 103 ? 11.518  2.769   -6.031  1.00 20.08  ? 720  LEU A C   1 
ATOM   733  O  O   . LEU A 1 103 ? 11.478  1.694   -6.679  1.00 21.09  ? 720  LEU A O   1 
ATOM   734  C  CB  . LEU A 1 103 ? 9.347   3.258   -4.907  1.00 18.04  ? 720  LEU A CB  1 
ATOM   735  C  CG  . LEU A 1 103 ? 8.005   3.972   -4.914  1.00 19.48  ? 720  LEU A CG  1 
ATOM   736  C  CD1 . LEU A 1 103 ? 6.948   3.312   -4.005  1.00 20.07  ? 720  LEU A CD1 1 
ATOM   737  C  CD2 . LEU A 1 103 ? 8.201   5.440   -4.481  1.00 22.73  ? 720  LEU A CD2 1 
ATOM   738  N  N   . GLU A 1 104 ? 12.571  3.193   -5.337  1.00 19.77  ? 721  GLU A N   1 
ATOM   739  C  CA  . GLU A 1 104 ? 13.860  2.549   -5.316  0.50 19.56  ? 721  GLU A CA  1 
ATOM   740  C  C   . GLU A 1 104 ? 13.726  1.283   -4.514  1.00 20.57  ? 721  GLU A C   1 
ATOM   741  O  O   . GLU A 1 104 ? 12.896  1.161   -3.609  1.00 20.62  ? 721  GLU A O   1 
ATOM   742  C  CB  . GLU A 1 104 ? 14.879  3.468   -4.661  0.50 18.66  ? 721  GLU A CB  1 
ATOM   743  C  CG  . GLU A 1 104 ? 15.198  4.699   -5.478  0.50 21.63  ? 721  GLU A CG  1 
ATOM   744  C  CD  . GLU A 1 104 ? 16.146  4.391   -6.635  0.50 24.70  ? 721  GLU A CD  1 
ATOM   745  O  OE2 . GLU A 1 104 ? 15.639  4.185   -7.750  0.50 26.47  ? 721  GLU A OE2 1 
ATOM   746  N  N   . ASP A 1 105 ? 14.515  0.299   -4.883  1.00 21.08  ? 722  ASP A N   1 
ATOM   747  C  CA  . ASP A 1 105 ? 14.462  -0.977  -4.262  1.00 22.18  ? 722  ASP A CA  1 
ATOM   748  C  C   . ASP A 1 105 ? 15.349  -0.930  -2.993  1.00 22.47  ? 722  ASP A C   1 
ATOM   749  O  O   . ASP A 1 105 ? 16.504  -1.401  -3.003  1.00 22.67  ? 722  ASP A O   1 
ATOM   750  C  CB  . ASP A 1 105 ? 14.982  -2.012  -5.268  1.00 22.82  ? 722  ASP A CB  1 
ATOM   751  C  CG  . ASP A 1 105 ? 15.025  -3.409  -4.688  1.00 27.44  ? 722  ASP A CG  1 
ATOM   752  O  OD1 . ASP A 1 105 ? 14.538  -3.623  -3.531  1.00 25.94  ? 722  ASP A OD1 1 
ATOM   753  O  OD2 . ASP A 1 105 ? 15.571  -4.347  -5.316  1.00 32.63  ? 722  ASP A OD2 1 
ATOM   754  N  N   . ASN A 1 106 ? 14.820  -0.350  -1.920  1.00 21.80  ? 723  ASN A N   1 
ATOM   755  C  CA  . ASN A 1 106 ? 15.462  -0.367  -0.602  1.00 21.53  ? 723  ASN A CA  1 
ATOM   756  C  C   . ASN A 1 106 ? 14.338  -0.200  0.447   1.00 21.69  ? 723  ASN A C   1 
ATOM   757  O  O   . ASN A 1 106 ? 13.179  0.090   0.067   1.00 21.49  ? 723  ASN A O   1 
ATOM   758  C  CB  . ASN A 1 106 ? 16.514  0.760   -0.473  1.00 20.56  ? 723  ASN A CB  1 
ATOM   759  C  CG  . ASN A 1 106 ? 15.908  2.172   -0.737  1.00 22.04  ? 723  ASN A CG  1 
ATOM   760  O  OD1 . ASN A 1 106 ? 14.874  2.556   -0.151  1.00 23.63  ? 723  ASN A OD1 1 
ATOM   761  N  ND2 . ASN A 1 106 ? 16.567  2.945   -1.591  1.00 20.61  ? 723  ASN A ND2 1 
ATOM   762  N  N   . ALA A 1 107 ? 14.699  -0.324  1.725   1.00 20.99  ? 724  ALA A N   1 
ATOM   763  C  CA  . ALA A 1 107 ? 13.749  -0.324  2.841   1.00 21.88  ? 724  ALA A CA  1 
ATOM   764  C  C   . ALA A 1 107 ? 13.471  1.080   3.401   1.00 21.46  ? 724  ALA A C   1 
ATOM   765  O  O   . ALA A 1 107 ? 12.849  1.190   4.450   1.00 21.63  ? 724  ALA A O   1 
ATOM   766  C  CB  . ALA A 1 107 ? 14.269  -1.263  4.007   1.00 20.80  ? 724  ALA A CB  1 
ATOM   767  N  N   . ALA A 1 108 ? 13.950  2.122   2.722   1.00 21.01  ? 725  ALA A N   1 
ATOM   768  C  CA  . ALA A 1 108 ? 13.765  3.503   3.167   1.00 21.42  ? 725  ALA A CA  1 
ATOM   769  C  C   . ALA A 1 108 ? 12.309  3.946   2.995   1.00 22.10  ? 725  ALA A C   1 
ATOM   770  O  O   . ALA A 1 108 ? 11.617  3.480   2.040   1.00 22.32  ? 725  ALA A O   1 
ATOM   771  C  CB  . ALA A 1 108 ? 14.696  4.428   2.385   1.00 21.50  ? 725  ALA A CB  1 
ATOM   772  N  N   . ILE A 1 109 ? 11.839  4.832   3.899   1.00 21.73  ? 726  ILE A N   1 
ATOM   773  C  CA  . ILE A 1 109 ? 10.499  5.427   3.801   1.00 20.74  ? 726  ILE A CA  1 
ATOM   774  C  C   . ILE A 1 109 ? 10.385  6.201   2.478   1.00 21.33  ? 726  ILE A C   1 
ATOM   775  O  O   . ILE A 1 109 ? 11.293  6.991   2.123   1.00 21.35  ? 726  ILE A O   1 
ATOM   776  C  CB  . ILE A 1 109 ? 10.229  6.349   5.039   1.00 20.94  ? 726  ILE A CB  1 
ATOM   777  C  CG1 . ILE A 1 109 ? 9.686   5.546   6.252   1.00 21.05  ? 726  ILE A CG1 1 
ATOM   778  C  CG2 . ILE A 1 109 ? 9.190   7.457   4.722   1.00 21.03  ? 726  ILE A CG2 1 
ATOM   779  C  CD1 . ILE A 1 109 ? 10.590  4.396   6.750   1.00 21.48  ? 726  ILE A CD1 1 
ATOM   780  N  N   . LYS A 1 110 ? 9.296   5.991   1.737   1.00 21.29  ? 727  LYS A N   1 
ATOM   781  C  CA  . LYS A 1 110 ? 9.129   6.660   0.445   1.00 20.89  ? 727  LYS A CA  1 
ATOM   782  C  C   . LYS A 1 110 ? 7.969   7.649   0.531   1.00 21.88  ? 727  LYS A C   1 
ATOM   783  O  O   . LYS A 1 110 ? 7.049   7.467   1.356   1.00 21.27  ? 727  LYS A O   1 
ATOM   784  C  CB  . LYS A 1 110 ? 8.879   5.650   -0.689  1.00 20.44  ? 727  LYS A CB  1 
ATOM   785  C  CG  . LYS A 1 110 ? 9.880   4.503   -0.788  1.00 19.38  ? 727  LYS A CG  1 
ATOM   786  C  CD  . LYS A 1 110 ? 11.362  4.934   -0.994  1.00 11.08  ? 727  LYS A CD  1 
ATOM   787  C  CE  . LYS A 1 110 ? 12.241  3.748   -1.460  1.00 11.55  ? 727  LYS A CE  1 
ATOM   788  N  NZ  . LYS A 1 110 ? 12.023  2.477   -0.590  1.00 13.50  ? 727  LYS A NZ  1 
ATOM   789  N  N   . PHE A 1 111 ? 8.024   8.686   -0.314  1.00 22.98  ? 728  PHE A N   1 
ATOM   790  C  CA  . PHE A 1 111 ? 6.951   9.653   -0.446  1.00 24.19  ? 728  PHE A CA  1 
ATOM   791  C  C   . PHE A 1 111 ? 6.469   9.786   -1.872  1.00 25.38  ? 728  PHE A C   1 
ATOM   792  O  O   . PHE A 1 111 ? 7.253   9.861   -2.793  1.00 26.07  ? 728  PHE A O   1 
ATOM   793  C  CB  . PHE A 1 111 ? 7.415   11.005  0.076   1.00 25.29  ? 728  PHE A CB  1 
ATOM   794  C  CG  . PHE A 1 111 ? 7.642   11.019  1.541   1.00 22.90  ? 728  PHE A CG  1 
ATOM   795  C  CD1 . PHE A 1 111 ? 6.568   11.104  2.412   1.00 23.90  ? 728  PHE A CD1 1 
ATOM   796  C  CD2 . PHE A 1 111 ? 8.916   10.942  2.039   1.00 22.82  ? 728  PHE A CD2 1 
ATOM   797  C  CE1 . PHE A 1 111 ? 6.782   11.132  3.787   1.00 29.74  ? 728  PHE A CE1 1 
ATOM   798  C  CE2 . PHE A 1 111 ? 9.154   10.966  3.417   1.00 25.24  ? 728  PHE A CE2 1 
ATOM   799  C  CZ  . PHE A 1 111 ? 8.099   11.039  4.286   1.00 26.70  ? 728  PHE A CZ  1 
ATOM   800  N  N   . ILE A 1 112 ? 5.164   9.792   -2.065  1.00 26.43  ? 729  ILE A N   1 
ATOM   801  C  CA  . ILE A 1 112 ? 4.627   9.978   -3.387  1.00 26.91  ? 729  ILE A CA  1 
ATOM   802  C  C   . ILE A 1 112 ? 3.892   11.330  -3.337  1.00 28.20  ? 729  ILE A C   1 
ATOM   803  O  O   . ILE A 1 112 ? 3.064   11.555  -2.436  1.00 28.33  ? 729  ILE A O   1 
ATOM   804  C  CB  . ILE A 1 112 ? 3.675   8.801   -3.781  1.00 26.60  ? 729  ILE A CB  1 
ATOM   805  C  CG1 . ILE A 1 112 ? 4.438   7.459   -3.804  1.00 26.25  ? 729  ILE A CG1 1 
ATOM   806  C  CG2 . ILE A 1 112 ? 2.931   9.145   -5.131  1.00 27.14  ? 729  ILE A CG2 1 
ATOM   807  C  CD1 . ILE A 1 112 ? 3.601   6.226   -3.424  1.00 25.52  ? 729  ILE A CD1 1 
ATOM   808  N  N   . GLU A 1 113 ? 4.237   12.231  -4.265  1.00 28.05  ? 730  GLU A N   1 
ATOM   809  C  CA  . GLU A 1 113 ? 3.689   13.571  -4.235  1.00 28.79  ? 730  GLU A CA  1 
ATOM   810  C  C   . GLU A 1 113 ? 2.963   13.926  -5.536  1.00 29.11  ? 730  GLU A C   1 
ATOM   811  O  O   . GLU A 1 113 ? 3.347   13.491  -6.654  1.00 29.81  ? 730  GLU A O   1 
ATOM   812  C  CB  . GLU A 1 113 ? 4.783   14.576  -3.920  1.00 28.25  ? 730  GLU A CB  1 
ATOM   813  C  CG  . GLU A 1 113 ? 5.346   14.468  -2.515  1.00 29.33  ? 730  GLU A CG  1 
ATOM   814  C  CD  . GLU A 1 113 ? 6.527   15.424  -2.287  1.00 32.14  ? 730  GLU A CD  1 
ATOM   815  O  OE1 . GLU A 1 113 ? 7.625   15.227  -2.900  1.00 32.19  ? 730  GLU A OE1 1 
ATOM   816  O  OE2 . GLU A 1 113 ? 6.353   16.403  -1.521  1.00 33.56  ? 730  GLU A OE2 1 
ATOM   817  N  N   . PHE A 1 114 ? 1.883   14.687  -5.395  1.00 29.11  ? 731  PHE A N   1 
ATOM   818  C  CA  . PHE A 1 114 ? 1.076   15.073  -6.565  1.00 29.78  ? 731  PHE A CA  1 
ATOM   819  C  C   . PHE A 1 114 ? 0.370   16.351  -6.191  1.00 30.28  ? 731  PHE A C   1 
ATOM   820  O  O   . PHE A 1 114 ? 0.431   16.805  -5.027  1.00 29.55  ? 731  PHE A O   1 
ATOM   821  C  CB  . PHE A 1 114 ? 0.062   13.962  -6.897  1.00 29.75  ? 731  PHE A CB  1 
ATOM   822  C  CG  . PHE A 1 114 ? -0.540  13.335  -5.673  1.00 27.28  ? 731  PHE A CG  1 
ATOM   823  C  CD1 . PHE A 1 114 ? -1.681  13.893  -5.084  1.00 22.40  ? 731  PHE A CD1 1 
ATOM   824  C  CD2 . PHE A 1 114 ? 0.076   12.208  -5.076  1.00 26.53  ? 731  PHE A CD2 1 
ATOM   825  C  CE1 . PHE A 1 114 ? -2.238  13.303  -3.908  1.00 27.08  ? 731  PHE A CE1 1 
ATOM   826  C  CE2 . PHE A 1 114 ? -0.441  11.615  -3.894  1.00 25.93  ? 731  PHE A CE2 1 
ATOM   827  C  CZ  . PHE A 1 114 ? -1.600  12.165  -3.295  1.00 26.61  ? 731  PHE A CZ  1 
ATOM   828  N  N   . ASP A 1 115 ? -0.293  16.952  -7.161  1.00 31.44  ? 732  ASP A N   1 
ATOM   829  C  CA  . ASP A 1 115 ? -1.066  18.183  -6.903  1.00 33.50  ? 732  ASP A CA  1 
ATOM   830  C  C   . ASP A 1 115 ? -2.168  17.913  -5.913  1.00 33.10  ? 732  ASP A C   1 
ATOM   831  O  O   . ASP A 1 115 ? -2.770  16.831  -5.960  1.00 31.21  ? 732  ASP A O   1 
ATOM   832  C  CB  . ASP A 1 115 ? -1.709  18.729  -8.188  1.00 34.52  ? 732  ASP A CB  1 
ATOM   833  C  CG  . ASP A 1 115 ? -0.677  19.271  -9.160  1.00 37.39  ? 732  ASP A CG  1 
ATOM   834  O  OD1 . ASP A 1 115 ? -0.919  19.213  -10.383 1.00 40.19  ? 732  ASP A OD1 1 
ATOM   835  O  OD2 . ASP A 1 115 ? 0.415   19.725  -8.767  1.00 40.93  ? 732  ASP A OD2 1 
ATOM   836  N  N   . SER A 1 116 ? -2.415  18.916  -5.055  1.00 33.47  ? 733  SER A N   1 
ATOM   837  C  CA  . SER A 1 116 ? -3.515  18.898  -4.084  1.00 34.19  ? 733  SER A CA  1 
ATOM   838  C  C   . SER A 1 116 ? -4.810  18.475  -4.754  1.00 33.39  ? 733  SER A C   1 
ATOM   839  O  O   . SER A 1 116 ? -5.121  18.900  -5.887  1.00 33.87  ? 733  SER A O   1 
ATOM   840  C  CB  . SER A 1 116 ? -3.702  20.267  -3.447  1.00 34.77  ? 733  SER A CB  1 
ATOM   841  O  OG  . SER A 1 116 ? -2.596  20.607  -2.636  1.00 38.38  ? 733  SER A OG  1 
ATOM   842  N  N   . VAL A 1 117 ? -5.540  17.607  -4.067  1.00 32.21  ? 734  VAL A N   1 
ATOM   843  C  CA  . VAL A 1 117 ? -6.739  16.987  -4.593  1.00 30.60  ? 734  VAL A CA  1 
ATOM   844  C  C   . VAL A 1 117 ? -7.612  16.485  -3.412  1.00 31.19  ? 734  VAL A C   1 
ATOM   845  O  O   . VAL A 1 117 ? -7.109  15.943  -2.382  1.00 30.51  ? 734  VAL A O   1 
ATOM   846  C  CB  . VAL A 1 117 ? -6.385  15.850  -5.634  1.00 31.10  ? 734  VAL A CB  1 
ATOM   847  C  CG1 . VAL A 1 117 ? -5.640  14.664  -4.957  1.00 29.72  ? 734  VAL A CG1 1 
ATOM   848  C  CG2 . VAL A 1 117 ? -7.618  15.374  -6.382  1.00 26.69  ? 734  VAL A CG2 1 
ATOM   849  N  N   . ASP A 1 118 ? -8.911  16.708  -3.552  1.00 30.32  ? 735  ASP A N   1 
ATOM   850  C  CA  . ASP A 1 118 ? -9.864  16.220  -2.581  1.00 31.43  ? 735  ASP A CA  1 
ATOM   851  C  C   . ASP A 1 118 ? -10.001 14.697  -2.686  1.00 30.26  ? 735  ASP A C   1 
ATOM   852  O  O   . ASP A 1 118 ? -10.215 14.158  -3.780  1.00 30.95  ? 735  ASP A O   1 
ATOM   853  C  CB  . ASP A 1 118 ? -11.234 16.895  -2.772  1.00 32.19  ? 735  ASP A CB  1 
ATOM   854  C  CG  . ASP A 1 118 ? -11.265 18.361  -2.270  1.00 35.04  ? 735  ASP A CG  1 
ATOM   855  O  OD1 . ASP A 1 118 ? -10.305 18.815  -1.609  1.00 34.16  ? 735  ASP A OD1 1 
ATOM   856  O  OD2 . ASP A 1 118 ? -12.246 19.115  -2.487  1.00 37.65  ? 735  ASP A OD2 1 
ATOM   857  N  N   . ALA A 1 119 ? -9.902  14.030  -1.545  1.00 28.71  ? 736  ALA A N   1 
ATOM   858  C  CA  . ALA A 1 119 ? -10.077 12.578  -1.432  1.00 27.55  ? 736  ALA A CA  1 
ATOM   859  C  C   . ALA A 1 119 ? -10.750 12.161  -0.112  1.00 26.31  ? 736  ALA A C   1 
ATOM   860  O  O   . ALA A 1 119 ? -10.408 12.658  0.956   1.00 24.91  ? 736  ALA A O   1 
ATOM   861  C  CB  . ALA A 1 119 ? -8.697  11.854  -1.584  1.00 25.00  ? 736  ALA A CB  1 
ATOM   862  N  N   . LYS A 1 120 ? -11.690 11.231  -0.184  1.00 26.94  ? 737  LYS A N   1 
ATOM   863  C  CA  . LYS A 1 120 ? -12.029 10.469  1.010   1.00 28.90  ? 737  LYS A CA  1 
ATOM   864  C  C   . LYS A 1 120 ? -11.328 9.093   0.990   1.00 28.46  ? 737  LYS A C   1 
ATOM   865  O  O   . LYS A 1 120 ? -11.087 8.509   2.034   1.00 28.37  ? 737  LYS A O   1 
ATOM   866  C  CB  . LYS A 1 120 ? -13.551 10.289  1.182   1.00 29.93  ? 737  LYS A CB  1 
ATOM   867  C  CG  . LYS A 1 120 ? -13.903 9.626   2.532   1.00 32.45  ? 737  LYS A CG  1 
ATOM   868  C  CD  . LYS A 1 120 ? -15.379 9.275   2.630   1.00 37.66  ? 737  LYS A CD  1 
ATOM   869  C  CE  . LYS A 1 120 ? -16.061 10.207  3.615   1.00 43.20  ? 737  LYS A CE  1 
ATOM   870  N  NZ  . LYS A 1 120 ? -16.878 9.475   4.676   1.00 48.33  ? 737  LYS A NZ  1 
ATOM   871  N  N   . TYR A 1 121 ? -11.051 8.581   -0.216  1.00 28.42  ? 738  TYR A N   1 
ATOM   872  C  CA  . TYR A 1 121 ? -10.389 7.276   -0.410  1.00 26.99  ? 738  TYR A CA  1 
ATOM   873  C  C   . TYR A 1 121 ? -9.136  7.452   -1.241  1.00 26.64  ? 738  TYR A C   1 
ATOM   874  O  O   . TYR A 1 121 ? -9.109  8.247   -2.168  1.00 25.89  ? 738  TYR A O   1 
ATOM   875  C  CB  . TYR A 1 121 ? -11.306 6.264   -1.087  1.00 26.53  ? 738  TYR A CB  1 
ATOM   876  C  CG  . TYR A 1 121 ? -12.612 5.968   -0.357  1.00 27.19  ? 738  TYR A CG  1 
ATOM   877  C  CD1 . TYR A 1 121 ? -12.786 4.765   0.363   1.00 28.19  ? 738  TYR A CD1 1 
ATOM   878  C  CD2 . TYR A 1 121 ? -13.682 6.875   -0.407  1.00 25.86  ? 738  TYR A CD2 1 
ATOM   879  C  CE1 . TYR A 1 121 ? -13.998 4.491   1.025   1.00 29.57  ? 738  TYR A CE1 1 
ATOM   880  C  CE2 . TYR A 1 121 ? -14.894 6.614   0.248   1.00 27.74  ? 738  TYR A CE2 1 
ATOM   881  C  CZ  . TYR A 1 121 ? -15.040 5.435   0.954   1.00 31.18  ? 738  TYR A CZ  1 
ATOM   882  O  OH  . TYR A 1 121 ? -16.241 5.190   1.563   1.00 37.00  ? 738  TYR A OH  1 
ATOM   883  N  N   . VAL A 1 122 ? -8.090  6.720   -0.866  1.00 27.20  ? 739  VAL A N   1 
ATOM   884  C  CA  . VAL A 1 122 ? -6.811  6.764   -1.561  1.00 27.48  ? 739  VAL A CA  1 
ATOM   885  C  C   . VAL A 1 122 ? -6.370  5.337   -1.766  1.00 27.54  ? 739  VAL A C   1 
ATOM   886  O  O   . VAL A 1 122 ? -6.204  4.585   -0.819  1.00 28.55  ? 739  VAL A O   1 
ATOM   887  C  CB  . VAL A 1 122 ? -5.731  7.554   -0.785  1.00 27.43  ? 739  VAL A CB  1 
ATOM   888  C  CG1 . VAL A 1 122 ? -4.458  7.650   -1.622  1.00 26.06  ? 739  VAL A CG1 1 
ATOM   889  C  CG2 . VAL A 1 122 ? -6.248  8.961   -0.444  1.00 26.75  ? 739  VAL A CG2 1 
ATOM   890  N  N   . ARG A 1 123 ? -6.213  4.981   -3.029  1.00 27.23  ? 740  ARG A N   1 
ATOM   891  C  CA  . ARG A 1 123 ? -5.902  3.642   -3.424  1.00 26.12  ? 740  ARG A CA  1 
ATOM   892  C  C   . ARG A 1 123 ? -4.526  3.606   -4.020  1.00 25.38  ? 740  ARG A C   1 
ATOM   893  O  O   . ARG A 1 123 ? -4.192  4.373   -4.911  1.00 25.44  ? 740  ARG A O   1 
ATOM   894  C  CB  . ARG A 1 123 ? -6.897  3.170   -4.472  1.00 26.61  ? 740  ARG A CB  1 
ATOM   895  C  CG  . ARG A 1 123 ? -6.629  1.741   -4.951  1.00 26.30  ? 740  ARG A CG  1 
ATOM   896  C  CD  . ARG A 1 123 ? -7.703  1.268   -5.867  1.00 27.94  ? 740  ARG A CD  1 
ATOM   897  N  NE  . ARG A 1 123 ? -7.324  0.112   -6.636  1.00 30.92  ? 740  ARG A NE  1 
ATOM   898  C  CZ  . ARG A 1 123 ? -8.105  -0.962  -6.814  1.00 35.19  ? 740  ARG A CZ  1 
ATOM   899  N  NH1 . ARG A 1 123 ? -9.313  -1.029  -6.242  1.00 34.86  ? 740  ARG A NH1 1 
ATOM   900  N  NH2 . ARG A 1 123 ? -7.686  -1.971  -7.588  1.00 32.88  ? 740  ARG A NH2 1 
ATOM   901  N  N   . LEU A 1 124 ? -3.742  2.690   -3.502  1.00 24.65  ? 741  LEU A N   1 
ATOM   902  C  CA  . LEU A 1 124 ? -2.411  2.389   -3.996  1.00 24.53  ? 741  LEU A CA  1 
ATOM   903  C  C   . LEU A 1 124 ? -2.447  1.033   -4.739  1.00 24.11  ? 741  LEU A C   1 
ATOM   904  O  O   . LEU A 1 124 ? -2.627  -0.026  -4.109  1.00 23.63  ? 741  LEU A O   1 
ATOM   905  C  CB  . LEU A 1 124 ? -1.427  2.341   -2.811  1.00 23.39  ? 741  LEU A CB  1 
ATOM   906  C  CG  . LEU A 1 124 ? 0.078   2.105   -3.035  1.00 25.29  ? 741  LEU A CG  1 
ATOM   907  C  CD1 . LEU A 1 124 ? 0.682   3.149   -3.864  1.00 23.43  ? 741  LEU A CD1 1 
ATOM   908  C  CD2 . LEU A 1 124 ? 0.859   2.077   -1.634  1.00 26.44  ? 741  LEU A CD2 1 
ATOM   909  N  N   . ASP A 1 125 ? -2.357  1.084   -6.071  1.00 24.15  ? 742  ASP A N   1 
ATOM   910  C  CA  . ASP A 1 125 ? -2.229  -0.116  -6.883  1.00 24.38  ? 742  ASP A CA  1 
ATOM   911  C  C   . ASP A 1 125 ? -0.758  -0.436  -7.030  1.00 24.47  ? 742  ASP A C   1 
ATOM   912  O  O   . ASP A 1 125 ? 0.036   0.444   -7.337  1.00 24.67  ? 742  ASP A O   1 
ATOM   913  C  CB  . ASP A 1 125 ? -2.839  0.090   -8.249  1.00 23.69  ? 742  ASP A CB  1 
ATOM   914  C  CG  . ASP A 1 125 ? -4.334  -0.052  -8.229  1.00 25.47  ? 742  ASP A CG  1 
ATOM   915  O  OD1 . ASP A 1 125 ? -4.838  -1.215  -8.158  1.00 25.25  ? 742  ASP A OD1 1 
ATOM   916  O  OD2 . ASP A 1 125 ? -5.077  0.955   -8.296  1.00 22.35  ? 742  ASP A OD2 1 
ATOM   917  N  N   . VAL A 1 126 ? -0.389  -1.681  -6.769  1.00 24.55  ? 743  VAL A N   1 
ATOM   918  C  CA  . VAL A 1 126 ? 1.006   -2.093  -6.884  1.00 24.91  ? 743  VAL A CA  1 
ATOM   919  C  C   . VAL A 1 126 ? 1.247   -2.572  -8.317  1.00 25.24  ? 743  VAL A C   1 
ATOM   920  O  O   . VAL A 1 126 ? 0.713   -3.603  -8.716  1.00 26.84  ? 743  VAL A O   1 
ATOM   921  C  CB  . VAL A 1 126 ? 1.359   -3.211  -5.876  1.00 25.00  ? 743  VAL A CB  1 
ATOM   922  C  CG1 . VAL A 1 126 ? 2.864   -3.720  -6.052  1.00 24.39  ? 743  VAL A CG1 1 
ATOM   923  C  CG2 . VAL A 1 126 ? 1.093   -2.708  -4.411  1.00 23.90  ? 743  VAL A CG2 1 
ATOM   924  N  N   . THR A 1 127 ? 2.033   -1.846  -9.095  1.00 23.97  ? 744  THR A N   1 
ATOM   925  C  CA  . THR A 1 127 ? 2.266   -2.301  -10.452 1.00 23.33  ? 744  THR A CA  1 
ATOM   926  C  C   . THR A 1 127 ? 3.543   -3.176  -10.530 1.00 23.98  ? 744  THR A C   1 
ATOM   927  O  O   . THR A 1 127 ? 3.711   -3.979  -11.468 1.00 24.36  ? 744  THR A O   1 
ATOM   928  C  CB  . THR A 1 127 ? 2.378   -1.099  -11.461 1.00 23.37  ? 744  THR A CB  1 
ATOM   929  O  OG1 . THR A 1 127 ? 3.431   -0.233  -11.040 1.00 21.43  ? 744  THR A OG1 1 
ATOM   930  C  CG2 . THR A 1 127 ? 1.114   -0.188  -11.484 1.00 21.65  ? 744  THR A CG2 1 
ATOM   931  N  N   . ASP A 1 128 ? 4.454   -2.997  -9.571  1.00 23.03  ? 745  ASP A N   1 
ATOM   932  C  CA  . ASP A 1 128 ? 5.717   -3.730  -9.578  1.00 22.67  ? 745  ASP A CA  1 
ATOM   933  C  C   . ASP A 1 128 ? 6.148   -3.937  -8.140  1.00 22.90  ? 745  ASP A C   1 
ATOM   934  O  O   . ASP A 1 128 ? 5.916   -3.072  -7.285  1.00 22.79  ? 745  ASP A O   1 
ATOM   935  C  CB  . ASP A 1 128 ? 6.791   -2.949  -10.352 1.00 22.43  ? 745  ASP A CB  1 
ATOM   936  C  CG  . ASP A 1 128 ? 7.973   -3.813  -10.776 1.00 22.53  ? 745  ASP A CG  1 
ATOM   937  O  OD1 . ASP A 1 128 ? 7.928   -5.089  -10.691 1.00 20.39  ? 745  ASP A OD1 1 
ATOM   938  O  OD2 . ASP A 1 128 ? 8.997   -3.262  -11.239 1.00 19.26  ? 745  ASP A OD2 1 
ATOM   939  N  N   . SER A 1 129 ? 6.784   -5.071  -7.851  1.00 22.78  ? 746  SER A N   1 
ATOM   940  C  CA  . SER A 1 129 ? 7.189   -5.338  -6.458  1.00 22.27  ? 746  SER A CA  1 
ATOM   941  C  C   . SER A 1 129 ? 8.301   -6.362  -6.494  1.00 22.25  ? 746  SER A C   1 
ATOM   942  O  O   . SER A 1 129 ? 8.350   -7.130  -7.450  1.00 24.23  ? 746  SER A O   1 
ATOM   943  C  CB  . SER A 1 129 ? 6.014   -5.842  -5.615  1.00 21.02  ? 746  SER A CB  1 
ATOM   944  O  OG  . SER A 1 129 ? 5.792   -7.222  -5.841  1.00 21.85  ? 746  SER A OG  1 
ATOM   945  N  N   . VAL A 1 130 ? 9.197   -6.357  -5.500  1.00 21.23  ? 747  VAL A N   1 
ATOM   946  C  CA  . VAL A 1 130 ? 10.363  -7.240  -5.523  1.00 21.45  ? 747  VAL A CA  1 
ATOM   947  C  C   . VAL A 1 130 ? 10.326  -8.273  -4.392  1.00 23.14  ? 747  VAL A C   1 
ATOM   948  O  O   . VAL A 1 130 ? 9.351   -8.333  -3.588  1.00 23.18  ? 747  VAL A O   1 
ATOM   949  C  CB  . VAL A 1 130 ? 11.721  -6.437  -5.548  1.00 21.79  ? 747  VAL A CB  1 
ATOM   950  C  CG1 . VAL A 1 130 ? 11.836  -5.526  -6.829  1.00 18.74  ? 747  VAL A CG1 1 
ATOM   951  C  CG2 . VAL A 1 130 ? 11.894  -5.598  -4.281  1.00 18.21  ? 747  VAL A CG2 1 
ATOM   952  N  N   . SER A 1 131 ? 11.375  -9.087  -4.314  1.00 24.02  ? 748  SER A N   1 
ATOM   953  C  CA  . SER A 1 131 ? 11.377  -10.256 -3.415  1.00 24.88  ? 748  SER A CA  1 
ATOM   954  C  C   . SER A 1 131 ? 12.818  -10.765 -3.299  1.00 25.94  ? 748  SER A C   1 
ATOM   955  O  O   . SER A 1 131 ? 13.645  -10.423 -4.152  1.00 25.05  ? 748  SER A O   1 
ATOM   956  C  CB  . SER A 1 131 ? 10.474  -11.340 -4.012  1.00 25.19  ? 748  SER A CB  1 
ATOM   957  O  OG  . SER A 1 131 ? 10.723  -12.589 -3.431  1.00 26.92  ? 748  SER A OG  1 
ATOM   958  N  N   . ASP A 1 132 ? 13.116  -11.564 -2.255  1.00 26.37  ? 749  ASP A N   1 
ATOM   959  C  CA  . ASP A 1 132 ? 14.427  -12.133 -2.119  1.00 26.69  ? 749  ASP A CA  1 
ATOM   960  C  C   . ASP A 1 132 ? 14.475  -13.514 -2.775  1.00 27.68  ? 749  ASP A C   1 
ATOM   961  O  O   . ASP A 1 132 ? 15.534  -14.146 -2.799  1.00 27.00  ? 749  ASP A O   1 
ATOM   962  C  CB  . ASP A 1 132 ? 14.914  -12.156 -0.660  1.00 26.64  ? 749  ASP A CB  1 
ATOM   963  C  CG  . ASP A 1 132 ? 14.052  -13.003 0.229   1.00 27.04  ? 749  ASP A CG  1 
ATOM   964  O  OD1 . ASP A 1 132 ? 14.105  -12.733 1.446   1.00 23.45  ? 749  ASP A OD1 1 
ATOM   965  O  OD2 . ASP A 1 132 ? 13.330  -13.966 -0.175  1.00 26.68  ? 749  ASP A OD2 1 
ATOM   966  N  N   . GLN A 1 133 ? 13.330  -13.929 -3.326  1.00 28.10  ? 750  GLN A N   1 
ATOM   967  C  CA  . GLN A 1 133 ? 13.176  -15.167 -4.086  1.00 28.73  ? 750  GLN A CA  1 
ATOM   968  C  C   . GLN A 1 133 ? 13.395  -14.905 -5.576  1.00 30.37  ? 750  GLN A C   1 
ATOM   969  O  O   . GLN A 1 133 ? 12.912  -13.897 -6.153  1.00 30.48  ? 750  GLN A O   1 
ATOM   970  C  CB  . GLN A 1 133 ? 11.798  -15.750 -3.824  1.00 28.08  ? 750  GLN A CB  1 
ATOM   971  C  CG  . GLN A 1 133 ? 11.510  -15.936 -2.298  1.00 25.78  ? 750  GLN A CG  1 
ATOM   972  C  CD  . GLN A 1 133 ? 10.081  -16.300 -2.015  1.00 28.00  ? 750  GLN A CD  1 
ATOM   973  O  OE1 . GLN A 1 133 ? 9.302   -16.516 -2.969  1.00 30.32  ? 750  GLN A OE1 1 
ATOM   974  N  NE2 . GLN A 1 133 ? 9.706   -16.380 -0.720  1.00 20.84  ? 750  GLN A NE2 1 
ATOM   975  N  N   . ALA A 1 134 ? 14.132  -15.819 -6.206  1.00 31.49  ? 751  ALA A N   1 
ATOM   976  C  CA  . ALA A 1 134 ? 14.526  -15.682 -7.624  1.00 31.20  ? 751  ALA A CA  1 
ATOM   977  C  C   . ALA A 1 134 ? 13.328  -15.504 -8.596  1.00 30.63  ? 751  ALA A C   1 
ATOM   978  O  O   . ALA A 1 134 ? 13.387  -14.725 -9.581  1.00 30.56  ? 751  ALA A O   1 
ATOM   979  C  CB  . ALA A 1 134 ? 15.448  -16.882 -8.049  1.00 31.35  ? 751  ALA A CB  1 
ATOM   980  N  N   . ASN A 1 135 ? 12.224  -16.182 -8.315  1.00 28.70  ? 752  ASN A N   1 
ATOM   981  C  CA  . ASN A 1 135 ? 11.110  -16.059 -9.233  1.00 27.19  ? 752  ASN A CA  1 
ATOM   982  C  C   . ASN A 1 135 ? 9.957   -15.272 -8.632  1.00 27.36  ? 752  ASN A C   1 
ATOM   983  O  O   . ASN A 1 135 ? 8.796   -15.375 -9.078  1.00 28.39  ? 752  ASN A O   1 
ATOM   984  C  CB  . ASN A 1 135 ? 10.763  -17.450 -9.746  1.00 26.57  ? 752  ASN A CB  1 
ATOM   985  C  CG  . ASN A 1 135 ? 12.008  -18.150 -10.320 1.00 28.17  ? 752  ASN A CG  1 
ATOM   986  O  OD1 . ASN A 1 135 ? 12.658  -17.617 -11.243 1.00 30.26  ? 752  ASN A OD1 1 
ATOM   987  N  ND2 . ASN A 1 135 ? 12.421  -19.267 -9.703  1.00 26.03  ? 752  ASN A ND2 1 
ATOM   988  N  N   . GLY A 1 136 ? 10.273  -14.453 -7.625  1.00 26.21  ? 753  GLY A N   1 
ATOM   989  C  CA  . GLY A 1 136 ? 9.226   -13.783 -6.871  1.00 25.15  ? 753  GLY A CA  1 
ATOM   990  C  C   . GLY A 1 136 ? 8.797   -12.375 -7.264  1.00 24.18  ? 753  GLY A C   1 
ATOM   991  O  O   . GLY A 1 136 ? 7.962   -11.789 -6.579  1.00 24.74  ? 753  GLY A O   1 
ATOM   992  N  N   . ARG A 1 137 ? 9.334   -11.825 -8.354  1.00 23.56  ? 754  ARG A N   1 
ATOM   993  C  CA  . ARG A 1 137 ? 8.829   -10.555 -8.849  1.00 23.55  ? 754  ARG A CA  1 
ATOM   994  C  C   . ARG A 1 137 ? 7.300   -10.481 -8.932  1.00 23.09  ? 754  ARG A C   1 
ATOM   995  O  O   . ARG A 1 137 ? 6.642   -11.309 -9.595  1.00 22.80  ? 754  ARG A O   1 
ATOM   996  C  CB  . ARG A 1 137 ? 9.426   -10.180 -10.201 1.00 23.77  ? 754  ARG A CB  1 
ATOM   997  C  CG  . ARG A 1 137 ? 9.814   -8.712  -10.186 1.00 26.30  ? 754  ARG A CG  1 
ATOM   998  C  CD  . ARG A 1 137 ? 9.253   -7.791  -11.254 1.00 26.25  ? 754  ARG A CD  1 
ATOM   999  N  NE  . ARG A 1 137 ? 10.269  -7.709  -12.260 1.00 28.11  ? 754  ARG A NE  1 
ATOM   1000 C  CZ  . ARG A 1 137 ? 10.734  -6.629  -12.930 1.00 26.20  ? 754  ARG A CZ  1 
ATOM   1001 N  NH1 . ARG A 1 137 ? 11.722  -6.864  -13.794 1.00 23.18  ? 754  ARG A NH1 1 
ATOM   1002 N  NH2 . ARG A 1 137 ? 10.288  -5.387  -12.793 1.00 19.77  ? 754  ARG A NH2 1 
ATOM   1003 N  N   . GLY A 1 138 ? 6.737   -9.485  -8.257  1.00 22.37  ? 755  GLY A N   1 
ATOM   1004 C  CA  . GLY A 1 138 ? 5.332   -9.201  -8.416  1.00 21.55  ? 755  GLY A CA  1 
ATOM   1005 C  C   . GLY A 1 138 ? 4.413   -10.119 -7.647  1.00 21.81  ? 755  GLY A C   1 
ATOM   1006 O  O   . GLY A 1 138 ? 3.216   -9.855  -7.670  1.00 22.22  ? 755  GLY A O   1 
ATOM   1007 N  N   . LYS A 1 139 ? 4.924   -11.171 -6.979  1.00 21.82  ? 756  LYS A N   1 
ATOM   1008 C  CA  . LYS A 1 139 ? 4.061   -12.158 -6.298  1.00 22.86  ? 756  LYS A CA  1 
ATOM   1009 C  C   . LYS A 1 139 ? 3.497   -11.604 -5.006  1.00 22.70  ? 756  LYS A C   1 
ATOM   1010 O  O   . LYS A 1 139 ? 2.418   -12.024 -4.573  1.00 22.61  ? 756  LYS A O   1 
ATOM   1011 C  CB  . LYS A 1 139 ? 4.834   -13.416 -5.885  1.00 24.18  ? 756  LYS A CB  1 
ATOM   1012 C  CG  . LYS A 1 139 ? 4.991   -14.476 -6.912  1.00 28.11  ? 756  LYS A CG  1 
ATOM   1013 C  CD  . LYS A 1 139 ? 5.526   -15.778 -6.281  1.00 29.67  ? 756  LYS A CD  1 
ATOM   1014 C  CE  . LYS A 1 139 ? 5.792   -16.778 -7.427  1.00 34.50  ? 756  LYS A CE  1 
ATOM   1015 N  NZ  . LYS A 1 139 ? 6.945   -17.736 -7.122  1.00 40.27  ? 756  LYS A NZ  1 
ATOM   1016 N  N   . PHE A 1 140 ? 4.267   -10.708 -4.377  1.00 21.69  ? 757  PHE A N   1 
ATOM   1017 C  CA  . PHE A 1 140 ? 3.975   -10.236 -3.024  1.00 22.12  ? 757  PHE A CA  1 
ATOM   1018 C  C   . PHE A 1 140 ? 3.737   -8.748  -2.934  1.00 21.82  ? 757  PHE A C   1 
ATOM   1019 O  O   . PHE A 1 140 ? 4.208   -7.993  -3.780  1.00 21.19  ? 757  PHE A O   1 
ATOM   1020 C  CB  . PHE A 1 140 ? 5.102   -10.642 -2.050  1.00 20.80  ? 757  PHE A CB  1 
ATOM   1021 C  CG  . PHE A 1 140 ? 5.527   -12.084 -2.196  1.00 23.47  ? 757  PHE A CG  1 
ATOM   1022 C  CD1 . PHE A 1 140 ? 6.875   -12.414 -2.510  1.00 23.13  ? 757  PHE A CD1 1 
ATOM   1023 C  CD2 . PHE A 1 140 ? 4.587   -13.127 -2.030  1.00 23.90  ? 757  PHE A CD2 1 
ATOM   1024 C  CE1 . PHE A 1 140 ? 7.269   -13.760 -2.647  1.00 23.23  ? 757  PHE A CE1 1 
ATOM   1025 C  CE2 . PHE A 1 140 ? 4.977   -14.487 -2.180  1.00 21.65  ? 757  PHE A CE2 1 
ATOM   1026 C  CZ  . PHE A 1 140 ? 6.315   -14.796 -2.479  1.00 22.25  ? 757  PHE A CZ  1 
ATOM   1027 N  N   . ALA A 1 141 ? 2.991   -8.317  -1.903  1.00 22.00  ? 758  ALA A N   1 
ATOM   1028 C  CA  . ALA A 1 141 ? 2.934   -6.876  -1.625  1.00 21.53  ? 758  ALA A CA  1 
ATOM   1029 C  C   . ALA A 1 141 ? 2.950   -6.676  -0.130  1.00 21.66  ? 758  ALA A C   1 
ATOM   1030 O  O   . ALA A 1 141 ? 2.163   -7.300  0.603   1.00 23.37  ? 758  ALA A O   1 
ATOM   1031 C  CB  . ALA A 1 141 ? 1.757   -6.216  -2.287  1.00 21.21  ? 758  ALA A CB  1 
ATOM   1032 N  N   . THR A 1 142 ? 3.877   -5.859  0.358   1.00 20.42  ? 759  THR A N   1 
ATOM   1033 C  CA  . THR A 1 142 ? 3.906   -5.585  1.801   1.00 19.45  ? 759  THR A CA  1 
ATOM   1034 C  C   . THR A 1 142 ? 4.022   -4.050  2.045   1.00 19.76  ? 759  THR A C   1 
ATOM   1035 O  O   . THR A 1 142 ? 4.510   -3.294  1.179   1.00 18.35  ? 759  THR A O   1 
ATOM   1036 C  CB  . THR A 1 142 ? 5.113   -6.239  2.447   1.00 19.11  ? 759  THR A CB  1 
ATOM   1037 O  OG1 . THR A 1 142 ? 6.254   -5.915  1.623   1.00 16.55  ? 759  THR A OG1 1 
ATOM   1038 C  CG2 . THR A 1 142 ? 5.014   -7.781  2.492   1.00 17.24  ? 759  THR A CG2 1 
ATOM   1039 N  N   . ALA A 1 143 ? 3.637   -3.630  3.256   1.00 19.90  ? 760  ALA A N   1 
ATOM   1040 C  CA  . ALA A 1 143 ? 3.801   -2.249  3.687   1.00 20.43  ? 760  ALA A CA  1 
ATOM   1041 C  C   . ALA A 1 143 ? 3.795   -2.219  5.211   1.00 21.57  ? 760  ALA A C   1 
ATOM   1042 O  O   . ALA A 1 143 ? 2.793   -2.678  5.845   1.00 22.13  ? 760  ALA A O   1 
ATOM   1043 C  CB  . ALA A 1 143 ? 2.684   -1.427  3.129   1.00 20.42  ? 760  ALA A CB  1 
ATOM   1044 N  N   . ALA A 1 144 ? 4.901   -1.744  5.811   1.00 21.40  ? 761  ALA A N   1 
ATOM   1045 C  CA  . ALA A 1 144 ? 4.868   -1.402  7.247   1.00 22.68  ? 761  ALA A CA  1 
ATOM   1046 C  C   . ALA A 1 144 ? 3.814   -0.273  7.511   1.00 23.05  ? 761  ALA A C   1 
ATOM   1047 O  O   . ALA A 1 144 ? 3.124   -0.273  8.547   1.00 22.76  ? 761  ALA A O   1 
ATOM   1048 C  CB  . ALA A 1 144 ? 6.270   -1.005  7.797   1.00 21.55  ? 761  ALA A CB  1 
ATOM   1049 N  N   . GLU A 1 145 ? 3.666   0.649   6.557   1.00 22.97  ? 762  GLU A N   1 
ATOM   1050 C  CA  . GLU A 1 145 ? 2.746   1.778   6.735   1.00 24.04  ? 762  GLU A CA  1 
ATOM   1051 C  C   . GLU A 1 145 ? 2.487   2.500   5.413   1.00 23.90  ? 762  GLU A C   1 
ATOM   1052 O  O   . GLU A 1 145 ? 3.418   2.741   4.628   1.00 23.41  ? 762  GLU A O   1 
ATOM   1053 C  CB  . GLU A 1 145 ? 3.306   2.769   7.765   1.00 23.80  ? 762  GLU A CB  1 
ATOM   1054 C  CG  . GLU A 1 145 ? 2.345   3.884   8.114   1.00 27.80  ? 762  GLU A CG  1 
ATOM   1055 C  CD  . GLU A 1 145 ? 2.916   4.985   9.013   1.00 32.98  ? 762  GLU A CD  1 
ATOM   1056 O  OE1 . GLU A 1 145 ? 4.150   5.075   9.209   1.00 35.41  ? 762  GLU A OE1 1 
ATOM   1057 O  OE2 . GLU A 1 145 ? 2.105   5.775   9.551   1.00 38.28  ? 762  GLU A OE2 1 
ATOM   1058 N  N   . VAL A 1 146 ? 1.212   2.792   5.168   1.00 24.29  ? 763  VAL A N   1 
ATOM   1059 C  CA  . VAL A 1 146 ? 0.788   3.748   4.140   1.00 24.96  ? 763  VAL A CA  1 
ATOM   1060 C  C   . VAL A 1 146 ? -0.044  4.843   4.854   1.00 26.72  ? 763  VAL A C   1 
ATOM   1061 O  O   . VAL A 1 146 ? -0.941  4.548   5.700   1.00 25.25  ? 763  VAL A O   1 
ATOM   1062 C  CB  . VAL A 1 146 ? -0.006  3.086   2.968   1.00 25.32  ? 763  VAL A CB  1 
ATOM   1063 C  CG1 . VAL A 1 146 ? -0.419  4.145   1.905   1.00 25.87  ? 763  VAL A CG1 1 
ATOM   1064 C  CG2 . VAL A 1 146 ? 0.820   1.935   2.283   1.00 22.21  ? 763  VAL A CG2 1 
ATOM   1065 N  N   . ASN A 1 147 ? 0.286   6.106   4.546   1.00 27.11  ? 764  ASN A N   1 
ATOM   1066 C  CA  . ASN A 1 147 ? -0.376  7.221   5.179   1.00 28.11  ? 764  ASN A CA  1 
ATOM   1067 C  C   . ASN A 1 147 ? -0.507  8.381   4.203   1.00 28.49  ? 764  ASN A C   1 
ATOM   1068 O  O   . ASN A 1 147 ? 0.250   8.462   3.216   1.00 28.25  ? 764  ASN A O   1 
ATOM   1069 C  CB  . ASN A 1 147 ? 0.391   7.658   6.440   1.00 28.75  ? 764  ASN A CB  1 
ATOM   1070 C  CG  . ASN A 1 147 ? -0.530  8.329   7.453   1.00 33.43  ? 764  ASN A CG  1 
ATOM   1071 O  OD1 . ASN A 1 147 ? -1.754  8.421   7.246   1.00 33.84  ? 764  ASN A OD1 1 
ATOM   1072 N  ND2 . ASN A 1 147 ? 0.047   8.826   8.539   1.00 37.23  ? 764  ASN A ND2 1 
ATOM   1073 N  N   . VAL A 1 148 ? -1.446  9.281   4.469   1.00 28.16  ? 765  VAL A N   1 
ATOM   1074 C  CA  . VAL A 1 148 ? -1.683  10.400  3.568   1.00 29.16  ? 765  VAL A CA  1 
ATOM   1075 C  C   . VAL A 1 148 ? -1.570  11.726  4.297   1.00 30.69  ? 765  VAL A C   1 
ATOM   1076 O  O   . VAL A 1 148 ? -1.823  11.789  5.522   1.00 30.64  ? 765  VAL A O   1 
ATOM   1077 C  CB  . VAL A 1 148 ? -3.031  10.315  2.819   1.00 28.87  ? 765  VAL A CB  1 
ATOM   1078 C  CG1 . VAL A 1 148 ? -3.199  8.947   2.189   1.00 29.16  ? 765  VAL A CG1 1 
ATOM   1079 C  CG2 . VAL A 1 148 ? -4.178  10.628  3.719   1.00 27.96  ? 765  VAL A CG2 1 
ATOM   1080 N  N   . HIS A 1 149 ? -1.163  12.767  3.548   1.00 31.45  ? 766  HIS A N   1 
ATOM   1081 C  CA  . HIS A 1 149 ? -0.969  14.124  4.104   1.00 31.48  ? 766  HIS A CA  1 
ATOM   1082 C  C   . HIS A 1 149 ? -1.470  15.148  3.124   1.00 30.85  ? 766  HIS A C   1 
ATOM   1083 O  O   . HIS A 1 149 ? -1.619  14.845  1.946   1.00 29.41  ? 766  HIS A O   1 
ATOM   1084 C  CB  . HIS A 1 149 ? 0.510   14.384  4.461   1.00 32.12  ? 766  HIS A CB  1 
ATOM   1085 C  CG  . HIS A 1 149 ? 1.132   13.267  5.236   1.00 34.62  ? 766  HIS A CG  1 
ATOM   1086 N  ND1 . HIS A 1 149 ? 1.052   13.186  6.610   1.00 35.25  ? 766  HIS A ND1 1 
ATOM   1087 C  CD2 . HIS A 1 149 ? 1.756   12.132  4.827   1.00 36.61  ? 766  HIS A CD2 1 
ATOM   1088 C  CE1 . HIS A 1 149 ? 1.626   12.067  7.019   1.00 35.63  ? 766  HIS A CE1 1 
ATOM   1089 N  NE2 . HIS A 1 149 ? 2.075   11.417  5.960   1.00 38.38  ? 766  HIS A NE2 1 
ATOM   1090 N  N   . GLY A 1 150 ? -1.726  16.362  3.636   1.00 31.99  ? 767  GLY A N   1 
ATOM   1091 C  CA  . GLY A 1 150 ? -2.175  17.514  2.846   1.00 31.90  ? 767  GLY A CA  1 
ATOM   1092 C  C   . GLY A 1 150 ? -1.500  18.855  3.118   0.65 31.09  ? 767  GLY A C   1 
ATOM   1093 O  O   . GLY A 1 150 ? -0.778  18.985  4.098   0.65 30.83  ? 767  GLY A O   1 
HETATM 1094 C  C1  . NDG B 2 .   ? 13.601  -18.251 2.745   1.00 36.02  ? 1    NDG B C1  1 
HETATM 1095 C  C2  . NDG B 2 .   ? 13.164  -17.312 1.598   1.00 34.37  ? 1    NDG B C2  1 
HETATM 1096 C  C3  . NDG B 2 .   ? 12.251  -16.131 2.052   1.00 31.88  ? 1    NDG B C3  1 
HETATM 1097 C  C4  . NDG B 2 .   ? 11.110  -16.574 2.977   1.00 32.66  ? 1    NDG B C4  1 
HETATM 1098 C  C5  . NDG B 2 .   ? 11.629  -17.566 4.048   1.00 35.05  ? 1    NDG B C5  1 
HETATM 1099 C  C6  . NDG B 2 .   ? 10.449  -18.359 4.598   1.00 36.87  ? 1    NDG B C6  1 
HETATM 1100 C  C7  . NDG B 2 .   ? 14.665  -17.262 -0.281  1.00 32.31  ? 1    NDG B C7  1 
HETATM 1101 C  C8  . NDG B 2 .   ? 15.965  -16.803 -0.893  1.00 27.72  ? 1    NDG B C8  1 
HETATM 1102 O  O5  . NDG B 2 .   ? 12.503  -18.583 3.581   1.00 35.62  ? 1    NDG B O5  1 
HETATM 1103 O  O3  . NDG B 2 .   ? 11.612  -15.490 0.965   1.00 30.91  ? 1    NDG B O3  1 
HETATM 1104 O  O4  . NDG B 2 .   ? 10.460  -15.437 3.579   1.00 24.30  ? 1    NDG B O4  1 
HETATM 1105 O  O6  . NDG B 2 .   ? 10.671  -18.264 5.981   1.00 40.91  ? 1    NDG B O6  1 
HETATM 1106 O  O7  . NDG B 2 .   ? 13.889  -17.998 -0.887  1.00 32.75  ? 1    NDG B O7  1 
HETATM 1107 N  N2  . NDG B 2 .   ? 14.375  -16.855 0.945   1.00 32.50  ? 1    NDG B N2  1 
HETATM 1108 O  O1  . NDG B 2 .   ? 14.530  -17.584 3.585   1.00 42.97  ? 1    NDG B O1  1 
HETATM 1109 C  C1  . GAL B 2 .   ? 9.042   -15.555 3.644   1.00 23.36  ? 2    GAL B C1  1 
HETATM 1110 C  C2  . GAL B 2 .   ? 8.597   -14.396 4.560   1.00 23.83  ? 2    GAL B C2  1 
HETATM 1111 C  C3  . GAL B 2 .   ? 7.082   -14.202 4.535   1.00 21.26  ? 2    GAL B C3  1 
HETATM 1112 C  C4  . GAL B 2 .   ? 6.569   -14.153 3.083   1.00 22.23  ? 2    GAL B C4  1 
HETATM 1113 C  C5  . GAL B 2 .   ? 7.038   -15.436 2.346   1.00 22.31  ? 2    GAL B C5  1 
HETATM 1114 C  C6  . GAL B 2 .   ? 6.552   -15.535 0.910   1.00 23.45  ? 2    GAL B C6  1 
HETATM 1115 O  O2  . GAL B 2 .   ? 9.085   -14.556 5.891   1.00 26.53  ? 2    GAL B O2  1 
HETATM 1116 O  O3  . GAL B 2 .   ? 6.753   -13.026 5.256   1.00 21.61  ? 2    GAL B O3  1 
HETATM 1117 O  O4  . GAL B 2 .   ? 7.030   -12.971 2.447   1.00 21.67  ? 2    GAL B O4  1 
HETATM 1118 O  O5  . GAL B 2 .   ? 8.436   -15.541 2.356   1.00 22.13  ? 2    GAL B O5  1 
HETATM 1119 O  O6  . GAL B 2 .   ? 7.062   -16.714 0.320   1.00 22.08  ? 2    GAL B O6  1 
HETATM 1120 CA CA  . CA  C 3 .   ? 2.781   -1.057  10.991  1.00 23.59  ? 1770 CA  A CA  1 
HETATM 1121 O  O   . HOH D 4 .   ? -9.576  -12.844 -4.805  1.00 43.16  ? 2001 HOH A O   1 
HETATM 1122 O  O   . HOH D 4 .   ? -7.258  -13.840 -0.564  1.00 38.76  ? 2002 HOH A O   1 
HETATM 1123 O  O   . HOH D 4 .   ? -12.281 -9.548  5.023   1.00 40.92  ? 2003 HOH A O   1 
HETATM 1124 O  O   . HOH D 4 .   ? 6.747   -10.932 11.713  1.00 42.48  ? 2004 HOH A O   1 
HETATM 1125 O  O   . HOH D 4 .   ? 2.676   -11.028 14.217  1.00 32.62  ? 2005 HOH A O   1 
HETATM 1126 O  O   . HOH D 4 .   ? 3.433   -8.540  14.202  1.00 26.84  ? 2006 HOH A O   1 
HETATM 1127 O  O   . HOH D 4 .   ? 15.854  -6.950  4.648   1.00 36.23  ? 2007 HOH A O   1 
HETATM 1128 O  O   . HOH D 4 .   ? 16.966  -9.071  1.209   1.00 35.99  ? 2008 HOH A O   1 
HETATM 1129 O  O   . HOH D 4 .   ? -12.927 11.896  -7.246  1.00 35.62  ? 2009 HOH A O   1 
HETATM 1130 O  O   . HOH D 4 .   ? 8.625   1.939   -15.221 1.00 43.84  ? 2010 HOH A O   1 
HETATM 1131 O  O   . HOH D 4 .   ? 14.123  7.177   -2.707  0.50 14.34  ? 2011 HOH A O   1 
HETATM 1132 O  O   . HOH D 4 .   ? 10.395  8.191   -3.685  0.50 19.51  ? 2012 HOH A O   1 
HETATM 1133 O  O   . HOH D 4 .   ? 12.874  -5.485  -10.050 1.00 31.44  ? 2013 HOH A O   1 
HETATM 1134 O  O   . HOH D 4 .   ? 17.474  6.409   -4.007  1.00 50.50  ? 2014 HOH A O   1 
HETATM 1135 O  O   . HOH D 4 .   ? 18.587  4.081   -4.954  1.00 44.82  ? 2015 HOH A O   1 
HETATM 1136 O  O   . HOH D 4 .   ? -18.331 12.634  3.141   1.00 47.88  ? 2016 HOH A O   1 
HETATM 1137 O  O   . HOH D 4 .   ? 12.897  -7.986  -9.648  1.00 32.84  ? 2017 HOH A O   1 
HETATM 1138 O  O   . HOH D 4 .   ? 17.696  -10.717 -2.098  1.00 42.51  ? 2018 HOH A O   1 
HETATM 1139 O  O   . HOH D 4 .   ? -9.491  -8.051  10.540  0.50 11.08  ? 2019 HOH A O   1 
HETATM 1140 O  O   . HOH D 4 .   ? -17.771 14.488  -0.712  1.00 34.26  ? 2020 HOH A O   1 
HETATM 1141 O  O   . HOH D 4 .   ? -3.227  15.249  10.332  1.00 48.64  ? 2021 HOH A O   1 
HETATM 1142 O  O   . HOH D 4 .   ? -11.178 6.405   12.795  1.00 58.02  ? 2022 HOH A O   1 
HETATM 1143 O  O   . HOH D 4 .   ? -4.544  7.454   13.940  1.00 47.85  ? 2023 HOH A O   1 
HETATM 1144 O  O   . HOH D 4 .   ? -6.142  4.079   11.728  1.00 27.36  ? 2024 HOH A O   1 
HETATM 1145 O  O   . HOH D 4 .   ? -15.155 -1.071  3.427   1.00 35.76  ? 2025 HOH A O   1 
HETATM 1146 O  O   . HOH D 4 .   ? -13.461 -5.204  5.440   1.00 35.65  ? 2026 HOH A O   1 
HETATM 1147 O  O   . HOH D 4 .   ? -7.679  -0.689  9.027   1.00 38.32  ? 2027 HOH A O   1 
HETATM 1148 O  O   . HOH D 4 .   ? -9.025  -4.320  6.777   1.00 24.22  ? 2028 HOH A O   1 
HETATM 1149 O  O   . HOH D 4 .   ? -10.360 -2.443  -1.889  1.00 48.07  ? 2029 HOH A O   1 
HETATM 1150 O  O   . HOH D 4 .   ? -10.809 0.978   2.491   1.00 29.52  ? 2030 HOH A O   1 
HETATM 1151 O  O   . HOH D 4 .   ? -9.008  -6.409  3.251   1.00 26.10  ? 2031 HOH A O   1 
HETATM 1152 O  O   . HOH D 4 .   ? -8.302  -8.354  2.066   1.00 33.47  ? 2032 HOH A O   1 
HETATM 1153 O  O   . HOH D 4 .   ? -10.442 -6.770  -0.774  1.00 41.78  ? 2033 HOH A O   1 
HETATM 1154 O  O   . HOH D 4 .   ? -8.554  -11.882 -1.932  1.00 30.79  ? 2034 HOH A O   1 
HETATM 1155 O  O   . HOH D 4 .   ? -3.070  -9.365  -3.066  1.00 17.98  ? 2035 HOH A O   1 
HETATM 1156 O  O   . HOH D 4 .   ? -7.031  -12.435 1.767   1.00 25.57  ? 2036 HOH A O   1 
HETATM 1157 O  O   . HOH D 4 .   ? -6.731  -13.957 4.597   1.00 34.23  ? 2037 HOH A O   1 
HETATM 1158 O  O   . HOH D 4 .   ? -10.276 -8.586  6.494   1.00 29.51  ? 2038 HOH A O   1 
HETATM 1159 O  O   . HOH D 4 .   ? -8.134  -12.319 6.477   1.00 33.08  ? 2039 HOH A O   1 
HETATM 1160 O  O   . HOH D 4 .   ? -7.295  -5.898  7.803   1.00 18.61  ? 2040 HOH A O   1 
HETATM 1161 O  O   . HOH D 4 .   ? -7.986  -9.384  9.872   0.50 19.69  ? 2041 HOH A O   1 
HETATM 1162 O  O   . HOH D 4 .   ? -3.780  -14.840 13.247  0.50 54.47  ? 2042 HOH A O   1 
HETATM 1163 O  O   . HOH D 4 .   ? -4.558  -15.585 5.290   1.00 31.59  ? 2043 HOH A O   1 
HETATM 1164 O  O   . HOH D 4 .   ? -0.043  -16.772 12.390  1.00 49.68  ? 2044 HOH A O   1 
HETATM 1165 O  O   . HOH D 4 .   ? -4.670  -20.879 9.626   1.00 42.53  ? 2045 HOH A O   1 
HETATM 1166 O  O   . HOH D 4 .   ? 4.742   -17.058 11.463  1.00 41.13  ? 2046 HOH A O   1 
HETATM 1167 O  O   . HOH D 4 .   ? 7.788   -13.592 8.298   1.00 31.78  ? 2047 HOH A O   1 
HETATM 1168 O  O   . HOH D 4 .   ? 4.598   -11.077 10.516  1.00 35.77  ? 2048 HOH A O   1 
HETATM 1169 O  O   . HOH D 4 .   ? 3.076   -12.987 12.612  1.00 27.29  ? 2049 HOH A O   1 
HETATM 1170 O  O   . HOH D 4 .   ? 0.189   -11.370 15.893  1.00 31.60  ? 2050 HOH A O   1 
HETATM 1171 O  O   . HOH D 4 .   ? 3.029   -8.618  10.018  1.00 20.61  ? 2051 HOH A O   1 
HETATM 1172 O  O   . HOH D 4 .   ? -7.993  -5.837  10.591  1.00 27.90  ? 2052 HOH A O   1 
HETATM 1173 O  O   . HOH D 4 .   ? -4.255  -3.362  13.022  0.50 19.94  ? 2053 HOH A O   1 
HETATM 1174 O  O   . HOH D 4 .   ? -4.501  1.780   12.814  0.50 103.19 ? 2054 HOH A O   1 
HETATM 1175 O  O   . HOH D 4 .   ? -2.710  -0.664  12.877  1.00 24.84  ? 2055 HOH A O   1 
HETATM 1176 O  O   . HOH D 4 .   ? 6.404   5.755   12.699  1.00 41.07  ? 2056 HOH A O   1 
HETATM 1177 O  O   . HOH D 4 .   ? 8.041   -0.890  17.410  1.00 44.97  ? 2057 HOH A O   1 
HETATM 1178 O  O   . HOH D 4 .   ? 1.950   -2.389  17.040  1.00 21.11  ? 2058 HOH A O   1 
HETATM 1179 O  O   . HOH D 4 .   ? 5.885   -4.320  17.393  1.00 49.22  ? 2059 HOH A O   1 
HETATM 1180 O  O   . HOH D 4 .   ? 8.248   -4.081  9.060   1.00 26.90  ? 2060 HOH A O   1 
HETATM 1181 O  O   . HOH D 4 .   ? 7.683   -8.072  12.190  1.00 27.09  ? 2061 HOH A O   1 
HETATM 1182 O  O   . HOH D 4 .   ? 10.431  -1.338  15.123  1.00 39.16  ? 2062 HOH A O   1 
HETATM 1183 O  O   . HOH D 4 .   ? 4.319   -7.989  11.901  1.00 45.03  ? 2063 HOH A O   1 
HETATM 1184 O  O   . HOH D 4 .   ? 11.167  -5.507  11.696  1.00 33.76  ? 2064 HOH A O   1 
HETATM 1185 O  O   . HOH D 4 .   ? 0.795   -2.913  14.698  1.00 28.72  ? 2065 HOH A O   1 
HETATM 1186 O  O   . HOH D 4 .   ? 1.032   -12.795 -2.063  1.00 15.11  ? 2066 HOH A O   1 
HETATM 1187 O  O   . HOH D 4 .   ? -5.528  -20.113 4.049   1.00 45.78  ? 2067 HOH A O   1 
HETATM 1188 O  O   . HOH D 4 .   ? 2.886   -17.168 -2.270  1.00 20.71  ? 2068 HOH A O   1 
HETATM 1189 O  O   . HOH D 4 .   ? -1.045  -20.872 -3.625  1.00 37.75  ? 2069 HOH A O   1 
HETATM 1190 O  O   . HOH D 4 .   ? -8.204  -10.116 -8.201  1.00 47.41  ? 2070 HOH A O   1 
HETATM 1191 O  O   . HOH D 4 .   ? 1.137   -19.782 -4.630  1.00 27.99  ? 2071 HOH A O   1 
HETATM 1192 O  O   . HOH D 4 .   ? -3.283  -15.498 -7.650  1.00 31.18  ? 2072 HOH A O   1 
HETATM 1193 O  O   . HOH D 4 .   ? 2.558   -12.834 -9.695  1.00 30.43  ? 2073 HOH A O   1 
HETATM 1194 O  O   . HOH D 4 .   ? -2.619  -14.040 -9.083  1.00 39.22  ? 2074 HOH A O   1 
HETATM 1195 O  O   . HOH D 4 .   ? -3.399  -3.499  -8.461  1.00 26.67  ? 2075 HOH A O   1 
HETATM 1196 O  O   . HOH D 4 .   ? -7.842  -2.195  -2.363  0.50 13.82  ? 2076 HOH A O   1 
HETATM 1197 O  O   . HOH D 4 .   ? -10.557 0.065   -3.741  1.00 28.89  ? 2077 HOH A O   1 
HETATM 1198 O  O   . HOH D 4 .   ? -13.153 0.992   3.452   1.00 32.52  ? 2078 HOH A O   1 
HETATM 1199 O  O   . HOH D 4 .   ? -16.052 9.918   10.074  1.00 39.69  ? 2079 HOH A O   1 
HETATM 1200 O  O   . HOH D 4 .   ? -16.096 17.762  4.976   1.00 39.27  ? 2080 HOH A O   1 
HETATM 1201 O  O   . HOH D 4 .   ? -14.081 18.631  4.027   1.00 38.56  ? 2081 HOH A O   1 
HETATM 1202 O  O   . HOH D 4 .   ? -5.044  17.738  4.768   1.00 47.03  ? 2082 HOH A O   1 
HETATM 1203 O  O   . HOH D 4 .   ? -9.428  21.646  -2.430  1.00 49.59  ? 2083 HOH A O   1 
HETATM 1204 O  O   . HOH D 4 .   ? 1.587   17.356  2.641   1.00 42.85  ? 2084 HOH A O   1 
HETATM 1205 O  O   . HOH D 4 .   ? 2.814   17.450  -3.386  1.00 43.66  ? 2085 HOH A O   1 
HETATM 1206 O  O   . HOH D 4 .   ? 8.438   5.988   10.089  1.00 38.12  ? 2086 HOH A O   1 
HETATM 1207 O  O   . HOH D 4 .   ? 10.717  -4.316  2.307   1.00 17.83  ? 2087 HOH A O   1 
HETATM 1208 O  O   . HOH D 4 .   ? 13.288  -4.559  4.403   1.00 27.07  ? 2088 HOH A O   1 
HETATM 1209 O  O   . HOH D 4 .   ? 12.946  0.432   10.941  1.00 26.99  ? 2089 HOH A O   1 
HETATM 1210 O  O   . HOH D 4 .   ? 13.741  -5.802  11.091  1.00 43.28  ? 2090 HOH A O   1 
HETATM 1211 O  O   . HOH D 4 .   ? 8.482   -11.166 10.219  1.00 39.41  ? 2091 HOH A O   1 
HETATM 1212 O  O   . HOH D 4 .   ? 15.552  -9.026  9.317   1.00 47.93  ? 2092 HOH A O   1 
HETATM 1213 O  O   . HOH D 4 .   ? 12.189  -12.006 8.364   1.00 37.65  ? 2093 HOH A O   1 
HETATM 1214 O  O   . HOH D 4 .   ? 9.034   -6.360  10.315  1.00 29.38  ? 2094 HOH A O   1 
HETATM 1215 O  O   . HOH D 4 .   ? 15.027  -10.995 5.499   1.00 44.37  ? 2095 HOH A O   1 
HETATM 1216 O  O   . HOH D 4 .   ? 12.015  -12.896 3.270   1.00 22.67  ? 2096 HOH A O   1 
HETATM 1217 O  O   . HOH D 4 .   ? 18.142  -6.317  -2.237  1.00 38.26  ? 2097 HOH A O   1 
HETATM 1218 O  O   . HOH D 4 .   ? 14.624  -9.984  2.289   1.00 25.27  ? 2098 HOH A O   1 
HETATM 1219 O  O   . HOH D 4 .   ? 17.629  -5.050  1.259   1.00 21.13  ? 2099 HOH A O   1 
HETATM 1220 O  O   . HOH D 4 .   ? 10.303  0.829   -2.294  1.00 17.62  ? 2100 HOH A O   1 
HETATM 1221 O  O   . HOH D 4 .   ? -2.527  -1.211  -11.739 1.00 41.14  ? 2101 HOH A O   1 
HETATM 1222 O  O   . HOH D 4 .   ? -4.528  3.563   -7.891  1.00 22.25  ? 2102 HOH A O   1 
HETATM 1223 O  O   . HOH D 4 .   ? -7.564  4.783   -11.618 1.00 49.03  ? 2103 HOH A O   1 
HETATM 1224 O  O   . HOH D 4 .   ? -15.611 9.770   -6.590  1.00 44.07  ? 2104 HOH A O   1 
HETATM 1225 O  O   . HOH D 4 .   ? -21.718 4.792   -5.674  1.00 52.52  ? 2105 HOH A O   1 
HETATM 1226 O  O   . HOH D 4 .   ? -12.613 1.337   -1.822  1.00 38.02  ? 2106 HOH A O   1 
HETATM 1227 O  O   . HOH D 4 .   ? -12.862 10.065  -8.856  1.00 37.19  ? 2107 HOH A O   1 
HETATM 1228 O  O   . HOH D 4 .   ? -8.272  8.071   -14.065 1.00 30.33  ? 2108 HOH A O   1 
HETATM 1229 O  O   . HOH D 4 .   ? -1.355  10.204  -13.303 1.00 51.19  ? 2109 HOH A O   1 
HETATM 1230 O  O   . HOH D 4 .   ? -2.066  14.695  -10.059 1.00 37.35  ? 2110 HOH A O   1 
HETATM 1231 O  O   . HOH D 4 .   ? 8.313   10.739  -9.544  1.00 37.63  ? 2111 HOH A O   1 
HETATM 1232 O  O   . HOH D 4 .   ? 1.755   10.341  -12.986 1.00 29.81  ? 2112 HOH A O   1 
HETATM 1233 O  O   . HOH D 4 .   ? 4.112   9.165   -14.271 1.00 40.02  ? 2113 HOH A O   1 
HETATM 1234 O  O   . HOH D 4 .   ? 5.744   2.635   -13.240 1.00 34.71  ? 2114 HOH A O   1 
HETATM 1235 O  O   . HOH D 4 .   ? 7.835   8.117   -7.863  1.00 32.07  ? 2115 HOH A O   1 
HETATM 1236 O  O   . HOH D 4 .   ? 8.881   7.839   -11.045 1.00 36.61  ? 2116 HOH A O   1 
HETATM 1237 O  O   . HOH D 4 .   ? 12.813  0.477   -8.622  1.00 30.84  ? 2117 HOH A O   1 
HETATM 1238 O  O   . HOH D 4 .   ? 12.258  5.798   -4.240  1.00 22.97  ? 2118 HOH A O   1 
HETATM 1239 O  O   . HOH D 4 .   ? 16.452  0.672   -6.995  1.00 38.50  ? 2119 HOH A O   1 
HETATM 1240 O  O   . HOH D 4 .   ? 15.565  -4.249  -8.355  1.00 36.64  ? 2120 HOH A O   1 
HETATM 1241 O  O   . HOH D 4 .   ? 18.874  2.071   -3.415  1.00 24.91  ? 2121 HOH A O   1 
HETATM 1242 O  O   . HOH D 4 .   ? 15.775  5.693   -1.966  0.50 18.74  ? 2122 HOH A O   1 
HETATM 1243 O  O   . HOH D 4 .   ? 19.251  3.491   0.728   1.00 35.94  ? 2123 HOH A O   1 
HETATM 1244 O  O   . HOH D 4 .   ? 17.257  -1.428  2.056   1.00 33.52  ? 2124 HOH A O   1 
HETATM 1245 O  O   . HOH D 4 .   ? 10.743  9.075   -1.631  0.50 3.78   ? 2125 HOH A O   1 
HETATM 1246 O  O   . HOH D 4 .   ? 8.457   9.031   -5.079  1.00 40.02  ? 2126 HOH A O   1 
HETATM 1247 O  O   . HOH D 4 .   ? 11.046  15.901  -2.988  1.00 41.16  ? 2127 HOH A O   1 
HETATM 1248 O  O   . HOH D 4 .   ? 3.941   17.416  -1.331  1.00 34.61  ? 2128 HOH A O   1 
HETATM 1249 O  O   . HOH D 4 .   ? 6.704   11.803  -5.838  1.00 27.54  ? 2129 HOH A O   1 
HETATM 1250 O  O   . HOH D 4 .   ? 8.311   13.097  -3.951  1.00 31.90  ? 2130 HOH A O   1 
HETATM 1251 O  O   . HOH D 4 .   ? 1.799   19.336  -4.503  1.00 38.74  ? 2131 HOH A O   1 
HETATM 1252 O  O   . HOH D 4 .   ? -3.668  15.693  -8.064  1.00 32.98  ? 2132 HOH A O   1 
HETATM 1253 O  O   . HOH D 4 .   ? 0.415   18.152  -12.381 1.00 43.43  ? 2133 HOH A O   1 
HETATM 1254 O  O   . HOH D 4 .   ? 0.342   16.146  -9.683  1.00 37.61  ? 2134 HOH A O   1 
HETATM 1255 O  O   . HOH D 4 .   ? -1.135  21.611  -5.797  1.00 50.82  ? 2135 HOH A O   1 
HETATM 1256 O  O   . HOH D 4 .   ? -7.159  18.783  -7.595  1.00 36.54  ? 2136 HOH A O   1 
HETATM 1257 O  O   . HOH D 4 .   ? -4.031  21.455  -7.111  1.00 32.05  ? 2137 HOH A O   1 
HETATM 1258 O  O   . HOH D 4 .   ? -10.205 18.225  -5.674  1.00 42.34  ? 2138 HOH A O   1 
HETATM 1259 O  O   . HOH D 4 .   ? -11.493 13.965  -6.296  1.00 36.96  ? 2139 HOH A O   1 
HETATM 1260 O  O   . HOH D 4 .   ? -17.423 12.515  5.429   1.00 40.30  ? 2140 HOH A O   1 
HETATM 1261 O  O   . HOH D 4 .   ? -19.891 9.039   3.047   1.00 39.82  ? 2141 HOH A O   1 
HETATM 1262 O  O   . HOH D 4 .   ? -18.363 6.923   1.002   1.00 51.19  ? 2142 HOH A O   1 
HETATM 1263 O  O   . HOH D 4 .   ? -6.828  0.723   -10.404 1.00 39.64  ? 2143 HOH A O   1 
HETATM 1264 O  O   . HOH D 4 .   ? -0.024  -6.064  -8.646  1.00 19.54  ? 2144 HOH A O   1 
HETATM 1265 O  O   . HOH D 4 .   ? 3.523   2.124   -12.428 1.00 31.34  ? 2145 HOH A O   1 
HETATM 1266 O  O   . HOH D 4 .   ? 5.363   -0.937  -12.942 1.00 47.87  ? 2146 HOH A O   1 
HETATM 1267 O  O   . HOH D 4 .   ? 3.589   -6.602  -11.000 1.00 21.74  ? 2147 HOH A O   1 
HETATM 1268 O  O   . HOH D 4 .   ? 6.084   -7.191  -11.137 1.00 13.38  ? 2148 HOH A O   1 
HETATM 1269 O  O   . HOH D 4 .   ? 11.000  -3.654  -9.515  1.00 21.21  ? 2149 HOH A O   1 
HETATM 1270 O  O   . HOH D 4 .   ? 9.336   -0.525  -11.251 1.00 30.08  ? 2150 HOH A O   1 
HETATM 1271 O  O   . HOH D 4 .   ? 15.182  -8.891  -6.077  1.00 50.72  ? 2151 HOH A O   1 
HETATM 1272 O  O   . HOH D 4 .   ? 12.729  -9.285  -7.323  1.00 31.31  ? 2152 HOH A O   1 
HETATM 1273 O  O   . HOH D 4 .   ? 17.772  -13.892 -1.692  1.00 46.00  ? 2153 HOH A O   1 
HETATM 1274 O  O   . HOH D 4 .   ? 17.005  -13.641 -6.001  1.00 45.95  ? 2154 HOH A O   1 
HETATM 1275 O  O   . HOH D 4 .   ? 7.127   -18.214 -3.294  1.00 35.78  ? 2155 HOH A O   1 
HETATM 1276 O  O   . HOH D 4 .   ? 13.001  -11.998 -7.786  1.00 36.08  ? 2156 HOH A O   1 
HETATM 1277 O  O   . HOH D 4 .   ? 11.659  -12.471 -10.145 1.00 28.81  ? 2157 HOH A O   1 
HETATM 1278 O  O   . HOH D 4 .   ? 11.828  -18.012 -6.500  1.00 35.81  ? 2158 HOH A O   1 
HETATM 1279 O  O   . HOH D 4 .   ? 14.173  -21.075 -7.741  1.00 43.70  ? 2159 HOH A O   1 
HETATM 1280 O  O   . HOH D 4 .   ? 6.932   -9.773  -4.920  1.00 18.33  ? 2160 HOH A O   1 
HETATM 1281 O  O   . HOH D 4 .   ? 12.249  -3.371  -14.742 1.00 44.85  ? 2161 HOH A O   1 
HETATM 1282 O  O   . HOH D 4 .   ? 2.056   -7.723  -9.175  1.00 26.79  ? 2162 HOH A O   1 
HETATM 1283 O  O   . HOH D 4 .   ? 9.352   -16.958 -5.902  1.00 20.85  ? 2163 HOH A O   1 
HETATM 1284 O  O   . HOH D 4 .   ? 7.871   -3.705  1.821   1.00 17.51  ? 2164 HOH A O   1 
HETATM 1285 O  O   . HOH D 4 .   ? -2.888  4.833   7.676   1.00 27.36  ? 2165 HOH A O   1 
HETATM 1286 O  O   . HOH D 4 .   ? -4.063  8.742   7.314   1.00 43.96  ? 2166 HOH A O   1 
HETATM 1287 O  O   . HOH D 4 .   ? -2.639  16.620  7.142   1.00 56.67  ? 2167 HOH A O   1 
HETATM 1288 O  O   . HOH D 4 .   ? 15.460  -19.390 5.684   1.00 48.24  ? 2168 HOH A O   1 
HETATM 1289 O  O   . HOH D 4 .   ? 11.300  -21.468 3.147   1.00 41.52  ? 2169 HOH A O   1 
HETATM 1290 O  O   . HOH D 4 .   ? 15.677  -14.919 2.630   1.00 32.25  ? 2170 HOH A O   1 
HETATM 1291 O  O   . HOH D 4 .   ? 15.614  -15.412 5.356   1.00 37.47  ? 2171 HOH A O   1 
HETATM 1292 O  O   . HOH D 4 .   ? 7.483   -17.888 7.684   1.00 33.95  ? 2172 HOH A O   1 
HETATM 1293 O  O   . HOH D 4 .   ? 10.087  -20.499 7.824   1.00 54.53  ? 2173 HOH A O   1 
HETATM 1294 O  O   . HOH D 4 .   ? 8.137   -18.763 2.102   1.00 45.67  ? 2174 HOH A O   1 
HETATM 1295 O  O   . HOH D 4 .   ? 11.495  -13.770 6.749   1.00 30.47  ? 2175 HOH A O   1 
HETATM 1296 O  O   . HOH D 4 .   ? 5.251   -17.878 -1.371  1.00 29.80  ? 2176 HOH A O   1 
# 
